data_1J11
#
_entry.id   1J11
#
_cell.length_a   177.900
_cell.length_b   112.900
_cell.length_c   146.200
_cell.angle_alpha   90.00
_cell.angle_beta   105.80
_cell.angle_gamma   90.00
#
_symmetry.space_group_name_H-M   'C 1 2 1'
#
loop_
_entity.id
_entity.type
_entity.pdbx_description
1 polymer Beta-amylase
2 non-polymer '(2R)-oxiran-2-ylmethyl alpha-D-glucopyranoside'
3 non-polymer 'CALCIUM ION'
4 water water
#
_entity_poly.entity_id   1
_entity_poly.type   'polypeptide(L)'
_entity_poly.pdbx_seq_one_letter_code
;AVNGKGMNPDYKAYLMAPLKKIPEVTNWETFENDLRWAKQNGFYAITVDFWWGDMEKNGDQQFDFSYAQRFAQSVKNAGM
KMIPIISTHQCGGNVGDDCNVPIPSWVWNQKSDDSLYFKSETGTVNKETLNPLASDVIRKEYGELYTAFAAAMKPYKDVI
AKIYLSGGPAGELRYPSYTTSDGTGYPSRGKFQAYTEFAKSKFRLWVLNKYGSLNEVNKAWGTKLISELAILPPSDGEQF
LMNGYLSMYGKDYLEWYQGILENHTKLIGELAHNAFDTTFQVPIGAKIAGVHWQYNNPTIPHGAEKPAGYNDYSHLLDAF
KSAKLDVTFTCLEMTDKGSYPEYSMPKTLVQNIATLANEKGIVLNGENALSIGNEEEYKRVAEMAFNYNFAGFTLLRYQD
VMYNNSLMGKFKDLLGVTPVMQTIVVKNVPTTIGDTVYITGNRAELGSWDTKQYPIQLYYDSHSNDWRGNVVLPAERNIE
FKAFIKSKDGTVKSWQTIQQSWNPVPLKTTSHTSSW
;
_entity_poly.pdbx_strand_id   A,B,C,D
#
loop_
_chem_comp.id
_chem_comp.type
_chem_comp.name
_chem_comp.formula
CA non-polymer 'CALCIUM ION' 'Ca 2'
EPG D-saccharide '(2R)-oxiran-2-ylmethyl alpha-D-glucopyranoside' 'C9 H16 O7'
#
# COMPACT_ATOMS: atom_id res chain seq x y z
N ALA A 1 18.79 17.98 19.06
CA ALA A 1 18.25 19.37 19.07
C ALA A 1 19.27 20.30 18.43
N VAL A 2 18.85 21.55 18.19
CA VAL A 2 19.73 22.54 17.57
C VAL A 2 21.00 22.73 18.39
N ASN A 3 22.11 22.96 17.69
CA ASN A 3 23.40 23.15 18.35
C ASN A 3 23.86 21.95 19.18
N GLY A 4 23.87 20.79 18.52
CA GLY A 4 24.32 19.53 19.11
C GLY A 4 23.84 19.06 20.47
N LYS A 5 22.71 19.55 20.96
CA LYS A 5 22.23 19.12 22.26
C LYS A 5 20.95 18.29 22.13
N GLY A 6 20.47 17.76 23.26
CA GLY A 6 19.25 16.97 23.27
C GLY A 6 18.02 17.72 23.75
N MET A 7 17.02 16.97 24.23
CA MET A 7 15.78 17.58 24.72
C MET A 7 15.99 18.24 26.09
N ASN A 8 15.06 19.11 26.47
CA ASN A 8 15.13 19.82 27.73
C ASN A 8 14.85 18.87 28.88
N PRO A 9 15.82 18.72 29.80
CA PRO A 9 15.67 17.82 30.95
C PRO A 9 14.51 18.20 31.89
N ASP A 10 13.99 19.42 31.75
CA ASP A 10 12.90 19.86 32.60
C ASP A 10 11.55 19.76 31.90
N TYR A 11 11.54 19.23 30.69
CA TYR A 11 10.30 19.10 29.93
C TYR A 11 9.16 18.46 30.72
N LYS A 12 7.98 19.07 30.65
CA LYS A 12 6.78 18.60 31.32
C LYS A 12 5.61 18.80 30.38
N ALA A 13 4.58 17.98 30.54
CA ALA A 13 3.37 18.07 29.74
C ALA A 13 2.22 18.55 30.61
N TYR A 14 1.41 19.48 30.09
CA TYR A 14 0.27 20.00 30.83
C TYR A 14 -0.98 19.82 30.01
N LEU A 15 -2.12 19.90 30.68
CA LEU A 15 -3.41 19.73 30.05
C LEU A 15 -4.33 20.87 30.45
N MET A 16 -5.01 21.44 29.46
CA MET A 16 -5.94 22.53 29.71
C MET A 16 -7.27 22.01 30.21
N ALA A 17 -7.76 22.61 31.29
CA ALA A 17 -9.04 22.22 31.86
C ALA A 17 -10.13 22.86 31.01
N PRO A 18 -11.38 22.42 31.20
CA PRO A 18 -12.48 22.99 30.42
C PRO A 18 -12.61 24.49 30.71
N LEU A 19 -13.27 25.22 29.81
CA LEU A 19 -13.48 26.66 29.98
C LEU A 19 -14.58 26.91 31.02
N LYS A 20 -15.57 26.02 31.03
CA LYS A 20 -16.70 26.07 31.97
C LYS A 20 -16.31 25.37 33.28
N LYS A 21 -17.13 25.55 34.30
CA LYS A 21 -16.85 24.93 35.59
C LYS A 21 -17.05 23.42 35.55
N ILE A 22 -16.22 22.72 36.31
CA ILE A 22 -16.29 21.26 36.37
C ILE A 22 -17.70 20.74 36.62
N PRO A 23 -18.39 21.24 37.67
CA PRO A 23 -19.75 20.78 37.93
C PRO A 23 -20.77 21.03 36.82
N GLU A 24 -20.38 21.81 35.82
CA GLU A 24 -21.25 22.12 34.68
C GLU A 24 -20.93 21.18 33.51
N VAL A 25 -19.72 20.61 33.54
CA VAL A 25 -19.25 19.70 32.50
C VAL A 25 -19.34 18.23 32.92
N THR A 26 -19.13 17.95 34.19
CA THR A 26 -19.16 16.61 34.75
C THR A 26 -19.42 16.78 36.25
N ASN A 27 -18.74 15.99 37.09
CA ASN A 27 -18.87 16.11 38.54
C ASN A 27 -17.49 15.94 39.16
N TRP A 28 -17.32 16.37 40.40
CA TRP A 28 -16.02 16.30 41.05
C TRP A 28 -15.38 14.91 41.15
N GLU A 29 -16.21 13.92 41.45
CA GLU A 29 -15.73 12.55 41.60
C GLU A 29 -15.16 12.01 40.28
N THR A 30 -15.88 12.26 39.19
CA THR A 30 -15.43 11.82 37.87
C THR A 30 -14.18 12.60 37.47
N PHE A 31 -14.20 13.90 37.75
CA PHE A 31 -13.07 14.79 37.46
C PHE A 31 -11.78 14.24 38.08
N GLU A 32 -11.87 13.77 39.32
CA GLU A 32 -10.70 13.22 40.02
C GLU A 32 -10.21 11.95 39.34
N ASN A 33 -11.14 11.13 38.85
CA ASN A 33 -10.79 9.91 38.14
C ASN A 33 -10.04 10.32 36.88
N ASP A 34 -10.60 11.30 36.17
CA ASP A 34 -10.00 11.82 34.94
C ASP A 34 -8.56 12.29 35.16
N LEU A 35 -8.34 13.00 36.27
CA LEU A 35 -7.00 13.52 36.60
C LEU A 35 -5.99 12.42 36.83
N ARG A 36 -6.41 11.36 37.51
CA ARG A 36 -5.53 10.23 37.78
C ARG A 36 -5.17 9.57 36.45
N TRP A 37 -6.14 9.51 35.54
CA TRP A 37 -5.96 8.93 34.20
C TRP A 37 -4.98 9.78 33.39
N ALA A 38 -5.14 11.10 33.43
CA ALA A 38 -4.27 12.02 32.69
C ALA A 38 -2.84 11.88 33.20
N LYS A 39 -2.71 11.80 34.52
CA LYS A 39 -1.42 11.64 35.19
C LYS A 39 -0.78 10.34 34.68
N GLN A 40 -1.60 9.31 34.52
CA GLN A 40 -1.15 8.02 34.03
C GLN A 40 -0.58 8.17 32.61
N ASN A 41 -1.12 9.11 31.86
CA ASN A 41 -0.70 9.35 30.49
C ASN A 41 0.42 10.35 30.28
N GLY A 42 1.13 10.67 31.35
CA GLY A 42 2.25 11.59 31.25
C GLY A 42 2.02 13.07 31.53
N PHE A 43 0.79 13.44 31.88
CA PHE A 43 0.50 14.84 32.19
C PHE A 43 0.93 15.16 33.61
N TYR A 44 1.66 16.26 33.77
CA TYR A 44 2.17 16.67 35.07
C TYR A 44 1.23 17.57 35.85
N ALA A 45 0.48 18.41 35.14
CA ALA A 45 -0.43 19.34 35.76
C ALA A 45 -1.54 19.77 34.83
N ILE A 46 -2.61 20.32 35.41
CA ILE A 46 -3.73 20.81 34.64
C ILE A 46 -3.77 22.34 34.77
N THR A 47 -3.79 23.04 33.65
CA THR A 47 -3.86 24.50 33.66
C THR A 47 -5.35 24.84 33.72
N VAL A 48 -5.71 25.84 34.51
CA VAL A 48 -7.12 26.21 34.65
C VAL A 48 -7.37 27.71 34.74
N ASP A 49 -8.41 28.15 34.03
CA ASP A 49 -8.81 29.55 34.03
C ASP A 49 -9.70 29.86 35.22
N PHE A 50 -9.29 30.83 36.01
CA PHE A 50 -10.10 31.28 37.13
C PHE A 50 -10.50 32.68 36.66
N TRP A 51 -11.75 32.79 36.22
CA TRP A 51 -12.27 34.03 35.67
C TRP A 51 -12.50 35.19 36.61
N TRP A 52 -12.01 36.36 36.21
CA TRP A 52 -12.17 37.58 37.01
C TRP A 52 -13.68 37.84 37.15
N GLY A 53 -14.43 37.56 36.10
CA GLY A 53 -15.87 37.75 36.12
C GLY A 53 -16.59 36.93 37.17
N ASP A 54 -15.92 35.89 37.68
CA ASP A 54 -16.48 35.00 38.72
C ASP A 54 -16.00 35.41 40.11
N MET A 55 -14.70 35.67 40.23
CA MET A 55 -14.07 35.99 41.51
C MET A 55 -14.34 37.35 42.17
N GLU A 56 -14.73 38.34 41.38
CA GLU A 56 -15.02 39.68 41.91
C GLU A 56 -16.18 40.24 41.12
N LYS A 57 -17.22 39.41 41.03
CA LYS A 57 -18.41 39.73 40.28
C LYS A 57 -19.30 40.90 40.71
N ASN A 58 -19.78 40.86 41.94
CA ASN A 58 -20.70 41.88 42.44
C ASN A 58 -20.19 43.27 42.73
N GLY A 59 -18.89 43.41 42.97
CA GLY A 59 -18.35 44.72 43.25
C GLY A 59 -16.92 44.67 43.73
N ASP A 60 -16.33 45.85 43.83
CA ASP A 60 -14.96 46.00 44.26
C ASP A 60 -14.75 45.33 45.62
N GLN A 61 -13.76 44.43 45.65
CA GLN A 61 -13.38 43.67 46.84
C GLN A 61 -14.41 42.66 47.30
N GLN A 62 -15.43 42.41 46.48
CA GLN A 62 -16.44 41.43 46.82
C GLN A 62 -16.02 40.12 46.15
N PHE A 63 -14.98 39.53 46.72
CA PHE A 63 -14.36 38.31 46.23
C PHE A 63 -15.10 37.00 46.51
N ASP A 64 -14.91 36.05 45.60
CA ASP A 64 -15.50 34.72 45.70
C ASP A 64 -14.51 33.71 45.14
N PHE A 65 -13.68 33.16 46.01
CA PHE A 65 -12.68 32.18 45.60
C PHE A 65 -13.10 30.76 45.95
N SER A 66 -14.37 30.58 46.26
CA SER A 66 -14.88 29.25 46.63
C SER A 66 -14.67 28.19 45.55
N TYR A 67 -14.93 28.54 44.29
CA TYR A 67 -14.76 27.59 43.21
C TYR A 67 -13.31 27.19 43.06
N ALA A 68 -12.42 28.18 43.03
CA ALA A 68 -11.00 27.93 42.89
C ALA A 68 -10.47 27.01 43.99
N GLN A 69 -10.92 27.23 45.22
CA GLN A 69 -10.50 26.42 46.36
C GLN A 69 -11.03 24.99 46.25
N ARG A 70 -12.28 24.85 45.83
CA ARG A 70 -12.90 23.54 45.66
C ARG A 70 -12.15 22.75 44.59
N PHE A 71 -11.87 23.43 43.48
CA PHE A 71 -11.14 22.84 42.37
C PHE A 71 -9.78 22.30 42.85
N ALA A 72 -9.04 23.13 43.59
CA ALA A 72 -7.74 22.76 44.13
C ALA A 72 -7.82 21.54 45.08
N GLN A 73 -8.93 21.41 45.80
CA GLN A 73 -9.07 20.27 46.70
C GLN A 73 -9.15 18.97 45.90
N SER A 74 -9.91 18.99 44.79
CA SER A 74 -10.02 17.80 43.95
C SER A 74 -8.68 17.46 43.30
N VAL A 75 -7.92 18.48 42.91
CA VAL A 75 -6.62 18.27 42.30
C VAL A 75 -5.72 17.59 43.32
N LYS A 76 -5.81 18.04 44.58
CA LYS A 76 -5.04 17.49 45.68
C LYS A 76 -5.46 16.04 45.86
N ASN A 77 -6.78 15.80 45.82
CA ASN A 77 -7.35 14.47 45.97
C ASN A 77 -6.84 13.49 44.91
N ALA A 78 -6.71 13.97 43.68
CA ALA A 78 -6.26 13.14 42.57
C ALA A 78 -4.74 12.97 42.50
N GLY A 79 -4.03 13.62 43.43
CA GLY A 79 -2.58 13.53 43.45
C GLY A 79 -1.90 14.21 42.27
N MET A 80 -2.51 15.30 41.81
CA MET A 80 -2.01 16.06 40.67
C MET A 80 -1.54 17.47 41.06
N LYS A 81 -1.01 18.19 40.08
CA LYS A 81 -0.56 19.57 40.26
C LYS A 81 -1.46 20.44 39.41
N MET A 82 -1.46 21.75 39.68
CA MET A 82 -2.27 22.67 38.90
C MET A 82 -1.51 23.96 38.61
N ILE A 83 -1.91 24.60 37.52
CA ILE A 83 -1.33 25.85 37.08
C ILE A 83 -2.51 26.80 36.84
N PRO A 84 -2.86 27.60 37.85
CA PRO A 84 -3.98 28.52 37.70
C PRO A 84 -3.62 29.68 36.78
N ILE A 85 -4.62 30.15 36.04
CA ILE A 85 -4.46 31.28 35.15
C ILE A 85 -5.40 32.33 35.72
N ILE A 86 -4.84 33.44 36.19
CA ILE A 86 -5.66 34.53 36.74
C ILE A 86 -6.21 35.27 35.53
N SER A 87 -7.34 34.78 35.05
CA SER A 87 -7.98 35.31 33.86
C SER A 87 -8.73 36.62 33.96
N THR A 88 -7.99 37.71 33.83
CA THR A 88 -8.54 39.05 33.86
C THR A 88 -9.08 39.41 32.46
N HIS A 89 -9.42 38.38 31.69
CA HIS A 89 -9.96 38.57 30.34
C HIS A 89 -11.31 37.87 30.24
N GLN A 90 -12.09 38.21 29.22
CA GLN A 90 -13.40 37.61 29.02
C GLN A 90 -13.39 36.24 28.37
N CYS A 91 -14.22 35.33 28.87
CA CYS A 91 -14.33 34.01 28.27
C CYS A 91 -15.52 34.10 27.33
N GLY A 92 -15.32 33.67 26.09
CA GLY A 92 -16.37 33.74 25.10
C GLY A 92 -15.92 34.73 24.05
N GLY A 93 -16.09 34.37 22.78
CA GLY A 93 -15.69 35.27 21.70
C GLY A 93 -14.43 34.88 20.93
N ASN A 94 -13.52 34.14 21.58
CA ASN A 94 -12.29 33.73 20.92
C ASN A 94 -12.42 32.32 20.33
N VAL A 95 -11.48 31.95 19.47
CA VAL A 95 -11.53 30.64 18.83
C VAL A 95 -11.50 29.46 19.81
N GLY A 96 -12.60 28.71 19.80
CA GLY A 96 -12.72 27.56 20.68
C GLY A 96 -13.41 27.86 22.00
N ASP A 97 -13.80 29.12 22.19
CA ASP A 97 -14.46 29.51 23.42
C ASP A 97 -15.91 29.06 23.55
N ASP A 98 -16.15 28.12 24.46
CA ASP A 98 -17.49 27.64 24.73
C ASP A 98 -17.74 28.13 26.15
N CYS A 99 -18.18 29.38 26.26
CA CYS A 99 -18.42 30.00 27.56
C CYS A 99 -18.92 31.44 27.35
N ASN A 100 -19.18 32.11 28.47
CA ASN A 100 -19.63 33.50 28.44
C ASN A 100 -19.38 34.10 29.82
N VAL A 101 -18.13 34.50 30.05
CA VAL A 101 -17.76 35.09 31.33
C VAL A 101 -17.03 36.40 31.10
N PRO A 102 -17.78 37.50 30.95
CA PRO A 102 -17.15 38.80 30.72
C PRO A 102 -16.54 39.25 32.05
N ILE A 103 -15.66 40.25 32.01
CA ILE A 103 -15.04 40.71 33.25
C ILE A 103 -16.12 41.48 34.05
N PRO A 104 -15.86 41.75 35.35
CA PRO A 104 -16.81 42.47 36.20
C PRO A 104 -17.33 43.78 35.58
N SER A 105 -18.64 43.86 35.39
CA SER A 105 -19.28 45.03 34.79
C SER A 105 -19.13 46.36 35.55
N TRP A 106 -18.93 46.28 36.87
CA TRP A 106 -18.75 47.50 37.68
C TRP A 106 -17.43 48.18 37.37
N VAL A 107 -16.49 47.41 36.81
CA VAL A 107 -15.18 47.95 36.47
C VAL A 107 -15.26 49.09 35.47
N TRP A 108 -16.15 48.97 34.49
CA TRP A 108 -16.29 49.99 33.45
C TRP A 108 -16.75 51.34 34.00
N ASN A 109 -17.39 51.33 35.16
CA ASN A 109 -17.89 52.56 35.76
C ASN A 109 -16.82 53.30 36.55
N GLN A 110 -15.61 52.76 36.57
CA GLN A 110 -14.49 53.38 37.29
C GLN A 110 -13.95 54.62 36.57
N LYS A 111 -14.25 54.75 35.28
CA LYS A 111 -13.79 55.88 34.49
C LYS A 111 -14.94 56.54 33.77
N SER A 112 -14.76 57.82 33.49
CA SER A 112 -15.75 58.63 32.77
C SER A 112 -15.37 58.71 31.29
N ASP A 113 -14.06 58.65 31.04
CA ASP A 113 -13.52 58.71 29.69
C ASP A 113 -13.53 57.33 29.02
N ASP A 114 -12.80 57.20 27.92
CA ASP A 114 -12.71 55.94 27.19
C ASP A 114 -11.34 55.28 27.33
N SER A 115 -10.71 55.49 28.49
CA SER A 115 -9.39 54.96 28.75
C SER A 115 -9.32 53.46 29.01
N LEU A 116 -10.43 52.86 29.46
CA LEU A 116 -10.46 51.44 29.80
C LEU A 116 -10.65 50.44 28.66
N TYR A 117 -11.26 50.84 27.56
CA TYR A 117 -11.48 49.92 26.44
C TYR A 117 -10.74 50.26 25.15
N PHE A 118 -10.95 49.47 24.12
CA PHE A 118 -10.28 49.66 22.84
C PHE A 118 -11.20 50.19 21.75
N LYS A 119 -10.62 50.91 20.80
CA LYS A 119 -11.33 51.44 19.64
C LYS A 119 -10.45 51.18 18.43
N SER A 120 -10.98 50.45 17.45
CA SER A 120 -10.21 50.14 16.26
C SER A 120 -10.19 51.29 15.25
N GLU A 121 -9.42 51.09 14.19
CA GLU A 121 -9.30 52.06 13.11
C GLU A 121 -10.69 52.45 12.60
N THR A 122 -11.63 51.50 12.59
CA THR A 122 -12.98 51.78 12.10
C THR A 122 -14.03 52.04 13.17
N GLY A 123 -13.58 52.32 14.40
CA GLY A 123 -14.53 52.62 15.46
C GLY A 123 -15.14 51.46 16.21
N THR A 124 -14.61 50.25 16.02
CA THR A 124 -15.13 49.10 16.74
C THR A 124 -14.60 49.10 18.17
N VAL A 125 -15.52 49.01 19.12
CA VAL A 125 -15.19 49.03 20.53
C VAL A 125 -14.97 47.60 21.05
N ASN A 126 -13.88 47.42 21.80
CA ASN A 126 -13.58 46.12 22.38
C ASN A 126 -13.49 46.23 23.89
N LYS A 127 -14.24 45.38 24.58
CA LYS A 127 -14.27 45.37 26.04
C LYS A 127 -14.03 44.00 26.65
N GLU A 128 -13.27 43.15 25.97
CA GLU A 128 -13.02 41.83 26.55
C GLU A 128 -11.86 41.80 27.55
N THR A 129 -11.18 42.94 27.70
CA THR A 129 -10.08 43.07 28.63
C THR A 129 -9.79 44.57 28.80
N LEU A 130 -9.12 44.94 29.88
CA LEU A 130 -8.80 46.34 30.14
C LEU A 130 -7.64 46.83 29.28
N ASN A 131 -7.79 48.01 28.69
CA ASN A 131 -6.76 48.61 27.86
C ASN A 131 -5.57 48.89 28.77
N PRO A 132 -4.40 48.33 28.44
CA PRO A 132 -3.16 48.50 29.20
C PRO A 132 -2.72 49.95 29.42
N LEU A 133 -3.35 50.88 28.71
CA LEU A 133 -3.05 52.29 28.86
C LEU A 133 -3.53 52.79 30.22
N ALA A 134 -4.61 52.18 30.71
CA ALA A 134 -5.20 52.52 32.01
C ALA A 134 -4.40 51.85 33.13
N SER A 135 -3.11 52.10 33.16
CA SER A 135 -2.24 51.49 34.16
C SER A 135 -2.61 51.77 35.61
N ASP A 136 -3.26 52.91 35.86
CA ASP A 136 -3.66 53.26 37.21
C ASP A 136 -4.74 52.31 37.72
N VAL A 137 -5.68 51.95 36.85
CA VAL A 137 -6.75 51.03 37.21
C VAL A 137 -6.17 49.60 37.25
N ILE A 138 -5.27 49.30 36.33
CA ILE A 138 -4.64 47.98 36.27
C ILE A 138 -3.86 47.71 37.55
N ARG A 139 -3.00 48.64 37.93
CA ARG A 139 -2.22 48.52 39.15
C ARG A 139 -3.11 48.29 40.36
N LYS A 140 -4.24 48.99 40.44
CA LYS A 140 -5.15 48.83 41.56
C LYS A 140 -5.86 47.49 41.58
N GLU A 141 -6.65 47.25 40.54
CA GLU A 141 -7.42 46.01 40.43
C GLU A 141 -6.61 44.73 40.35
N TYR A 142 -5.57 44.69 39.51
CA TYR A 142 -4.75 43.48 39.40
C TYR A 142 -3.99 43.26 40.69
N GLY A 143 -3.50 44.33 41.29
CA GLY A 143 -2.77 44.21 42.54
C GLY A 143 -3.67 43.60 43.60
N GLU A 144 -4.89 44.13 43.71
CA GLU A 144 -5.87 43.67 44.68
C GLU A 144 -6.29 42.23 44.42
N LEU A 145 -6.55 41.92 43.16
CA LEU A 145 -6.95 40.58 42.77
C LEU A 145 -5.83 39.55 43.01
N TYR A 146 -4.60 39.87 42.58
CA TYR A 146 -3.45 38.97 42.75
C TYR A 146 -3.18 38.68 44.22
N THR A 147 -3.25 39.74 45.03
CA THR A 147 -3.02 39.62 46.47
C THR A 147 -4.13 38.79 47.14
N ALA A 148 -5.38 39.05 46.79
CA ALA A 148 -6.50 38.30 47.37
C ALA A 148 -6.44 36.82 46.95
N PHE A 149 -6.11 36.57 45.69
CA PHE A 149 -6.01 35.22 45.17
C PHE A 149 -4.94 34.43 45.91
N ALA A 150 -3.79 35.05 46.12
CA ALA A 150 -2.69 34.42 46.84
C ALA A 150 -3.12 33.96 48.23
N ALA A 151 -3.84 34.83 48.94
CA ALA A 151 -4.32 34.53 50.28
C ALA A 151 -5.24 33.32 50.29
N ALA A 152 -6.15 33.27 49.33
CA ALA A 152 -7.10 32.17 49.21
C ALA A 152 -6.48 30.83 48.79
N MET A 153 -5.35 30.90 48.08
CA MET A 153 -4.68 29.69 47.61
C MET A 153 -3.52 29.23 48.51
N LYS A 154 -3.20 30.03 49.52
CA LYS A 154 -2.12 29.71 50.45
C LYS A 154 -2.23 28.27 50.99
N PRO A 155 -3.45 27.80 51.32
CA PRO A 155 -3.60 26.43 51.83
C PRO A 155 -3.24 25.35 50.80
N TYR A 156 -3.34 25.67 49.51
CA TYR A 156 -3.06 24.70 48.46
C TYR A 156 -1.77 24.95 47.70
N LYS A 157 -0.84 25.67 48.32
CA LYS A 157 0.43 25.98 47.68
C LYS A 157 1.18 24.76 47.18
N ASP A 158 1.02 23.63 47.87
CA ASP A 158 1.71 22.40 47.49
C ASP A 158 1.24 21.72 46.18
N VAL A 159 0.07 22.07 45.68
CA VAL A 159 -0.42 21.50 44.42
C VAL A 159 -0.33 22.51 43.27
N ILE A 160 0.23 23.69 43.54
CA ILE A 160 0.37 24.72 42.52
C ILE A 160 1.80 24.67 41.97
N ALA A 161 1.92 24.32 40.69
CA ALA A 161 3.22 24.20 40.03
C ALA A 161 3.71 25.47 39.35
N LYS A 162 2.78 26.34 38.95
CA LYS A 162 3.11 27.57 38.24
C LYS A 162 1.88 28.46 38.19
N ILE A 163 2.11 29.75 37.94
CA ILE A 163 1.01 30.70 37.86
C ILE A 163 1.05 31.52 36.59
N TYR A 164 -0.06 31.54 35.86
CA TYR A 164 -0.17 32.31 34.62
C TYR A 164 -0.91 33.61 34.84
N LEU A 165 -0.43 34.67 34.21
CA LEU A 165 -1.06 35.98 34.28
C LEU A 165 -1.71 36.22 32.93
N SER A 166 -2.83 36.92 32.91
CA SER A 166 -3.50 37.23 31.65
C SER A 166 -3.04 38.62 31.21
N GLY A 167 -2.24 38.67 30.15
CA GLY A 167 -1.75 39.93 29.65
C GLY A 167 -2.62 40.62 28.62
N GLY A 168 -3.76 40.03 28.31
CA GLY A 168 -4.64 40.62 27.33
C GLY A 168 -5.74 39.68 26.88
N PRO A 169 -6.30 39.88 25.67
CA PRO A 169 -7.38 39.06 25.09
C PRO A 169 -6.98 37.58 25.00
N ALA A 170 -7.92 36.70 25.35
CA ALA A 170 -7.69 35.25 25.33
C ALA A 170 -6.50 34.85 26.20
N GLY A 171 -6.07 35.75 27.08
CA GLY A 171 -4.96 35.46 27.96
C GLY A 171 -3.56 35.74 27.42
N GLU A 172 -3.47 36.34 26.23
CA GLU A 172 -2.17 36.64 25.64
C GLU A 172 -1.84 38.12 25.65
N LEU A 173 -0.56 38.43 25.76
CA LEU A 173 -0.09 39.82 25.75
C LEU A 173 -0.18 40.36 24.32
N ARG A 174 -1.29 41.02 24.00
CA ARG A 174 -1.51 41.56 22.66
C ARG A 174 -2.71 42.50 22.67
N TYR A 175 -2.98 43.10 21.52
CA TYR A 175 -4.13 43.98 21.31
C TYR A 175 -5.20 43.10 20.64
N PRO A 176 -6.49 43.48 20.79
CA PRO A 176 -7.58 42.72 20.17
C PRO A 176 -7.71 43.10 18.70
N SER A 177 -6.64 42.88 17.94
CA SER A 177 -6.57 43.24 16.53
C SER A 177 -7.28 42.32 15.55
N TYR A 178 -7.62 41.11 15.97
CA TYR A 178 -8.30 40.17 15.08
C TYR A 178 -9.60 39.63 15.67
N THR A 179 -10.72 40.22 15.24
CA THR A 179 -12.03 39.81 15.73
C THR A 179 -13.08 39.84 14.63
N THR A 180 -14.10 39.00 14.79
CA THR A 180 -15.22 38.91 13.85
C THR A 180 -15.92 40.24 13.70
N SER A 181 -16.30 40.82 14.83
CA SER A 181 -17.00 42.11 14.87
C SER A 181 -16.21 43.24 14.22
N ASP A 182 -14.88 43.15 14.23
CA ASP A 182 -14.03 44.17 13.63
C ASP A 182 -13.65 43.82 12.20
N GLY A 183 -14.07 42.64 11.74
CA GLY A 183 -13.75 42.19 10.39
C GLY A 183 -12.27 41.91 10.21
N THR A 184 -11.60 41.54 11.30
CA THR A 184 -10.18 41.26 11.25
C THR A 184 -9.83 39.82 11.60
N GLY A 185 -10.83 38.94 11.55
CA GLY A 185 -10.57 37.54 11.83
C GLY A 185 -9.59 36.97 10.81
N TYR A 186 -8.98 35.83 11.14
CA TYR A 186 -8.03 35.15 10.26
C TYR A 186 -8.69 34.87 8.89
N PRO A 187 -7.92 34.94 7.79
CA PRO A 187 -6.49 35.25 7.68
C PRO A 187 -6.23 36.71 7.28
N SER A 188 -7.18 37.59 7.59
CA SER A 188 -7.09 39.01 7.25
C SER A 188 -5.99 39.78 7.98
N ARG A 189 -5.71 40.99 7.50
CA ARG A 189 -4.72 41.85 8.15
C ARG A 189 -5.42 42.38 9.40
N GLY A 190 -4.66 42.63 10.45
CA GLY A 190 -5.28 43.14 11.67
C GLY A 190 -5.50 44.63 11.60
N LYS A 191 -6.26 45.16 12.55
CA LYS A 191 -6.52 46.59 12.62
C LYS A 191 -5.88 47.14 13.90
N PHE A 192 -5.31 48.33 13.83
CA PHE A 192 -4.69 48.94 14.99
C PHE A 192 -5.78 49.32 16.00
N GLN A 193 -5.45 49.18 17.28
CA GLN A 193 -6.40 49.43 18.36
C GLN A 193 -6.04 50.61 19.26
N ALA A 194 -5.72 51.75 18.67
CA ALA A 194 -5.37 52.93 19.46
C ALA A 194 -6.17 54.16 19.02
N TYR A 195 -7.47 53.96 18.79
CA TYR A 195 -8.32 55.06 18.34
C TYR A 195 -9.28 55.71 19.34
N THR A 196 -9.07 55.43 20.62
CA THR A 196 -9.87 56.07 21.65
C THR A 196 -9.19 57.41 21.84
N GLU A 197 -9.94 58.40 22.32
CA GLU A 197 -9.37 59.72 22.56
C GLU A 197 -8.19 59.61 23.53
N PHE A 198 -8.32 58.72 24.50
CA PHE A 198 -7.28 58.52 25.49
C PHE A 198 -5.99 58.02 24.85
N ALA A 199 -6.12 57.10 23.89
CA ALA A 199 -4.96 56.55 23.19
C ALA A 199 -4.29 57.61 22.33
N LYS A 200 -5.11 58.42 21.65
CA LYS A 200 -4.60 59.49 20.80
C LYS A 200 -3.78 60.50 21.60
N SER A 201 -4.34 61.00 22.70
CA SER A 201 -3.61 61.96 23.50
C SER A 201 -2.34 61.38 24.10
N LYS A 202 -2.38 60.09 24.44
CA LYS A 202 -1.21 59.41 25.01
C LYS A 202 -0.06 59.32 24.03
N PHE A 203 -0.36 58.98 22.78
CA PHE A 203 0.65 58.89 21.74
C PHE A 203 1.24 60.27 21.56
N ARG A 204 0.35 61.25 21.39
CA ARG A 204 0.71 62.65 21.20
C ARG A 204 1.67 63.13 22.29
N LEU A 205 1.31 62.86 23.55
CA LEU A 205 2.14 63.25 24.69
C LEU A 205 3.47 62.52 24.68
N TRP A 206 3.44 61.26 24.22
CA TRP A 206 4.65 60.46 24.13
C TRP A 206 5.63 61.09 23.11
N VAL A 207 5.11 61.48 21.95
CA VAL A 207 5.93 62.10 20.91
C VAL A 207 6.51 63.43 21.39
N LEU A 208 5.66 64.29 21.93
CA LEU A 208 6.11 65.59 22.43
C LEU A 208 7.16 65.43 23.52
N ASN A 209 7.05 64.37 24.31
CA ASN A 209 7.99 64.12 25.38
C ASN A 209 9.35 63.75 24.79
N LYS A 210 9.32 62.96 23.73
CA LYS A 210 10.51 62.51 23.04
C LYS A 210 11.25 63.64 22.30
N TYR A 211 10.49 64.53 21.65
CA TYR A 211 11.09 65.63 20.89
C TYR A 211 11.02 67.02 21.51
N GLY A 212 10.20 67.16 22.55
CA GLY A 212 10.06 68.45 23.21
C GLY A 212 9.01 69.36 22.62
N SER A 213 9.09 69.59 21.32
CA SER A 213 8.16 70.49 20.64
C SER A 213 7.79 70.06 19.23
N LEU A 214 6.67 70.56 18.73
CA LEU A 214 6.20 70.24 17.39
C LEU A 214 7.26 70.60 16.36
N ASN A 215 7.98 71.68 16.60
CA ASN A 215 9.04 72.09 15.68
C ASN A 215 10.11 71.01 15.57
N GLU A 216 10.38 70.34 16.68
CA GLU A 216 11.38 69.26 16.66
C GLU A 216 10.80 67.99 16.05
N VAL A 217 9.50 67.76 16.29
CA VAL A 217 8.80 66.60 15.76
C VAL A 217 8.83 66.64 14.24
N ASN A 218 8.42 67.78 13.68
CA ASN A 218 8.42 67.97 12.23
C ASN A 218 9.80 67.78 11.63
N LYS A 219 10.84 68.23 12.35
CA LYS A 219 12.20 68.07 11.87
C LYS A 219 12.58 66.60 11.79
N ALA A 220 12.27 65.87 12.86
CA ALA A 220 12.57 64.44 12.96
C ALA A 220 11.81 63.61 11.94
N TRP A 221 10.55 63.95 11.72
CA TRP A 221 9.72 63.22 10.79
C TRP A 221 9.73 63.71 9.34
N GLY A 222 10.31 64.90 9.11
CA GLY A 222 10.32 65.46 7.77
C GLY A 222 8.88 65.78 7.40
N THR A 223 8.08 66.11 8.41
CA THR A 223 6.67 66.43 8.25
C THR A 223 6.38 67.93 8.33
N LYS A 224 5.14 68.28 8.05
CA LYS A 224 4.69 69.66 8.09
C LYS A 224 3.41 69.74 8.91
N LEU A 225 3.44 69.18 10.12
CA LEU A 225 2.28 69.21 11.00
C LEU A 225 2.04 70.65 11.43
N ILE A 226 0.79 71.10 11.28
CA ILE A 226 0.42 72.46 11.63
C ILE A 226 0.28 72.69 13.14
N SER A 227 -0.36 71.75 13.82
CA SER A 227 -0.54 71.85 15.27
C SER A 227 -0.25 70.52 15.94
N GLU A 228 -0.18 70.54 17.25
CA GLU A 228 0.10 69.34 18.03
C GLU A 228 -1.06 68.35 17.93
N LEU A 229 -2.27 68.86 17.74
CA LEU A 229 -3.43 68.00 17.60
C LEU A 229 -3.38 67.15 16.33
N ALA A 230 -2.45 67.50 15.44
CA ALA A 230 -2.26 66.76 14.19
C ALA A 230 -1.45 65.49 14.44
N ILE A 231 -0.77 65.40 15.59
CA ILE A 231 0.00 64.21 15.94
C ILE A 231 -1.03 63.14 16.26
N LEU A 232 -1.10 62.12 15.42
CA LEU A 232 -2.10 61.07 15.57
C LEU A 232 -1.66 59.71 15.04
N PRO A 233 -2.36 58.62 15.44
CA PRO A 233 -2.02 57.28 14.96
C PRO A 233 -2.39 57.16 13.47
N PRO A 234 -1.95 56.09 12.79
CA PRO A 234 -2.23 55.86 11.35
C PRO A 234 -3.66 56.15 10.87
N SER A 235 -3.78 57.02 9.87
CA SER A 235 -5.08 57.37 9.29
C SER A 235 -5.59 56.22 8.41
N ASP A 236 -4.67 55.50 7.78
CA ASP A 236 -5.00 54.36 6.92
C ASP A 236 -4.12 53.21 7.34
N GLY A 237 -4.70 52.22 8.02
CA GLY A 237 -3.93 51.08 8.48
C GLY A 237 -3.25 50.29 7.38
N GLU A 238 -3.92 50.17 6.24
CA GLU A 238 -3.37 49.44 5.09
C GLU A 238 -2.15 50.12 4.49
N GLN A 239 -2.24 51.42 4.25
CA GLN A 239 -1.10 52.16 3.69
C GLN A 239 0.05 52.19 4.67
N PHE A 240 -0.28 52.26 5.97
CA PHE A 240 0.75 52.27 7.00
C PHE A 240 1.53 50.94 6.95
N LEU A 241 0.79 49.84 6.82
CA LEU A 241 1.38 48.51 6.75
C LEU A 241 2.12 48.26 5.43
N MET A 242 1.80 49.05 4.41
CA MET A 242 2.46 48.92 3.11
C MET A 242 3.78 49.68 3.05
N ASN A 243 3.77 50.93 3.49
CA ASN A 243 4.99 51.75 3.46
C ASN A 243 5.14 52.72 4.63
N GLY A 244 4.01 53.08 5.25
CA GLY A 244 4.06 54.00 6.38
C GLY A 244 5.05 53.60 7.47
N TYR A 245 5.08 52.32 7.80
CA TYR A 245 5.96 51.81 8.84
C TYR A 245 7.44 52.10 8.65
N LEU A 246 7.84 52.37 7.41
CA LEU A 246 9.23 52.65 7.04
C LEU A 246 9.72 54.07 7.40
N SER A 247 8.78 55.00 7.57
CA SER A 247 9.12 56.38 7.91
C SER A 247 9.46 56.53 9.39
N MET A 248 10.04 57.68 9.75
CA MET A 248 10.39 57.95 11.14
C MET A 248 9.12 57.99 11.99
N TYR A 249 8.04 58.48 11.40
CA TYR A 249 6.75 58.55 12.08
C TYR A 249 6.25 57.13 12.37
N GLY A 250 6.31 56.27 11.35
CA GLY A 250 5.85 54.90 11.50
C GLY A 250 6.63 54.12 12.55
N LYS A 251 7.94 54.34 12.58
CA LYS A 251 8.79 53.68 13.53
C LYS A 251 8.50 54.12 14.96
N ASP A 252 8.29 55.43 15.13
CA ASP A 252 7.97 56.01 16.44
C ASP A 252 6.64 55.49 16.95
N TYR A 253 5.66 55.46 16.06
CA TYR A 253 4.34 54.97 16.39
C TYR A 253 4.38 53.50 16.80
N LEU A 254 5.14 52.70 16.05
CA LEU A 254 5.26 51.27 16.36
C LEU A 254 6.03 51.06 17.66
N GLU A 255 6.99 51.94 17.91
CA GLU A 255 7.75 51.89 19.15
C GLU A 255 6.82 52.14 20.35
N TRP A 256 5.93 53.13 20.21
CA TRP A 256 4.97 53.46 21.28
C TRP A 256 3.93 52.33 21.45
N TYR A 257 3.33 51.92 20.34
CA TYR A 257 2.32 50.88 20.30
C TYR A 257 2.77 49.60 21.02
N GLN A 258 3.95 49.11 20.68
CA GLN A 258 4.46 47.89 21.31
C GLN A 258 4.95 48.20 22.71
N GLY A 259 5.48 49.40 22.90
CA GLY A 259 5.99 49.81 24.19
C GLY A 259 4.93 49.70 25.28
N ILE A 260 3.68 49.99 24.93
CA ILE A 260 2.57 49.90 25.88
C ILE A 260 2.48 48.46 26.40
N LEU A 261 2.68 47.48 25.52
CA LEU A 261 2.63 46.08 25.92
C LEU A 261 3.83 45.72 26.81
N GLU A 262 4.99 46.28 26.49
CA GLU A 262 6.20 46.03 27.26
C GLU A 262 6.06 46.61 28.67
N ASN A 263 5.47 47.79 28.78
CA ASN A 263 5.27 48.41 30.08
C ASN A 263 4.26 47.63 30.87
N HIS A 264 3.20 47.16 30.20
CA HIS A 264 2.17 46.36 30.84
C HIS A 264 2.79 45.08 31.43
N THR A 265 3.67 44.45 30.66
CA THR A 265 4.37 43.23 31.07
C THR A 265 5.14 43.48 32.35
N LYS A 266 5.94 44.55 32.37
CA LYS A 266 6.72 44.89 33.55
C LYS A 266 5.83 45.18 34.76
N LEU A 267 4.65 45.75 34.51
CA LEU A 267 3.70 46.06 35.58
C LEU A 267 3.09 44.80 36.22
N ILE A 268 2.37 44.01 35.43
CA ILE A 268 1.75 42.80 35.97
C ILE A 268 2.80 41.84 36.53
N GLY A 269 4.00 41.87 35.97
CA GLY A 269 5.09 41.04 36.45
C GLY A 269 5.48 41.46 37.86
N GLU A 270 5.58 42.77 38.07
CA GLU A 270 5.92 43.35 39.37
C GLU A 270 4.85 43.00 40.41
N LEU A 271 3.58 43.20 40.04
CA LEU A 271 2.45 42.91 40.92
C LEU A 271 2.39 41.42 41.27
N ALA A 272 2.58 40.57 40.26
CA ALA A 272 2.55 39.12 40.45
C ALA A 272 3.64 38.64 41.41
N HIS A 273 4.88 39.02 41.13
CA HIS A 273 5.99 38.62 41.99
C HIS A 273 5.82 39.11 43.42
N ASN A 274 5.27 40.30 43.60
CA ASN A 274 5.03 40.85 44.93
C ASN A 274 3.98 40.03 45.69
N ALA A 275 2.94 39.61 44.99
CA ALA A 275 1.86 38.84 45.59
C ALA A 275 2.13 37.34 45.78
N PHE A 276 2.96 36.75 44.93
CA PHE A 276 3.22 35.31 44.97
C PHE A 276 4.58 34.77 45.39
N ASP A 277 5.64 35.54 45.14
CA ASP A 277 7.00 35.07 45.44
C ASP A 277 7.35 34.50 46.79
N THR A 278 6.94 35.16 47.87
CA THR A 278 7.28 34.69 49.21
C THR A 278 6.48 33.46 49.60
N THR A 279 5.23 33.40 49.14
CA THR A 279 4.35 32.29 49.46
C THR A 279 4.53 31.03 48.60
N PHE A 280 4.35 31.17 47.30
CA PHE A 280 4.44 30.03 46.40
C PHE A 280 5.82 29.72 45.85
N GLN A 281 6.59 30.76 45.54
CA GLN A 281 7.94 30.57 45.02
C GLN A 281 7.95 29.68 43.76
N VAL A 282 6.94 29.85 42.92
CA VAL A 282 6.85 29.08 41.68
C VAL A 282 7.05 30.04 40.51
N PRO A 283 7.42 29.51 39.33
CA PRO A 283 7.62 30.41 38.20
C PRO A 283 6.28 31.02 37.76
N ILE A 284 6.36 32.25 37.27
CA ILE A 284 5.20 32.97 36.78
C ILE A 284 5.40 33.17 35.28
N GLY A 285 4.37 32.87 34.50
CA GLY A 285 4.48 33.03 33.06
C GLY A 285 3.39 33.84 32.43
N ALA A 286 3.61 34.25 31.20
CA ALA A 286 2.63 35.02 30.43
C ALA A 286 2.76 34.52 29.00
N LYS A 287 1.73 34.73 28.20
CA LYS A 287 1.70 34.24 26.83
C LYS A 287 1.82 35.28 25.70
N ILE A 288 2.41 34.82 24.60
CA ILE A 288 2.58 35.61 23.39
C ILE A 288 1.82 34.81 22.35
N ALA A 289 0.84 35.43 21.70
CA ALA A 289 0.05 34.76 20.69
C ALA A 289 0.81 34.49 19.38
N GLY A 290 0.45 33.39 18.71
CA GLY A 290 1.07 33.06 17.45
C GLY A 290 0.21 33.64 16.35
N VAL A 291 0.66 34.78 15.78
CA VAL A 291 -0.08 35.42 14.70
C VAL A 291 0.65 35.09 13.41
N HIS A 292 0.34 33.91 12.87
CA HIS A 292 1.00 33.39 11.68
C HIS A 292 0.56 33.85 10.29
N TRP A 293 -0.66 34.38 10.18
CA TRP A 293 -1.15 34.82 8.87
C TRP A 293 -0.63 36.19 8.47
N GLN A 294 -0.47 36.40 7.16
CA GLN A 294 0.06 37.64 6.60
C GLN A 294 1.50 37.87 7.00
N TYR A 295 2.19 36.78 7.32
CA TYR A 295 3.58 36.83 7.74
C TYR A 295 4.52 37.23 6.59
N ASN A 296 4.44 36.48 5.49
CA ASN A 296 5.28 36.74 4.33
C ASN A 296 4.52 37.39 3.18
N ASN A 297 3.50 38.17 3.51
CA ASN A 297 2.73 38.87 2.49
C ASN A 297 3.70 39.91 1.90
N PRO A 298 3.88 39.93 0.58
CA PRO A 298 4.80 40.88 -0.06
C PRO A 298 4.37 42.35 0.03
N THR A 299 3.07 42.61 -0.10
CA THR A 299 2.54 43.97 -0.03
C THR A 299 2.42 44.51 1.40
N ILE A 300 1.94 43.68 2.33
CA ILE A 300 1.81 44.08 3.72
C ILE A 300 2.54 43.08 4.62
N PRO A 301 3.87 43.24 4.73
CA PRO A 301 4.66 42.33 5.56
C PRO A 301 4.21 42.35 7.03
N HIS A 302 3.86 41.18 7.54
CA HIS A 302 3.42 41.03 8.93
C HIS A 302 2.14 41.85 9.18
N GLY A 303 1.22 41.80 8.22
CA GLY A 303 -0.02 42.53 8.32
C GLY A 303 -0.94 42.14 9.45
N ALA A 304 -0.61 41.08 10.17
CA ALA A 304 -1.43 40.63 11.29
C ALA A 304 -0.69 40.80 12.62
N GLU A 305 0.63 40.61 12.60
CA GLU A 305 1.46 40.74 13.79
C GLU A 305 1.55 42.17 14.32
N LYS A 306 1.86 43.11 13.44
CA LYS A 306 1.99 44.52 13.80
C LYS A 306 0.75 45.12 14.48
N PRO A 307 -0.45 44.91 13.90
CA PRO A 307 -1.66 45.46 14.52
C PRO A 307 -1.94 44.83 15.90
N ALA A 308 -1.39 43.63 16.11
CA ALA A 308 -1.54 42.89 17.36
C ALA A 308 -0.55 43.41 18.41
N GLY A 309 0.41 44.22 17.96
CA GLY A 309 1.39 44.78 18.86
C GLY A 309 2.77 44.17 18.76
N TYR A 310 2.93 43.20 17.86
CA TYR A 310 4.21 42.51 17.70
C TYR A 310 5.07 43.08 16.57
N ASN A 311 5.90 44.05 16.90
CA ASN A 311 6.78 44.65 15.90
C ASN A 311 8.21 44.11 15.96
N ASP A 312 8.83 44.16 17.14
CA ASP A 312 10.19 43.66 17.36
C ASP A 312 10.12 42.65 18.51
N TYR A 313 10.11 41.37 18.16
CA TYR A 313 10.05 40.29 19.14
C TYR A 313 11.23 40.29 20.11
N SER A 314 12.39 40.71 19.63
CA SER A 314 13.57 40.75 20.48
C SER A 314 13.34 41.72 21.62
N HIS A 315 12.81 42.89 21.30
CA HIS A 315 12.52 43.90 22.31
C HIS A 315 11.41 43.43 23.23
N LEU A 316 10.39 42.82 22.65
CA LEU A 316 9.27 42.30 23.42
C LEU A 316 9.73 41.24 24.43
N LEU A 317 10.63 40.34 24.03
CA LEU A 317 11.13 39.30 24.92
C LEU A 317 12.01 39.89 26.03
N ASP A 318 12.71 40.97 25.72
CA ASP A 318 13.54 41.64 26.72
C ASP A 318 12.63 42.09 27.87
N ALA A 319 11.40 42.47 27.55
CA ALA A 319 10.44 42.92 28.55
C ALA A 319 10.09 41.76 29.51
N PHE A 320 9.93 40.56 28.95
CA PHE A 320 9.64 39.36 29.75
C PHE A 320 10.81 39.04 30.66
N LYS A 321 12.02 39.12 30.10
CA LYS A 321 13.23 38.87 30.84
C LYS A 321 13.32 39.84 32.04
N SER A 322 13.08 41.12 31.78
CA SER A 322 13.11 42.14 32.84
C SER A 322 12.03 41.93 33.90
N ALA A 323 10.82 41.59 33.47
CA ALA A 323 9.71 41.34 34.37
C ALA A 323 9.85 40.00 35.09
N LYS A 324 10.84 39.22 34.67
CA LYS A 324 11.10 37.89 35.23
C LYS A 324 9.91 36.97 35.04
N LEU A 325 9.43 36.91 33.80
CA LEU A 325 8.31 36.05 33.44
C LEU A 325 8.76 35.04 32.40
N ASP A 326 8.28 33.81 32.53
CA ASP A 326 8.59 32.74 31.58
C ASP A 326 7.63 32.99 30.42
N VAL A 327 8.08 32.71 29.21
CA VAL A 327 7.24 32.94 28.05
C VAL A 327 6.61 31.65 27.50
N THR A 328 5.39 31.77 27.03
CA THR A 328 4.65 30.67 26.44
C THR A 328 4.17 31.08 25.06
N PHE A 329 4.55 30.30 24.05
CA PHE A 329 4.15 30.57 22.68
C PHE A 329 3.19 29.49 22.19
N THR A 330 2.23 29.88 21.38
CA THR A 330 1.25 28.95 20.85
C THR A 330 1.60 28.49 19.43
N CYS A 331 0.78 27.64 18.83
CA CYS A 331 1.01 27.18 17.44
C CYS A 331 2.15 26.19 17.14
N LEU A 332 2.48 25.31 18.08
CA LEU A 332 3.56 24.36 17.82
C LEU A 332 3.16 23.22 16.88
N GLU A 333 1.87 22.98 16.73
CA GLU A 333 1.37 21.89 15.89
C GLU A 333 1.27 22.19 14.39
N MET A 334 1.60 23.41 13.98
CA MET A 334 1.47 23.78 12.57
C MET A 334 2.78 23.95 11.80
N THR A 335 2.68 23.90 10.47
CA THR A 335 3.83 24.05 9.60
C THR A 335 3.62 25.16 8.57
N ASP A 336 4.73 25.70 8.06
CA ASP A 336 4.72 26.78 7.09
C ASP A 336 4.01 26.44 5.78
N LYS A 337 3.31 27.44 5.25
CA LYS A 337 2.60 27.35 3.98
C LYS A 337 3.13 28.52 3.14
N GLY A 338 3.02 29.73 3.69
CA GLY A 338 3.50 30.94 3.05
C GLY A 338 2.97 31.24 1.67
N SER A 339 1.72 30.87 1.42
CA SER A 339 1.11 31.08 0.11
C SER A 339 -0.13 31.97 0.17
N TYR A 340 -0.43 32.62 -0.95
CA TYR A 340 -1.62 33.47 -1.04
C TYR A 340 -2.85 32.57 -0.83
N PRO A 341 -3.90 33.08 -0.17
CA PRO A 341 -4.07 34.40 0.44
C PRO A 341 -3.67 34.54 1.91
N GLU A 342 -3.47 33.40 2.59
CA GLU A 342 -3.12 33.43 4.01
C GLU A 342 -1.70 33.87 4.40
N TYR A 343 -0.71 33.49 3.59
CA TYR A 343 0.69 33.82 3.87
C TYR A 343 1.09 33.40 5.28
N SER A 344 0.66 32.20 5.66
CA SER A 344 0.94 31.65 6.98
C SER A 344 2.29 30.97 7.10
N MET A 345 3.12 31.50 7.99
CA MET A 345 4.44 30.92 8.23
C MET A 345 4.60 30.61 9.72
N PRO A 346 3.70 29.76 10.28
CA PRO A 346 3.72 29.40 11.70
C PRO A 346 4.99 28.74 12.21
N LYS A 347 5.54 27.76 11.47
CA LYS A 347 6.74 27.08 11.90
C LYS A 347 7.94 28.04 11.98
N THR A 348 8.08 28.90 10.98
CA THR A 348 9.18 29.87 10.94
C THR A 348 9.12 30.78 12.18
N LEU A 349 7.91 31.22 12.50
CA LEU A 349 7.67 32.09 13.65
C LEU A 349 8.21 31.45 14.93
N VAL A 350 7.76 30.23 15.22
CA VAL A 350 8.18 29.54 16.43
C VAL A 350 9.68 29.37 16.50
N GLN A 351 10.31 29.07 15.37
CA GLN A 351 11.76 28.88 15.34
C GLN A 351 12.50 30.15 15.75
N ASN A 352 12.03 31.31 15.27
CA ASN A 352 12.67 32.57 15.61
C ASN A 352 12.45 32.92 17.08
N ILE A 353 11.23 32.70 17.56
CA ILE A 353 10.90 32.97 18.96
C ILE A 353 11.81 32.12 19.85
N ALA A 354 11.84 30.81 19.57
CA ALA A 354 12.65 29.86 20.33
C ALA A 354 14.11 30.26 20.36
N THR A 355 14.64 30.63 19.19
CA THR A 355 16.04 31.04 19.07
C THR A 355 16.33 32.27 19.92
N LEU A 356 15.43 33.23 19.83
CA LEU A 356 15.55 34.48 20.59
C LEU A 356 15.48 34.17 22.10
N ALA A 357 14.47 33.40 22.48
CA ALA A 357 14.24 33.02 23.87
C ALA A 357 15.47 32.36 24.45
N ASN A 358 15.91 31.27 23.83
CA ASN A 358 17.07 30.55 24.30
C ASN A 358 18.31 31.44 24.30
N GLU A 359 18.36 32.36 23.35
CA GLU A 359 19.47 33.30 23.21
C GLU A 359 19.51 34.26 24.42
N LYS A 360 18.34 34.66 24.88
CA LYS A 360 18.22 35.57 26.02
C LYS A 360 18.15 34.83 27.35
N GLY A 361 18.08 33.50 27.30
CA GLY A 361 18.01 32.73 28.52
C GLY A 361 16.64 32.81 29.15
N ILE A 362 15.62 32.84 28.31
CA ILE A 362 14.25 32.90 28.78
C ILE A 362 13.67 31.48 28.69
N VAL A 363 13.00 31.04 29.76
CA VAL A 363 12.39 29.72 29.78
C VAL A 363 11.22 29.72 28.82
N LEU A 364 11.23 28.78 27.89
CA LEU A 364 10.22 28.69 26.87
C LEU A 364 9.23 27.52 26.99
N ASN A 365 7.95 27.82 26.81
CA ASN A 365 6.89 26.82 26.87
C ASN A 365 6.04 26.97 25.63
N GLY A 366 5.28 25.94 25.30
CA GLY A 366 4.44 26.05 24.12
C GLY A 366 3.10 25.41 24.29
N GLU A 367 2.20 25.71 23.36
CA GLU A 367 0.87 25.12 23.35
C GLU A 367 0.31 25.10 21.94
N ASN A 368 -0.60 24.18 21.67
CA ASN A 368 -1.22 24.07 20.36
C ASN A 368 -2.29 25.14 20.22
N ALA A 369 -2.46 25.64 19.00
CA ALA A 369 -3.45 26.67 18.74
C ALA A 369 -4.86 26.10 18.65
N LEU A 370 -5.00 25.01 17.89
CA LEU A 370 -6.31 24.39 17.69
C LEU A 370 -6.33 22.95 18.19
N SER A 371 -7.52 22.43 18.41
CA SER A 371 -7.70 21.04 18.88
C SER A 371 -7.04 20.08 17.91
N ILE A 372 -6.29 19.14 18.45
CA ILE A 372 -5.61 18.13 17.66
C ILE A 372 -6.45 16.85 17.70
N GLY A 373 -6.68 16.29 16.52
CA GLY A 373 -7.46 15.07 16.43
C GLY A 373 -6.76 14.08 15.53
N ASN A 374 -5.48 14.30 15.30
CA ASN A 374 -4.67 13.47 14.43
C ASN A 374 -3.25 13.40 14.99
N GLU A 375 -2.70 12.19 15.05
CA GLU A 375 -1.36 11.98 15.61
C GLU A 375 -0.25 12.70 14.85
N GLU A 376 -0.49 13.03 13.59
CA GLU A 376 0.51 13.74 12.79
C GLU A 376 0.86 15.09 13.43
N GLU A 377 -0.14 15.74 14.02
CA GLU A 377 0.08 17.02 14.68
C GLU A 377 0.95 16.85 15.91
N TYR A 378 0.70 15.77 16.66
CA TYR A 378 1.48 15.50 17.86
C TYR A 378 2.94 15.38 17.45
N LYS A 379 3.17 14.71 16.32
CA LYS A 379 4.53 14.54 15.81
C LYS A 379 5.16 15.89 15.49
N ARG A 380 4.38 16.79 14.91
CA ARG A 380 4.89 18.13 14.59
C ARG A 380 5.25 18.88 15.88
N VAL A 381 4.39 18.77 16.90
CA VAL A 381 4.67 19.42 18.17
C VAL A 381 5.95 18.83 18.77
N ALA A 382 6.12 17.51 18.66
CA ALA A 382 7.29 16.82 19.18
C ALA A 382 8.60 17.33 18.57
N GLU A 383 8.61 17.53 17.26
CA GLU A 383 9.81 18.00 16.57
C GLU A 383 10.23 19.37 17.08
N MET A 384 9.26 20.27 17.23
CA MET A 384 9.54 21.62 17.72
C MET A 384 9.95 21.64 19.19
N ALA A 385 9.12 21.05 20.03
CA ALA A 385 9.36 21.00 21.46
C ALA A 385 10.69 20.37 21.86
N PHE A 386 10.99 19.21 21.29
CA PHE A 386 12.22 18.50 21.64
C PHE A 386 13.50 18.95 20.94
N ASN A 387 13.37 19.75 19.89
CA ASN A 387 14.56 20.24 19.20
C ASN A 387 14.87 21.71 19.43
N TYR A 388 13.88 22.45 19.94
CA TYR A 388 14.04 23.88 20.21
C TYR A 388 14.05 24.25 21.70
N ASN A 389 14.41 23.26 22.51
CA ASN A 389 14.57 23.41 23.96
C ASN A 389 13.36 23.89 24.79
N PHE A 390 12.16 23.41 24.47
CA PHE A 390 10.98 23.80 25.23
C PHE A 390 10.95 23.13 26.61
N ALA A 391 10.68 23.91 27.65
CA ALA A 391 10.60 23.40 29.02
C ALA A 391 9.25 22.73 29.29
N GLY A 392 8.24 23.09 28.50
CA GLY A 392 6.94 22.49 28.71
C GLY A 392 6.01 22.67 27.53
N PHE A 393 5.00 21.80 27.47
CA PHE A 393 4.00 21.85 26.41
C PHE A 393 2.62 21.63 27.03
N THR A 394 1.67 22.47 26.66
CA THR A 394 0.31 22.39 27.18
C THR A 394 -0.67 22.01 26.08
N LEU A 395 -1.45 20.96 26.32
CA LEU A 395 -2.43 20.52 25.35
C LEU A 395 -3.83 21.11 25.54
N LEU A 396 -4.33 21.71 24.47
CA LEU A 396 -5.67 22.26 24.45
C LEU A 396 -6.43 21.19 23.64
N ARG A 397 -7.46 20.56 24.21
CA ARG A 397 -7.94 20.82 25.56
C ARG A 397 -8.53 19.52 26.13
N TYR A 398 -8.65 19.48 27.46
CA TYR A 398 -9.20 18.37 28.24
C TYR A 398 -10.04 17.32 27.51
N GLN A 399 -11.24 17.72 27.11
CA GLN A 399 -12.19 16.85 26.44
C GLN A 399 -11.74 16.09 25.19
N ASP A 400 -10.73 16.62 24.48
CA ASP A 400 -10.24 15.97 23.25
C ASP A 400 -9.61 14.59 23.48
N VAL A 401 -8.76 14.49 24.50
CA VAL A 401 -8.09 13.23 24.83
C VAL A 401 -8.76 12.46 25.97
N MET A 402 -9.46 13.19 26.84
CA MET A 402 -10.14 12.56 27.97
C MET A 402 -11.23 11.58 27.50
N TYR A 403 -11.85 11.89 26.36
CA TYR A 403 -12.89 11.03 25.83
C TYR A 403 -12.52 10.35 24.50
N ASN A 404 -11.22 10.20 24.26
CA ASN A 404 -10.72 9.53 23.06
C ASN A 404 -9.43 8.84 23.46
N ASN A 405 -9.58 7.59 23.89
CA ASN A 405 -8.45 6.79 24.32
C ASN A 405 -7.38 6.61 23.24
N SER A 406 -7.78 6.68 21.97
CA SER A 406 -6.82 6.54 20.87
C SER A 406 -5.87 7.71 20.84
N LEU A 407 -6.42 8.92 20.83
CA LEU A 407 -5.61 10.13 20.84
C LEU A 407 -4.77 10.15 22.10
N MET A 408 -5.41 9.83 23.22
CA MET A 408 -4.74 9.81 24.51
C MET A 408 -3.51 8.90 24.44
N GLY A 409 -3.68 7.71 23.85
CA GLY A 409 -2.57 6.78 23.75
C GLY A 409 -1.42 7.32 22.91
N LYS A 410 -1.77 7.99 21.82
CA LYS A 410 -0.78 8.56 20.92
C LYS A 410 -0.06 9.72 21.62
N PHE A 411 -0.81 10.52 22.38
CA PHE A 411 -0.20 11.61 23.12
C PHE A 411 0.84 11.06 24.08
N LYS A 412 0.44 10.05 24.85
CA LYS A 412 1.33 9.42 25.82
C LYS A 412 2.65 9.02 25.17
N ASP A 413 2.56 8.30 24.07
CA ASP A 413 3.73 7.84 23.34
C ASP A 413 4.64 8.96 22.85
N LEU A 414 4.07 9.91 22.11
CA LEU A 414 4.85 11.00 21.54
C LEU A 414 5.22 12.15 22.47
N LEU A 415 4.26 12.66 23.23
CA LEU A 415 4.51 13.82 24.09
C LEU A 415 4.46 13.65 25.61
N GLY A 416 3.74 12.65 26.10
CA GLY A 416 3.66 12.46 27.54
C GLY A 416 4.87 11.70 28.06
N VAL A 417 6.06 12.21 27.78
CA VAL A 417 7.30 11.54 28.17
C VAL A 417 8.09 12.14 29.32
N THR A 418 8.92 11.30 29.93
CA THR A 418 9.78 11.68 31.03
C THR A 418 11.24 11.71 30.58
N PRO A 419 11.90 12.88 30.67
CA PRO A 419 13.29 12.99 30.27
C PRO A 419 14.24 12.34 31.27
N VAL A 420 15.08 11.43 30.81
CA VAL A 420 16.07 10.77 31.68
C VAL A 420 17.45 10.86 31.04
N MET A 421 18.45 11.17 31.86
CA MET A 421 19.85 11.29 31.43
C MET A 421 20.45 9.90 31.23
N GLN A 422 21.13 9.70 30.11
CA GLN A 422 21.76 8.42 29.79
C GLN A 422 23.10 8.70 29.12
N THR A 423 23.99 7.72 29.14
CA THR A 423 25.31 7.87 28.51
C THR A 423 25.43 7.01 27.25
N ILE A 424 25.84 7.65 26.15
CA ILE A 424 26.00 6.96 24.87
C ILE A 424 27.49 6.84 24.57
N VAL A 425 27.96 5.63 24.33
CA VAL A 425 29.38 5.38 24.05
C VAL A 425 29.55 4.63 22.73
N VAL A 426 30.50 5.12 21.92
CA VAL A 426 30.82 4.51 20.62
C VAL A 426 32.31 4.20 20.63
N LYS A 427 32.64 2.92 20.47
CA LYS A 427 34.01 2.46 20.48
C LYS A 427 34.64 2.48 19.09
N ASN A 428 35.95 2.72 19.07
CA ASN A 428 36.76 2.79 17.86
C ASN A 428 36.17 3.46 16.62
N VAL A 429 35.98 4.77 16.74
CA VAL A 429 35.45 5.60 15.67
C VAL A 429 36.68 6.08 14.86
N PRO A 430 36.70 5.80 13.54
CA PRO A 430 37.77 6.16 12.60
C PRO A 430 37.85 7.67 12.34
N THR A 431 38.37 8.43 13.29
CA THR A 431 38.45 9.88 13.13
C THR A 431 39.86 10.43 12.93
N THR A 432 39.92 11.59 12.27
CA THR A 432 41.16 12.31 12.02
C THR A 432 40.86 13.72 12.52
N ILE A 433 41.89 14.52 12.77
CA ILE A 433 41.67 15.89 13.26
C ILE A 433 40.71 16.69 12.39
N GLY A 434 39.74 17.32 13.05
CA GLY A 434 38.74 18.09 12.35
C GLY A 434 37.43 17.32 12.29
N ASP A 435 37.47 16.05 12.69
CA ASP A 435 36.27 15.21 12.70
C ASP A 435 35.55 15.23 14.03
N THR A 436 34.24 15.49 13.98
CA THR A 436 33.38 15.49 15.17
C THR A 436 32.41 14.32 15.05
N VAL A 437 32.02 13.74 16.18
CA VAL A 437 31.11 12.61 16.16
C VAL A 437 29.72 12.97 16.68
N TYR A 438 28.69 12.45 16.02
CA TYR A 438 27.30 12.70 16.40
C TYR A 438 26.47 11.44 16.31
N ILE A 439 25.27 11.51 16.86
CA ILE A 439 24.32 10.41 16.78
C ILE A 439 22.98 11.04 16.41
N THR A 440 22.15 10.28 15.72
CA THR A 440 20.84 10.77 15.32
C THR A 440 19.94 9.52 15.32
N GLY A 441 18.64 9.71 15.58
CA GLY A 441 17.77 8.57 15.64
C GLY A 441 16.38 8.80 15.13
N ASN A 442 15.52 7.80 15.32
CA ASN A 442 14.15 7.85 14.82
C ASN A 442 13.18 8.84 15.44
N ARG A 443 13.15 8.90 16.78
CA ARG A 443 12.24 9.81 17.47
C ARG A 443 12.69 11.29 17.38
N ALA A 444 11.75 12.20 17.61
CA ALA A 444 12.01 13.64 17.56
C ALA A 444 13.06 14.04 18.58
N GLU A 445 13.07 13.34 19.71
CA GLU A 445 14.02 13.59 20.78
C GLU A 445 15.45 13.37 20.27
N LEU A 446 15.56 12.50 19.26
CA LEU A 446 16.84 12.17 18.65
C LEU A 446 17.14 12.91 17.36
N GLY A 447 16.28 13.87 17.01
CA GLY A 447 16.48 14.65 15.80
C GLY A 447 15.85 14.08 14.54
N SER A 448 15.14 12.96 14.68
CA SER A 448 14.47 12.30 13.57
C SER A 448 15.33 12.01 12.35
N TRP A 449 16.51 11.45 12.57
CA TRP A 449 17.47 11.09 11.51
C TRP A 449 18.11 12.26 10.78
N ASP A 450 17.87 13.48 11.28
CA ASP A 450 18.43 14.68 10.68
C ASP A 450 19.90 14.81 11.04
N THR A 451 20.72 15.14 10.04
CA THR A 451 22.15 15.30 10.25
C THR A 451 22.61 16.75 10.10
N LYS A 452 21.73 17.59 9.55
CA LYS A 452 22.04 18.99 9.31
C LYS A 452 22.07 19.87 10.55
N GLN A 453 20.92 20.07 11.19
CA GLN A 453 20.85 20.94 12.36
C GLN A 453 20.38 20.36 13.69
N TYR A 454 19.82 19.15 13.67
CA TYR A 454 19.33 18.51 14.90
C TYR A 454 20.15 17.36 15.53
N PRO A 455 21.26 16.92 14.90
CA PRO A 455 22.02 15.83 15.52
C PRO A 455 22.57 16.16 16.90
N ILE A 456 22.76 15.12 17.72
CA ILE A 456 23.27 15.29 19.07
C ILE A 456 24.76 14.99 19.06
N GLN A 457 25.57 15.96 19.49
CA GLN A 457 27.01 15.80 19.49
C GLN A 457 27.60 14.95 20.60
N LEU A 458 28.64 14.19 20.25
CA LEU A 458 29.35 13.34 21.19
C LEU A 458 30.75 13.94 21.30
N TYR A 459 31.43 13.65 22.41
CA TYR A 459 32.78 14.17 22.64
C TYR A 459 33.74 13.04 22.94
N TYR A 460 34.99 13.25 22.54
CA TYR A 460 36.06 12.27 22.73
C TYR A 460 36.48 12.17 24.18
N ASP A 461 36.55 10.94 24.68
CA ASP A 461 36.93 10.71 26.06
C ASP A 461 38.41 10.35 26.11
N SER A 462 39.24 11.38 26.25
CA SER A 462 40.70 11.24 26.32
C SER A 462 41.16 10.05 27.15
N HIS A 463 40.58 9.94 28.34
CA HIS A 463 40.90 8.86 29.30
C HIS A 463 40.69 7.43 28.77
N SER A 464 39.45 7.11 28.39
CA SER A 464 39.13 5.76 27.92
C SER A 464 39.26 5.57 26.41
N ASN A 465 39.43 6.67 25.68
CA ASN A 465 39.58 6.65 24.22
C ASN A 465 38.35 6.09 23.49
N ASP A 466 37.30 6.89 23.46
CA ASP A 466 36.05 6.54 22.80
C ASP A 466 35.21 7.81 22.75
N TRP A 467 34.20 7.82 21.89
CA TRP A 467 33.34 8.99 21.80
C TRP A 467 32.09 8.69 22.61
N ARG A 468 31.75 9.60 23.51
CA ARG A 468 30.59 9.41 24.36
C ARG A 468 29.93 10.73 24.70
N GLY A 469 28.69 10.64 25.20
CA GLY A 469 27.97 11.84 25.57
C GLY A 469 26.84 11.56 26.54
N ASN A 470 26.51 12.56 27.34
CA ASN A 470 25.42 12.46 28.30
C ASN A 470 24.22 13.04 27.60
N VAL A 471 23.34 12.17 27.12
CA VAL A 471 22.17 12.56 26.38
C VAL A 471 20.88 12.37 27.16
N VAL A 472 19.92 13.25 26.92
CA VAL A 472 18.63 13.16 27.59
C VAL A 472 17.67 12.47 26.62
N LEU A 473 17.19 11.30 27.02
CA LEU A 473 16.26 10.50 26.22
C LEU A 473 14.91 10.33 26.91
N PRO A 474 13.86 9.98 26.13
CA PRO A 474 12.55 9.78 26.75
C PRO A 474 12.58 8.40 27.41
N ALA A 475 12.23 8.34 28.69
CA ALA A 475 12.22 7.08 29.42
C ALA A 475 11.12 6.14 28.93
N GLU A 476 11.41 4.84 28.96
CA GLU A 476 10.45 3.82 28.56
C GLU A 476 9.91 3.93 27.14
N ARG A 477 10.77 4.27 26.20
CA ARG A 477 10.39 4.39 24.79
C ARG A 477 11.45 3.64 24.01
N ASN A 478 11.05 2.99 22.92
CA ASN A 478 11.99 2.25 22.07
C ASN A 478 12.65 3.25 21.13
N ILE A 479 13.98 3.22 21.03
CA ILE A 479 14.67 4.12 20.12
C ILE A 479 15.65 3.41 19.21
N GLU A 480 15.89 4.01 18.06
CA GLU A 480 16.83 3.50 17.07
C GLU A 480 17.75 4.66 16.77
N PHE A 481 19.04 4.39 16.73
CA PHE A 481 20.01 5.46 16.46
C PHE A 481 21.30 4.93 15.85
N LYS A 482 22.03 5.82 15.19
CA LYS A 482 23.29 5.46 14.58
C LYS A 482 24.24 6.66 14.72
N ALA A 483 25.52 6.37 14.96
CA ALA A 483 26.53 7.40 15.09
C ALA A 483 27.07 7.71 13.69
N PHE A 484 27.64 8.90 13.51
CA PHE A 484 28.20 9.30 12.22
C PHE A 484 29.26 10.38 12.41
N ILE A 485 30.23 10.40 11.50
CA ILE A 485 31.31 11.38 11.57
C ILE A 485 31.02 12.52 10.61
N LYS A 486 31.38 13.73 11.05
CA LYS A 486 31.19 14.92 10.26
C LYS A 486 32.57 15.55 10.13
N SER A 487 33.00 15.78 8.90
CA SER A 487 34.30 16.38 8.64
C SER A 487 34.34 17.85 9.07
N LYS A 488 35.55 18.41 9.14
CA LYS A 488 35.76 19.79 9.55
C LYS A 488 34.96 20.81 8.73
N ASP A 489 34.61 20.45 7.50
CA ASP A 489 33.83 21.34 6.62
C ASP A 489 32.32 21.25 6.86
N GLY A 490 31.92 20.38 7.78
CA GLY A 490 30.51 20.21 8.11
C GLY A 490 29.72 19.18 7.31
N THR A 491 30.42 18.31 6.56
CA THR A 491 29.73 17.30 5.77
C THR A 491 29.88 15.92 6.41
N VAL A 492 28.88 15.06 6.22
CA VAL A 492 28.95 13.72 6.79
C VAL A 492 30.02 12.93 6.07
N LYS A 493 31.00 12.44 6.83
CA LYS A 493 32.08 11.64 6.30
C LYS A 493 31.67 10.17 6.24
N SER A 494 31.04 9.68 7.31
CA SER A 494 30.61 8.29 7.37
C SER A 494 29.60 7.97 8.46
N TRP A 495 29.12 6.74 8.43
CA TRP A 495 28.12 6.26 9.38
C TRP A 495 28.53 5.01 10.13
N GLN A 496 27.92 4.82 11.29
CA GLN A 496 28.17 3.62 12.08
C GLN A 496 27.61 2.49 11.24
N THR A 497 28.33 1.37 11.20
CA THR A 497 27.90 0.24 10.38
C THR A 497 26.53 -0.35 10.67
N ILE A 498 26.28 -0.66 11.93
CA ILE A 498 25.00 -1.25 12.32
C ILE A 498 24.13 -0.30 13.13
N GLN A 499 22.84 -0.29 12.82
CA GLN A 499 21.88 0.57 13.51
C GLN A 499 21.64 0.09 14.93
N GLN A 500 21.89 0.98 15.88
CA GLN A 500 21.71 0.68 17.30
C GLN A 500 20.27 0.89 17.78
N SER A 501 19.94 0.25 18.90
CA SER A 501 18.62 0.37 19.48
C SER A 501 18.66 0.24 21.00
N TRP A 502 17.61 0.74 21.65
CA TRP A 502 17.46 0.67 23.09
C TRP A 502 15.96 0.47 23.28
N ASN A 503 15.57 -0.77 23.53
CA ASN A 503 14.16 -1.10 23.66
C ASN A 503 13.75 -1.65 25.02
N PRO A 504 13.30 -0.76 25.93
CA PRO A 504 13.22 0.68 25.74
C PRO A 504 14.35 1.40 26.47
N VAL A 505 14.32 2.72 26.47
CA VAL A 505 15.32 3.49 27.19
C VAL A 505 14.93 3.26 28.66
N PRO A 506 15.90 2.86 29.51
CA PRO A 506 15.62 2.61 30.92
C PRO A 506 15.27 3.88 31.71
N LEU A 507 14.46 3.71 32.74
CA LEU A 507 14.03 4.81 33.58
C LEU A 507 15.18 5.32 34.44
N LYS A 508 16.10 4.42 34.76
CA LYS A 508 17.27 4.75 35.57
C LYS A 508 18.44 5.04 34.65
N THR A 509 19.25 6.03 35.03
CA THR A 509 20.43 6.39 34.24
C THR A 509 21.43 5.24 34.18
N THR A 510 21.99 5.03 32.99
CA THR A 510 22.96 3.97 32.74
C THR A 510 23.60 4.32 31.40
N SER A 511 24.10 3.33 30.66
CA SER A 511 24.72 3.64 29.38
C SER A 511 24.56 2.60 28.29
N HIS A 512 24.58 3.07 27.04
CA HIS A 512 24.47 2.24 25.87
C HIS A 512 25.81 2.38 25.17
N THR A 513 26.51 1.26 24.99
CA THR A 513 27.81 1.30 24.32
C THR A 513 27.83 0.37 23.11
N SER A 514 28.48 0.82 22.04
CA SER A 514 28.58 0.04 20.82
C SER A 514 29.82 0.45 20.05
N SER A 515 30.30 -0.43 19.17
CA SER A 515 31.47 -0.13 18.36
C SER A 515 31.02 0.42 17.03
N TRP A 516 31.90 1.19 16.40
CA TRP A 516 31.64 1.80 15.11
C TRP A 516 31.33 0.73 14.04
N ALA B 1 -24.19 -35.85 8.11
CA ALA B 1 -22.98 -35.12 8.62
C ALA B 1 -21.74 -36.02 8.55
N VAL B 2 -20.62 -35.51 9.03
CA VAL B 2 -19.37 -36.28 9.05
C VAL B 2 -19.56 -37.51 9.94
N ASN B 3 -18.83 -38.58 9.66
CA ASN B 3 -18.91 -39.80 10.45
C ASN B 3 -20.25 -40.53 10.33
N GLY B 4 -20.98 -40.29 9.24
CA GLY B 4 -22.25 -40.96 9.04
C GLY B 4 -23.37 -40.56 9.99
N LYS B 5 -23.12 -39.56 10.84
CA LYS B 5 -24.14 -39.08 11.78
C LYS B 5 -24.95 -37.91 11.19
N GLY B 6 -25.68 -37.20 12.04
CA GLY B 6 -26.48 -36.09 11.59
C GLY B 6 -26.23 -34.78 12.34
N MET B 7 -27.19 -33.86 12.24
CA MET B 7 -27.09 -32.57 12.91
C MET B 7 -27.29 -32.76 14.41
N ASN B 8 -26.65 -31.90 15.19
CA ASN B 8 -26.75 -31.94 16.65
C ASN B 8 -28.20 -31.67 17.08
N PRO B 9 -28.80 -32.60 17.84
CA PRO B 9 -30.18 -32.45 18.31
C PRO B 9 -30.42 -31.26 19.25
N ASP B 10 -29.35 -30.75 19.86
CA ASP B 10 -29.43 -29.62 20.78
C ASP B 10 -29.16 -28.29 20.05
N TYR B 11 -29.07 -28.33 18.72
CA TYR B 11 -28.80 -27.14 17.91
C TYR B 11 -29.80 -26.01 18.16
N LYS B 12 -29.25 -24.81 18.36
CA LYS B 12 -30.05 -23.60 18.58
C LYS B 12 -29.41 -22.44 17.82
N ALA B 13 -30.24 -21.56 17.27
CA ALA B 13 -29.77 -20.37 16.55
C ALA B 13 -29.95 -19.16 17.48
N TYR B 14 -28.93 -18.30 17.55
CA TYR B 14 -28.98 -17.09 18.38
C TYR B 14 -28.74 -15.84 17.54
N LEU B 15 -29.14 -14.68 18.05
CA LEU B 15 -28.96 -13.42 17.34
C LEU B 15 -28.16 -12.43 18.19
N MET B 16 -27.15 -11.79 17.59
CA MET B 16 -26.34 -10.81 18.30
C MET B 16 -27.06 -9.48 18.41
N ALA B 17 -27.12 -8.92 19.62
CA ALA B 17 -27.76 -7.63 19.83
C ALA B 17 -26.81 -6.54 19.31
N PRO B 18 -27.32 -5.30 19.11
CA PRO B 18 -26.46 -4.22 18.62
C PRO B 18 -25.39 -3.90 19.66
N LEU B 19 -24.31 -3.25 19.23
CA LEU B 19 -23.21 -2.86 20.11
C LEU B 19 -23.59 -1.66 21.01
N LYS B 20 -24.59 -0.89 20.57
CA LYS B 20 -25.07 0.27 21.32
C LYS B 20 -26.29 -0.11 22.15
N LYS B 21 -26.58 0.67 23.19
CA LYS B 21 -27.72 0.40 24.05
C LYS B 21 -29.02 0.53 23.28
N ILE B 22 -29.95 -0.37 23.58
CA ILE B 22 -31.24 -0.39 22.91
C ILE B 22 -31.92 0.97 22.84
N PRO B 23 -31.95 1.72 23.96
CA PRO B 23 -32.59 3.04 23.94
C PRO B 23 -31.92 4.00 22.95
N GLU B 24 -30.68 3.72 22.58
CA GLU B 24 -29.94 4.54 21.62
C GLU B 24 -30.27 4.17 20.18
N VAL B 25 -30.83 2.99 19.98
CA VAL B 25 -31.18 2.50 18.66
C VAL B 25 -32.68 2.56 18.37
N THR B 26 -33.49 2.35 19.41
CA THR B 26 -34.94 2.35 19.29
C THR B 26 -35.51 2.44 20.70
N ASN B 27 -36.76 2.03 20.89
CA ASN B 27 -37.37 2.06 22.22
C ASN B 27 -37.64 0.62 22.68
N TRP B 28 -37.90 0.44 23.96
CA TRP B 28 -38.13 -0.91 24.50
C TRP B 28 -39.30 -1.67 23.94
N GLU B 29 -40.41 -0.99 23.66
CA GLU B 29 -41.60 -1.66 23.14
C GLU B 29 -41.36 -2.22 21.75
N THR B 30 -40.63 -1.46 20.94
CA THR B 30 -40.30 -1.86 19.58
C THR B 30 -39.34 -3.05 19.67
N PHE B 31 -38.34 -2.95 20.56
CA PHE B 31 -37.36 -4.01 20.79
C PHE B 31 -38.03 -5.36 21.09
N GLU B 32 -39.06 -5.33 21.94
CA GLU B 32 -39.80 -6.53 22.30
C GLU B 32 -40.47 -7.16 21.09
N ASN B 33 -41.06 -6.32 20.25
CA ASN B 33 -41.72 -6.79 19.04
C ASN B 33 -40.72 -7.37 18.04
N ASP B 34 -39.51 -6.82 18.04
CA ASP B 34 -38.44 -7.30 17.17
C ASP B 34 -38.01 -8.69 17.65
N LEU B 35 -38.00 -8.86 18.97
CA LEU B 35 -37.63 -10.14 19.58
C LEU B 35 -38.67 -11.21 19.23
N ARG B 36 -39.95 -10.85 19.28
CA ARG B 36 -41.02 -11.78 18.94
C ARG B 36 -40.93 -12.17 17.47
N TRP B 37 -40.48 -11.23 16.64
CA TRP B 37 -40.31 -11.50 15.22
C TRP B 37 -39.11 -12.44 15.07
N ALA B 38 -38.02 -12.13 15.79
CA ALA B 38 -36.81 -12.94 15.73
C ALA B 38 -37.10 -14.38 16.15
N LYS B 39 -37.90 -14.53 17.20
CA LYS B 39 -38.28 -15.82 17.75
C LYS B 39 -39.15 -16.56 16.73
N GLN B 40 -39.87 -15.79 15.92
CA GLN B 40 -40.75 -16.33 14.88
C GLN B 40 -39.93 -16.90 13.72
N ASN B 41 -38.69 -16.45 13.58
CA ASN B 41 -37.83 -16.93 12.51
C ASN B 41 -36.80 -17.94 12.99
N GLY B 42 -37.12 -18.62 14.08
CA GLY B 42 -36.22 -19.64 14.61
C GLY B 42 -35.14 -19.26 15.59
N PHE B 43 -35.05 -18.00 15.99
CA PHE B 43 -34.05 -17.60 16.97
C PHE B 43 -34.53 -17.99 18.37
N TYR B 44 -33.64 -18.65 19.12
CA TYR B 44 -33.95 -19.10 20.48
C TYR B 44 -33.59 -18.06 21.53
N ALA B 45 -32.45 -17.40 21.33
CA ALA B 45 -31.98 -16.40 22.26
C ALA B 45 -31.21 -15.27 21.59
N ILE B 46 -31.03 -14.18 22.31
CA ILE B 46 -30.28 -13.04 21.81
C ILE B 46 -29.05 -12.91 22.71
N THR B 47 -27.87 -12.78 22.10
CA THR B 47 -26.64 -12.60 22.87
C THR B 47 -26.46 -11.09 23.03
N VAL B 48 -25.88 -10.65 24.14
CA VAL B 48 -25.70 -9.22 24.35
C VAL B 48 -24.51 -8.85 25.24
N ASP B 49 -23.75 -7.84 24.82
CA ASP B 49 -22.59 -7.38 25.58
C ASP B 49 -23.02 -6.47 26.71
N PHE B 50 -22.51 -6.74 27.91
CA PHE B 50 -22.76 -5.89 29.06
C PHE B 50 -21.33 -5.47 29.37
N TRP B 51 -21.02 -4.23 29.04
CA TRP B 51 -19.68 -3.68 29.19
C TRP B 51 -19.24 -3.35 30.60
N TRP B 52 -18.02 -3.76 30.92
CA TRP B 52 -17.43 -3.50 32.22
C TRP B 52 -17.35 -1.96 32.38
N GLY B 53 -17.09 -1.29 31.26
CA GLY B 53 -16.98 0.16 31.24
C GLY B 53 -18.25 0.84 31.71
N ASP B 54 -19.40 0.17 31.56
CA ASP B 54 -20.69 0.72 31.99
C ASP B 54 -21.11 0.26 33.41
N MET B 55 -20.90 -1.03 33.69
CA MET B 55 -21.30 -1.63 34.96
C MET B 55 -20.53 -1.28 36.22
N GLU B 56 -19.30 -0.81 36.09
CA GLU B 56 -18.49 -0.46 37.25
C GLU B 56 -17.60 0.71 36.84
N LYS B 57 -18.24 1.69 36.21
CA LYS B 57 -17.58 2.86 35.69
C LYS B 57 -16.89 3.85 36.63
N ASN B 58 -17.58 4.23 37.69
CA ASN B 58 -17.07 5.24 38.61
C ASN B 58 -16.01 4.88 39.63
N GLY B 59 -15.84 3.59 39.91
CA GLY B 59 -14.83 3.19 40.87
C GLY B 59 -15.04 1.76 41.33
N ASP B 60 -14.09 1.27 42.10
CA ASP B 60 -14.15 -0.09 42.62
C ASP B 60 -15.44 -0.34 43.40
N GLN B 61 -16.15 -1.38 42.99
CA GLN B 61 -17.38 -1.81 43.64
C GLN B 61 -18.55 -0.84 43.55
N GLN B 62 -18.46 0.14 42.63
CA GLN B 62 -19.54 1.09 42.43
C GLN B 62 -20.27 0.64 41.18
N PHE B 63 -21.05 -0.42 41.32
CA PHE B 63 -21.78 -1.06 40.22
C PHE B 63 -23.06 -0.40 39.74
N ASP B 64 -23.43 -0.74 38.52
CA ASP B 64 -24.66 -0.26 37.91
C ASP B 64 -25.17 -1.32 36.93
N PHE B 65 -26.17 -2.07 37.38
CA PHE B 65 -26.77 -3.14 36.57
C PHE B 65 -28.18 -2.79 36.13
N SER B 66 -28.55 -1.52 36.25
CA SER B 66 -29.89 -1.08 35.88
C SER B 66 -30.26 -1.38 34.42
N TYR B 67 -29.31 -1.16 33.51
CA TYR B 67 -29.56 -1.43 32.09
C TYR B 67 -29.69 -2.94 31.86
N ALA B 68 -28.77 -3.72 32.41
CA ALA B 68 -28.79 -5.17 32.27
C ALA B 68 -30.13 -5.77 32.73
N GLN B 69 -30.66 -5.23 33.82
CA GLN B 69 -31.94 -5.68 34.38
C GLN B 69 -33.11 -5.25 33.50
N ARG B 70 -33.03 -4.03 32.96
CA ARG B 70 -34.07 -3.51 32.09
C ARG B 70 -34.10 -4.32 30.79
N PHE B 71 -32.92 -4.64 30.29
CA PHE B 71 -32.79 -5.43 29.07
C PHE B 71 -33.50 -6.77 29.30
N ALA B 72 -33.16 -7.43 30.40
CA ALA B 72 -33.75 -8.72 30.76
C ALA B 72 -35.27 -8.67 30.89
N GLN B 73 -35.81 -7.58 31.43
CA GLN B 73 -37.25 -7.44 31.57
C GLN B 73 -37.95 -7.50 30.21
N SER B 74 -37.37 -6.81 29.23
CA SER B 74 -37.93 -6.79 27.87
C SER B 74 -37.83 -8.17 27.20
N VAL B 75 -36.71 -8.86 27.38
CA VAL B 75 -36.51 -10.20 26.83
C VAL B 75 -37.63 -11.10 27.39
N LYS B 76 -37.85 -10.95 28.69
CA LYS B 76 -38.87 -11.69 29.41
C LYS B 76 -40.26 -11.35 28.85
N ASN B 77 -40.49 -10.08 28.56
CA ASN B 77 -41.77 -9.67 28.01
C ASN B 77 -42.01 -10.24 26.62
N ALA B 78 -40.96 -10.30 25.80
CA ALA B 78 -41.07 -10.82 24.44
C ALA B 78 -41.19 -12.33 24.39
N GLY B 79 -41.04 -12.99 25.55
CA GLY B 79 -41.12 -14.44 25.63
C GLY B 79 -39.89 -15.07 25.01
N MET B 80 -38.74 -14.42 25.18
CA MET B 80 -37.47 -14.87 24.64
C MET B 80 -36.44 -15.20 25.70
N LYS B 81 -35.28 -15.67 25.27
CA LYS B 81 -34.19 -16.00 26.16
C LYS B 81 -32.99 -15.12 25.80
N MET B 82 -32.03 -15.00 26.71
CA MET B 82 -30.87 -14.17 26.43
C MET B 82 -29.58 -14.82 26.89
N ILE B 83 -28.48 -14.38 26.30
CA ILE B 83 -27.16 -14.88 26.64
C ILE B 83 -26.24 -13.70 26.87
N PRO B 84 -26.14 -13.26 28.14
CA PRO B 84 -25.26 -12.13 28.44
C PRO B 84 -23.77 -12.45 28.31
N ILE B 85 -23.03 -11.48 27.81
CA ILE B 85 -21.60 -11.59 27.65
C ILE B 85 -21.04 -10.59 28.65
N ILE B 86 -20.26 -11.07 29.62
CA ILE B 86 -19.65 -10.17 30.61
C ILE B 86 -18.44 -9.60 29.89
N SER B 87 -18.66 -8.53 29.15
CA SER B 87 -17.61 -7.91 28.36
C SER B 87 -16.59 -7.06 29.11
N THR B 88 -15.54 -7.71 29.60
CA THR B 88 -14.45 -7.04 30.31
C THR B 88 -13.38 -6.50 29.35
N HIS B 89 -13.80 -6.19 28.12
CA HIS B 89 -12.91 -5.66 27.10
C HIS B 89 -13.52 -4.38 26.53
N GLN B 90 -12.70 -3.58 25.87
CA GLN B 90 -13.12 -2.33 25.26
C GLN B 90 -14.00 -2.48 24.02
N CYS B 91 -15.09 -1.73 23.96
CA CYS B 91 -15.95 -1.72 22.78
C CYS B 91 -15.40 -0.56 21.98
N GLY B 92 -15.11 -0.81 20.71
CA GLY B 92 -14.55 0.24 19.87
C GLY B 92 -13.11 -0.05 19.52
N GLY B 93 -12.81 -0.07 18.23
CA GLY B 93 -11.46 -0.32 17.78
C GLY B 93 -11.37 -1.57 16.92
N ASN B 94 -12.17 -2.57 17.24
CA ASN B 94 -12.16 -3.82 16.48
C ASN B 94 -13.12 -3.74 15.31
N VAL B 95 -12.91 -4.61 14.34
CA VAL B 95 -13.73 -4.68 13.12
C VAL B 95 -15.21 -4.66 13.45
N GLY B 96 -15.90 -3.69 12.86
CA GLY B 96 -17.33 -3.55 13.06
C GLY B 96 -17.71 -2.82 14.33
N ASP B 97 -16.74 -2.38 15.11
CA ASP B 97 -17.06 -1.67 16.34
C ASP B 97 -17.63 -0.28 16.09
N ASP B 98 -18.89 -0.10 16.47
CA ASP B 98 -19.59 1.18 16.34
C ASP B 98 -19.95 1.61 17.76
N CYS B 99 -18.92 1.85 18.57
CA CYS B 99 -19.12 2.22 19.97
C CYS B 99 -17.78 2.70 20.52
N ASN B 100 -17.81 3.18 21.76
CA ASN B 100 -16.61 3.65 22.44
C ASN B 100 -16.85 3.42 23.93
N VAL B 101 -16.51 2.22 24.39
CA VAL B 101 -16.70 1.87 25.79
C VAL B 101 -15.44 1.18 26.34
N PRO B 102 -14.43 1.96 26.72
CA PRO B 102 -13.21 1.36 27.25
C PRO B 102 -13.45 0.82 28.66
N ILE B 103 -12.56 -0.03 29.14
CA ILE B 103 -12.72 -0.59 30.47
C ILE B 103 -12.47 0.55 31.47
N PRO B 104 -13.06 0.47 32.67
CA PRO B 104 -12.91 1.50 33.70
C PRO B 104 -11.47 2.01 33.87
N SER B 105 -11.28 3.32 33.68
CA SER B 105 -9.96 3.93 33.80
C SER B 105 -9.27 3.79 35.16
N TRP B 106 -10.07 3.62 36.22
CA TRP B 106 -9.55 3.46 37.57
C TRP B 106 -8.74 2.19 37.72
N VAL B 107 -9.05 1.19 36.90
CA VAL B 107 -8.35 -0.09 36.93
C VAL B 107 -6.84 0.09 36.74
N TRP B 108 -6.46 0.97 35.82
CA TRP B 108 -5.05 1.20 35.52
C TRP B 108 -4.22 1.71 36.71
N ASN B 109 -4.86 2.43 37.62
CA ASN B 109 -4.16 2.99 38.79
C ASN B 109 -3.81 1.89 39.82
N GLN B 110 -4.37 0.69 39.64
CA GLN B 110 -4.14 -0.43 40.56
C GLN B 110 -2.71 -0.98 40.58
N LYS B 111 -1.90 -0.61 39.58
CA LYS B 111 -0.52 -1.08 39.47
C LYS B 111 0.45 0.05 39.13
N SER B 112 1.65 -0.04 39.67
CA SER B 112 2.69 0.95 39.42
C SER B 112 3.68 0.45 38.36
N ASP B 113 3.42 -0.72 37.80
CA ASP B 113 4.28 -1.30 36.77
C ASP B 113 3.50 -1.59 35.48
N ASP B 114 4.19 -2.14 34.49
CA ASP B 114 3.56 -2.45 33.21
C ASP B 114 2.97 -3.85 33.14
N SER B 115 2.50 -4.37 34.27
CA SER B 115 1.93 -5.71 34.33
C SER B 115 0.50 -5.79 33.80
N LEU B 116 -0.22 -4.67 33.82
CA LEU B 116 -1.61 -4.67 33.39
C LEU B 116 -1.90 -4.53 31.91
N TYR B 117 -0.92 -4.10 31.12
CA TYR B 117 -1.16 -3.93 29.69
C TYR B 117 -0.21 -4.68 28.76
N PHE B 118 -0.39 -4.46 27.46
CA PHE B 118 0.42 -5.12 26.44
C PHE B 118 1.39 -4.17 25.75
N LYS B 119 2.47 -4.73 25.22
CA LYS B 119 3.48 -4.00 24.48
C LYS B 119 4.05 -4.92 23.39
N SER B 120 3.94 -4.47 22.14
CA SER B 120 4.41 -5.24 20.98
C SER B 120 5.92 -5.19 20.78
N GLU B 121 6.37 -5.91 19.75
CA GLU B 121 7.77 -5.98 19.36
C GLU B 121 8.33 -4.58 19.10
N THR B 122 7.49 -3.71 18.55
CA THR B 122 7.91 -2.34 18.25
C THR B 122 7.60 -1.31 19.32
N GLY B 123 7.08 -1.77 20.46
CA GLY B 123 6.78 -0.86 21.54
C GLY B 123 5.35 -0.35 21.63
N THR B 124 4.50 -0.70 20.67
CA THR B 124 3.11 -0.26 20.68
C THR B 124 2.39 -0.81 21.92
N VAL B 125 1.85 0.09 22.74
CA VAL B 125 1.13 -0.27 23.96
C VAL B 125 -0.35 -0.53 23.66
N ASN B 126 -0.93 -1.54 24.29
CA ASN B 126 -2.34 -1.87 24.11
C ASN B 126 -3.01 -1.98 25.48
N LYS B 127 -4.11 -1.27 25.67
CA LYS B 127 -4.83 -1.27 26.94
C LYS B 127 -6.32 -1.55 26.66
N GLU B 128 -6.56 -2.49 25.77
CA GLU B 128 -7.90 -2.88 25.35
C GLU B 128 -8.57 -3.83 26.31
N THR B 129 -7.75 -4.52 27.08
CA THR B 129 -8.21 -5.51 28.05
C THR B 129 -6.99 -5.70 28.94
N LEU B 130 -7.20 -6.26 30.13
CA LEU B 130 -6.08 -6.49 31.05
C LEU B 130 -5.23 -7.66 30.60
N ASN B 131 -3.92 -7.50 30.70
CA ASN B 131 -2.98 -8.55 30.34
C ASN B 131 -3.23 -9.74 31.29
N PRO B 132 -3.47 -10.95 30.73
CA PRO B 132 -3.72 -12.15 31.54
C PRO B 132 -2.58 -12.53 32.50
N LEU B 133 -1.43 -11.86 32.38
CA LEU B 133 -0.31 -12.12 33.28
C LEU B 133 -0.66 -11.56 34.67
N ALA B 134 -1.47 -10.51 34.71
CA ALA B 134 -1.89 -9.87 35.96
C ALA B 134 -3.04 -10.66 36.58
N SER B 135 -2.78 -11.93 36.88
CA SER B 135 -3.79 -12.81 37.44
C SER B 135 -4.38 -12.35 38.76
N ASP B 136 -3.60 -11.61 39.55
CA ASP B 136 -4.06 -11.09 40.84
C ASP B 136 -5.18 -10.07 40.70
N VAL B 137 -4.98 -9.09 39.83
CA VAL B 137 -5.99 -8.07 39.58
C VAL B 137 -7.18 -8.70 38.89
N ILE B 138 -6.91 -9.60 37.95
CA ILE B 138 -7.97 -10.27 37.23
C ILE B 138 -8.85 -11.10 38.17
N ARG B 139 -8.23 -11.88 39.04
CA ARG B 139 -8.96 -12.70 39.99
C ARG B 139 -9.86 -11.81 40.86
N LYS B 140 -9.32 -10.70 41.34
CA LYS B 140 -10.09 -9.77 42.16
C LYS B 140 -11.27 -9.15 41.43
N GLU B 141 -10.97 -8.36 40.39
CA GLU B 141 -11.99 -7.66 39.62
C GLU B 141 -12.99 -8.52 38.89
N TYR B 142 -12.55 -9.59 38.23
CA TYR B 142 -13.49 -10.46 37.53
C TYR B 142 -14.34 -11.20 38.55
N GLY B 143 -13.71 -11.65 39.64
CA GLY B 143 -14.42 -12.33 40.70
C GLY B 143 -15.54 -11.45 41.25
N GLU B 144 -15.21 -10.20 41.59
CA GLU B 144 -16.19 -9.26 42.12
C GLU B 144 -17.33 -8.96 41.14
N LEU B 145 -16.97 -8.72 39.89
CA LEU B 145 -17.94 -8.41 38.85
C LEU B 145 -18.92 -9.55 38.56
N TYR B 146 -18.40 -10.77 38.43
CA TYR B 146 -19.24 -11.95 38.15
C TYR B 146 -20.27 -12.20 39.25
N THR B 147 -19.81 -12.15 40.50
CA THR B 147 -20.66 -12.37 41.66
C THR B 147 -21.76 -11.31 41.78
N ALA B 148 -21.39 -10.05 41.59
CA ALA B 148 -22.35 -8.94 41.67
C ALA B 148 -23.38 -9.06 40.55
N PHE B 149 -22.91 -9.42 39.35
CA PHE B 149 -23.77 -9.60 38.18
C PHE B 149 -24.78 -10.71 38.46
N ALA B 150 -24.29 -11.81 39.05
CA ALA B 150 -25.14 -12.95 39.40
C ALA B 150 -26.25 -12.50 40.34
N ALA B 151 -25.89 -11.72 41.35
CA ALA B 151 -26.85 -11.21 42.33
C ALA B 151 -27.90 -10.33 41.67
N ALA B 152 -27.47 -9.46 40.76
CA ALA B 152 -28.39 -8.56 40.08
C ALA B 152 -29.32 -9.25 39.08
N MET B 153 -28.83 -10.32 38.45
CA MET B 153 -29.63 -11.05 37.46
C MET B 153 -30.48 -12.18 38.03
N LYS B 154 -30.26 -12.51 39.30
CA LYS B 154 -31.00 -13.56 40.00
C LYS B 154 -32.51 -13.58 39.69
N PRO B 155 -33.19 -12.42 39.78
CA PRO B 155 -34.63 -12.36 39.51
C PRO B 155 -35.03 -12.73 38.07
N TYR B 156 -34.05 -12.74 37.16
CA TYR B 156 -34.29 -13.02 35.77
C TYR B 156 -33.67 -14.35 35.29
N LYS B 157 -33.29 -15.21 36.23
CA LYS B 157 -32.66 -16.49 35.87
C LYS B 157 -33.44 -17.31 34.84
N ASP B 158 -34.75 -17.12 34.85
CA ASP B 158 -35.64 -17.81 33.94
C ASP B 158 -35.36 -17.49 32.46
N VAL B 159 -34.87 -16.29 32.17
CA VAL B 159 -34.62 -15.93 30.78
C VAL B 159 -33.18 -16.12 30.32
N ILE B 160 -32.29 -16.47 31.24
CA ILE B 160 -30.89 -16.67 30.89
C ILE B 160 -30.61 -18.12 30.46
N ALA B 161 -30.15 -18.30 29.23
CA ALA B 161 -29.89 -19.64 28.71
C ALA B 161 -28.42 -20.07 28.75
N LYS B 162 -27.51 -19.10 28.76
CA LYS B 162 -26.08 -19.36 28.76
C LYS B 162 -25.38 -18.06 29.12
N ILE B 163 -24.13 -18.17 29.57
CA ILE B 163 -23.33 -17.02 29.92
C ILE B 163 -21.97 -17.07 29.23
N TYR B 164 -21.58 -15.96 28.60
CA TYR B 164 -20.30 -15.84 27.91
C TYR B 164 -19.31 -15.00 28.73
N LEU B 165 -18.05 -15.42 28.74
CA LEU B 165 -16.99 -14.69 29.44
C LEU B 165 -16.07 -14.10 28.38
N SER B 166 -15.50 -12.93 28.67
CA SER B 166 -14.58 -12.28 27.74
C SER B 166 -13.17 -12.71 28.09
N GLY B 167 -12.52 -13.40 27.15
CA GLY B 167 -11.16 -13.87 27.39
C GLY B 167 -10.07 -12.95 26.90
N GLY B 168 -10.45 -11.87 26.24
CA GLY B 168 -9.46 -10.94 25.74
C GLY B 168 -10.06 -9.90 24.84
N PRO B 169 -9.24 -9.29 23.97
CA PRO B 169 -9.74 -8.26 23.05
C PRO B 169 -10.86 -8.79 22.16
N ALA B 170 -11.92 -8.01 22.04
CA ALA B 170 -13.10 -8.37 21.24
C ALA B 170 -13.84 -9.56 21.84
N GLY B 171 -13.53 -9.89 23.09
CA GLY B 171 -14.19 -10.99 23.75
C GLY B 171 -13.63 -12.34 23.38
N GLU B 172 -12.47 -12.38 22.75
CA GLU B 172 -11.85 -13.62 22.33
C GLU B 172 -10.57 -13.87 23.11
N LEU B 173 -10.33 -15.13 23.47
CA LEU B 173 -9.15 -15.52 24.20
C LEU B 173 -7.93 -15.48 23.27
N ARG B 174 -7.17 -14.39 23.34
CA ARG B 174 -6.00 -14.21 22.49
C ARG B 174 -5.26 -12.92 22.86
N TYR B 175 -4.12 -12.69 22.23
CA TYR B 175 -3.34 -11.47 22.43
C TYR B 175 -3.77 -10.47 21.36
N PRO B 176 -3.63 -9.15 21.66
CA PRO B 176 -4.01 -8.12 20.69
C PRO B 176 -2.92 -7.96 19.61
N SER B 177 -2.62 -9.07 18.92
CA SER B 177 -1.57 -9.10 17.91
C SER B 177 -1.90 -8.44 16.57
N TYR B 178 -3.18 -8.24 16.29
CA TYR B 178 -3.56 -7.61 15.02
C TYR B 178 -4.35 -6.32 15.18
N THR B 179 -3.62 -5.20 15.18
CA THR B 179 -4.22 -3.89 15.31
C THR B 179 -3.62 -2.93 14.28
N THR B 180 -4.38 -1.90 13.91
CA THR B 180 -3.92 -0.90 12.95
C THR B 180 -2.75 -0.09 13.48
N SER B 181 -2.86 0.33 14.75
CA SER B 181 -1.81 1.12 15.40
C SER B 181 -0.49 0.36 15.43
N ASP B 182 -0.57 -0.96 15.53
CA ASP B 182 0.63 -1.79 15.57
C ASP B 182 1.04 -2.15 14.14
N GLY B 183 0.20 -1.79 13.18
CA GLY B 183 0.45 -2.08 11.78
C GLY B 183 0.41 -3.57 11.52
N THR B 184 -0.42 -4.27 12.30
CA THR B 184 -0.54 -5.72 12.19
C THR B 184 -1.94 -6.20 11.78
N GLY B 185 -2.73 -5.30 11.23
CA GLY B 185 -4.07 -5.65 10.80
C GLY B 185 -4.04 -6.61 9.61
N TYR B 186 -5.19 -7.20 9.30
CA TYR B 186 -5.30 -8.14 8.17
C TYR B 186 -4.84 -7.49 6.86
N PRO B 187 -4.14 -8.26 6.00
CA PRO B 187 -3.73 -9.64 6.16
C PRO B 187 -2.26 -9.76 6.57
N SER B 188 -1.76 -8.79 7.31
CA SER B 188 -0.37 -8.77 7.75
C SER B 188 -0.07 -9.81 8.81
N ARG B 189 1.21 -10.04 9.07
CA ARG B 189 1.62 -10.97 10.12
C ARG B 189 1.43 -10.22 11.43
N GLY B 190 1.11 -10.93 12.50
CA GLY B 190 0.92 -10.26 13.77
C GLY B 190 2.26 -10.06 14.46
N LYS B 191 2.26 -9.22 15.49
CA LYS B 191 3.47 -8.97 16.26
C LYS B 191 3.26 -9.60 17.64
N PHE B 192 4.33 -10.13 18.22
CA PHE B 192 4.26 -10.73 19.54
C PHE B 192 4.00 -9.63 20.58
N GLN B 193 3.13 -9.92 21.53
CA GLN B 193 2.73 -8.96 22.55
C GLN B 193 3.26 -9.26 23.96
N ALA B 194 4.55 -9.53 24.09
CA ALA B 194 5.11 -9.86 25.40
C ALA B 194 6.38 -9.05 25.70
N TYR B 195 6.34 -7.76 25.38
CA TYR B 195 7.50 -6.91 25.57
C TYR B 195 7.47 -5.93 26.73
N THR B 196 6.50 -6.08 27.63
CA THR B 196 6.46 -5.22 28.80
C THR B 196 7.56 -5.80 29.67
N GLU B 197 8.14 -5.00 30.56
CA GLU B 197 9.18 -5.53 31.43
C GLU B 197 8.64 -6.67 32.30
N PHE B 198 7.36 -6.60 32.63
CA PHE B 198 6.72 -7.65 33.44
C PHE B 198 6.67 -8.96 32.63
N ALA B 199 6.26 -8.89 31.38
CA ALA B 199 6.19 -10.08 30.52
C ALA B 199 7.58 -10.72 30.42
N LYS B 200 8.60 -9.90 30.22
CA LYS B 200 9.98 -10.36 30.12
C LYS B 200 10.39 -11.11 31.40
N SER B 201 10.03 -10.55 32.56
CA SER B 201 10.36 -11.16 33.84
C SER B 201 9.69 -12.52 33.96
N LYS B 202 8.40 -12.59 33.62
CA LYS B 202 7.66 -13.85 33.71
C LYS B 202 8.25 -14.94 32.80
N PHE B 203 8.61 -14.59 31.57
CA PHE B 203 9.18 -15.56 30.66
C PHE B 203 10.50 -16.07 31.24
N ARG B 204 11.34 -15.14 31.68
CA ARG B 204 12.64 -15.46 32.26
C ARG B 204 12.52 -16.40 33.46
N LEU B 205 11.64 -16.07 34.41
CA LEU B 205 11.45 -16.89 35.60
C LEU B 205 10.92 -18.28 35.22
N TRP B 206 10.09 -18.33 34.20
CA TRP B 206 9.50 -19.58 33.72
C TRP B 206 10.61 -20.48 33.18
N VAL B 207 11.47 -19.91 32.35
CA VAL B 207 12.56 -20.67 31.74
C VAL B 207 13.49 -21.20 32.83
N LEU B 208 13.94 -20.30 33.71
CA LEU B 208 14.84 -20.71 34.79
C LEU B 208 14.17 -21.76 35.66
N ASN B 209 12.85 -21.64 35.83
CA ASN B 209 12.09 -22.59 36.61
C ASN B 209 12.13 -23.96 35.94
N LYS B 210 12.05 -23.96 34.63
CA LYS B 210 12.07 -25.20 33.85
C LYS B 210 13.45 -25.85 33.76
N TYR B 211 14.50 -25.05 33.65
CA TYR B 211 15.85 -25.58 33.53
C TYR B 211 16.73 -25.53 34.78
N GLY B 212 16.23 -24.90 35.84
CA GLY B 212 17.01 -24.82 37.06
C GLY B 212 18.08 -23.74 37.03
N SER B 213 18.96 -23.78 36.03
CA SER B 213 20.03 -22.78 35.95
C SER B 213 20.31 -22.30 34.54
N LEU B 214 20.99 -21.16 34.46
CA LEU B 214 21.36 -20.57 33.17
C LEU B 214 22.17 -21.61 32.39
N ASN B 215 22.91 -22.44 33.14
CA ASN B 215 23.74 -23.50 32.56
C ASN B 215 22.88 -24.43 31.71
N GLU B 216 21.85 -24.98 32.32
CA GLU B 216 20.94 -25.90 31.63
C GLU B 216 20.18 -25.20 30.51
N VAL B 217 19.96 -23.89 30.67
CA VAL B 217 19.26 -23.12 29.64
C VAL B 217 20.16 -23.09 28.40
N ASN B 218 21.42 -22.73 28.62
CA ASN B 218 22.40 -22.66 27.55
C ASN B 218 22.65 -24.02 26.90
N LYS B 219 22.46 -25.07 27.69
CA LYS B 219 22.65 -26.43 27.24
C LYS B 219 21.48 -26.85 26.33
N ALA B 220 20.27 -26.56 26.77
CA ALA B 220 19.06 -26.91 26.01
C ALA B 220 18.85 -26.03 24.78
N TRP B 221 19.24 -24.76 24.88
CA TRP B 221 19.08 -23.83 23.76
C TRP B 221 20.27 -23.76 22.84
N GLY B 222 21.40 -24.32 23.27
CA GLY B 222 22.61 -24.30 22.47
C GLY B 222 23.06 -22.87 22.26
N THR B 223 23.01 -22.10 23.35
CA THR B 223 23.39 -20.70 23.32
C THR B 223 24.51 -20.42 24.32
N LYS B 224 25.18 -19.28 24.16
CA LYS B 224 26.25 -18.88 25.06
C LYS B 224 25.84 -17.59 25.76
N LEU B 225 24.77 -17.70 26.54
CA LEU B 225 24.25 -16.56 27.28
C LEU B 225 25.12 -16.28 28.49
N ILE B 226 25.35 -15.00 28.76
CA ILE B 226 26.17 -14.58 29.90
C ILE B 226 25.38 -14.38 31.18
N SER B 227 24.21 -13.73 31.07
CA SER B 227 23.37 -13.46 32.23
C SER B 227 21.92 -13.84 31.97
N GLU B 228 21.13 -13.83 33.03
CA GLU B 228 19.70 -14.15 32.97
C GLU B 228 18.93 -13.05 32.24
N LEU B 229 19.47 -11.83 32.29
CA LEU B 229 18.86 -10.69 31.62
C LEU B 229 18.98 -10.85 30.11
N ALA B 230 19.70 -11.88 29.68
CA ALA B 230 19.89 -12.19 28.27
C ALA B 230 18.77 -13.11 27.77
N ILE B 231 18.01 -13.68 28.70
CA ILE B 231 16.88 -14.56 28.34
C ILE B 231 15.75 -13.59 28.03
N LEU B 232 15.38 -13.51 26.75
CA LEU B 232 14.36 -12.56 26.33
C LEU B 232 13.45 -13.13 25.24
N PRO B 233 12.34 -12.41 24.93
CA PRO B 233 11.40 -12.81 23.89
C PRO B 233 12.15 -12.57 22.58
N PRO B 234 11.62 -13.08 21.45
CA PRO B 234 12.30 -12.87 20.17
C PRO B 234 12.51 -11.39 19.77
N SER B 235 13.76 -11.05 19.45
CA SER B 235 14.11 -9.69 19.03
C SER B 235 13.58 -9.35 17.65
N ASP B 236 13.48 -10.35 16.78
CA ASP B 236 12.99 -10.16 15.41
C ASP B 236 11.85 -11.15 15.19
N GLY B 237 10.61 -10.66 15.30
CA GLY B 237 9.45 -11.51 15.12
C GLY B 237 9.35 -12.22 13.78
N GLU B 238 9.84 -11.58 12.73
CA GLU B 238 9.81 -12.15 11.38
C GLU B 238 10.78 -13.32 11.22
N GLN B 239 12.01 -13.12 11.69
CA GLN B 239 13.01 -14.19 11.62
C GLN B 239 12.55 -15.33 12.52
N PHE B 240 11.92 -14.98 13.64
CA PHE B 240 11.42 -15.99 14.55
C PHE B 240 10.34 -16.82 13.87
N LEU B 241 9.42 -16.15 13.16
CA LEU B 241 8.34 -16.83 12.48
C LEU B 241 8.83 -17.60 11.26
N MET B 242 9.97 -17.17 10.72
CA MET B 242 10.56 -17.82 9.54
C MET B 242 11.28 -19.11 9.91
N ASN B 243 12.11 -19.06 10.94
CA ASN B 243 12.87 -20.23 11.37
C ASN B 243 13.18 -20.33 12.86
N GLY B 244 13.04 -19.23 13.59
CA GLY B 244 13.33 -19.25 15.02
C GLY B 244 12.44 -20.16 15.83
N TYR B 245 11.20 -20.28 15.41
CA TYR B 245 10.20 -21.10 16.08
C TYR B 245 10.55 -22.59 16.09
N LEU B 246 11.45 -23.00 15.20
CA LEU B 246 11.92 -24.38 15.06
C LEU B 246 12.93 -24.78 16.14
N SER B 247 13.69 -23.80 16.63
CA SER B 247 14.70 -24.06 17.64
C SER B 247 14.07 -24.40 18.98
N MET B 248 14.88 -24.91 19.91
CA MET B 248 14.40 -25.26 21.25
C MET B 248 13.92 -24.00 21.96
N TYR B 249 14.68 -22.93 21.78
CA TYR B 249 14.33 -21.63 22.37
C TYR B 249 12.94 -21.25 21.87
N GLY B 250 12.72 -21.43 20.57
CA GLY B 250 11.46 -21.12 19.95
C GLY B 250 10.31 -21.94 20.52
N LYS B 251 10.53 -23.24 20.69
CA LYS B 251 9.50 -24.12 21.23
C LYS B 251 9.11 -23.73 22.66
N ASP B 252 10.11 -23.38 23.47
CA ASP B 252 9.88 -22.98 24.85
C ASP B 252 9.15 -21.66 24.95
N TYR B 253 9.56 -20.71 24.12
CA TYR B 253 8.93 -19.40 24.12
C TYR B 253 7.45 -19.51 23.76
N LEU B 254 7.16 -20.26 22.69
CA LEU B 254 5.78 -20.43 22.25
C LEU B 254 4.92 -21.21 23.25
N GLU B 255 5.55 -22.12 23.99
CA GLU B 255 4.84 -22.91 24.99
C GLU B 255 4.37 -21.96 26.09
N TRP B 256 5.32 -21.16 26.59
CA TRP B 256 5.07 -20.16 27.63
C TRP B 256 4.02 -19.17 27.13
N TYR B 257 4.21 -18.68 25.92
CA TYR B 257 3.31 -17.72 25.29
C TYR B 257 1.84 -18.19 25.24
N GLN B 258 1.58 -19.37 24.69
CA GLN B 258 0.21 -19.89 24.64
C GLN B 258 -0.25 -20.27 26.05
N GLY B 259 0.71 -20.70 26.87
CA GLY B 259 0.42 -21.12 28.23
C GLY B 259 -0.35 -20.08 29.03
N ILE B 260 0.04 -18.82 28.92
CA ILE B 260 -0.63 -17.73 29.63
C ILE B 260 -2.14 -17.77 29.35
N LEU B 261 -2.51 -17.95 28.08
CA LEU B 261 -3.92 -18.01 27.71
C LEU B 261 -4.64 -19.21 28.31
N GLU B 262 -3.94 -20.35 28.39
CA GLU B 262 -4.52 -21.56 28.96
C GLU B 262 -4.80 -21.37 30.44
N ASN B 263 -3.85 -20.77 31.15
CA ASN B 263 -4.00 -20.52 32.57
C ASN B 263 -5.13 -19.52 32.81
N HIS B 264 -5.20 -18.51 31.93
CA HIS B 264 -6.23 -17.48 32.01
C HIS B 264 -7.62 -18.14 31.88
N THR B 265 -7.75 -19.07 30.92
CA THR B 265 -9.00 -19.78 30.68
C THR B 265 -9.44 -20.53 31.93
N LYS B 266 -8.48 -21.15 32.61
CA LYS B 266 -8.77 -21.89 33.84
C LYS B 266 -9.18 -20.95 34.96
N LEU B 267 -8.57 -19.77 35.03
CA LEU B 267 -8.91 -18.80 36.06
C LEU B 267 -10.34 -18.28 35.91
N ILE B 268 -10.66 -17.73 34.74
CA ILE B 268 -12.00 -17.21 34.53
C ILE B 268 -13.07 -18.29 34.57
N GLY B 269 -12.71 -19.52 34.23
CA GLY B 269 -13.67 -20.62 34.28
C GLY B 269 -14.06 -20.87 35.73
N GLU B 270 -13.06 -20.93 36.59
CA GLU B 270 -13.24 -21.13 38.03
C GLU B 270 -14.16 -20.04 38.59
N LEU B 271 -13.76 -18.79 38.37
CA LEU B 271 -14.53 -17.64 38.85
C LEU B 271 -15.99 -17.67 38.41
N ALA B 272 -16.23 -17.90 37.13
CA ALA B 272 -17.60 -17.94 36.62
C ALA B 272 -18.42 -19.08 37.20
N HIS B 273 -17.83 -20.28 37.24
CA HIS B 273 -18.54 -21.44 37.77
C HIS B 273 -18.96 -21.21 39.21
N ASN B 274 -18.03 -20.70 40.01
CA ASN B 274 -18.34 -20.42 41.40
C ASN B 274 -19.46 -19.41 41.51
N ALA B 275 -19.40 -18.36 40.69
CA ALA B 275 -20.41 -17.30 40.71
C ALA B 275 -21.78 -17.62 40.14
N PHE B 276 -21.83 -18.47 39.12
CA PHE B 276 -23.09 -18.78 38.44
C PHE B 276 -23.75 -20.14 38.62
N ASP B 277 -22.98 -21.16 38.94
CA ASP B 277 -23.52 -22.52 39.05
C ASP B 277 -24.77 -22.75 39.91
N THR B 278 -24.70 -22.35 41.17
CA THR B 278 -25.81 -22.53 42.11
C THR B 278 -27.12 -21.88 41.65
N THR B 279 -27.02 -20.61 41.31
CA THR B 279 -28.16 -19.81 40.89
C THR B 279 -28.74 -20.13 39.52
N PHE B 280 -27.90 -20.04 38.49
CA PHE B 280 -28.35 -20.25 37.12
C PHE B 280 -28.34 -21.64 36.52
N GLN B 281 -27.29 -22.41 36.81
CA GLN B 281 -27.16 -23.78 36.30
C GLN B 281 -27.30 -23.79 34.79
N VAL B 282 -26.54 -22.92 34.13
CA VAL B 282 -26.57 -22.83 32.67
C VAL B 282 -25.15 -23.00 32.15
N PRO B 283 -25.02 -23.30 30.85
CA PRO B 283 -23.71 -23.48 30.21
C PRO B 283 -22.96 -22.15 30.21
N ILE B 284 -21.63 -22.23 30.34
CA ILE B 284 -20.78 -21.06 30.34
C ILE B 284 -19.77 -21.24 29.21
N GLY B 285 -19.59 -20.24 28.37
CA GLY B 285 -18.66 -20.36 27.26
C GLY B 285 -17.65 -19.24 27.11
N ALA B 286 -16.71 -19.46 26.20
CA ALA B 286 -15.67 -18.49 25.89
C ALA B 286 -15.43 -18.60 24.38
N LYS B 287 -14.81 -17.57 23.80
CA LYS B 287 -14.57 -17.54 22.36
C LYS B 287 -13.12 -17.61 21.92
N ILE B 288 -12.89 -18.32 20.81
CA ILE B 288 -11.57 -18.46 20.19
C ILE B 288 -11.68 -17.78 18.82
N ALA B 289 -10.74 -16.88 18.53
CA ALA B 289 -10.73 -16.13 17.28
C ALA B 289 -10.24 -16.93 16.07
N GLY B 290 -10.92 -16.76 14.94
CA GLY B 290 -10.52 -17.43 13.72
C GLY B 290 -9.50 -16.56 12.99
N VAL B 291 -8.23 -16.73 13.34
CA VAL B 291 -7.14 -15.98 12.72
C VAL B 291 -6.75 -16.80 11.48
N HIS B 292 -7.47 -16.54 10.39
CA HIS B 292 -7.27 -17.28 9.14
C HIS B 292 -6.21 -16.83 8.16
N TRP B 293 -5.76 -15.58 8.24
CA TRP B 293 -4.74 -15.12 7.30
C TRP B 293 -3.32 -15.56 7.68
N GLN B 294 -2.46 -15.65 6.66
CA GLN B 294 -1.06 -16.08 6.83
C GLN B 294 -0.97 -17.51 7.34
N TYR B 295 -2.07 -18.23 7.19
CA TYR B 295 -2.20 -19.62 7.62
C TYR B 295 -1.22 -20.53 6.89
N ASN B 296 -1.15 -20.40 5.57
CA ASN B 296 -0.27 -21.23 4.76
C ASN B 296 0.80 -20.46 3.99
N ASN B 297 1.34 -19.42 4.62
CA ASN B 297 2.40 -18.64 4.00
C ASN B 297 3.62 -19.58 4.08
N PRO B 298 4.22 -19.91 2.92
CA PRO B 298 5.38 -20.81 2.87
C PRO B 298 6.61 -20.32 3.65
N THR B 299 6.80 -19.00 3.69
CA THR B 299 7.91 -18.37 4.38
C THR B 299 7.66 -18.24 5.90
N ILE B 300 6.49 -17.70 6.27
CA ILE B 300 6.12 -17.55 7.69
C ILE B 300 4.79 -18.26 7.97
N PRO B 301 4.82 -19.60 8.08
CA PRO B 301 3.64 -20.41 8.35
C PRO B 301 2.87 -19.91 9.58
N HIS B 302 1.55 -19.78 9.43
CA HIS B 302 0.69 -19.32 10.53
C HIS B 302 1.25 -18.06 11.18
N GLY B 303 1.70 -17.12 10.34
CA GLY B 303 2.27 -15.87 10.80
C GLY B 303 1.31 -14.92 11.49
N ALA B 304 0.02 -15.27 11.48
CA ALA B 304 -0.99 -14.46 12.13
C ALA B 304 -1.48 -15.15 13.41
N GLU B 305 -1.61 -16.48 13.36
CA GLU B 305 -2.08 -17.26 14.50
C GLU B 305 -1.11 -17.23 15.68
N LYS B 306 0.15 -17.58 15.42
CA LYS B 306 1.15 -17.64 16.48
C LYS B 306 1.26 -16.39 17.33
N PRO B 307 1.32 -15.19 16.71
CA PRO B 307 1.43 -13.97 17.51
C PRO B 307 0.18 -13.74 18.38
N ALA B 308 -0.96 -14.26 17.94
CA ALA B 308 -2.21 -14.13 18.68
C ALA B 308 -2.27 -15.10 19.85
N GLY B 309 -1.29 -16.00 19.92
CA GLY B 309 -1.22 -16.98 20.99
C GLY B 309 -1.64 -18.40 20.61
N TYR B 310 -1.98 -18.61 19.34
CA TYR B 310 -2.43 -19.92 18.88
C TYR B 310 -1.32 -20.70 18.18
N ASN B 311 -0.69 -21.61 18.90
CA ASN B 311 0.39 -22.41 18.35
C ASN B 311 0.06 -23.92 18.35
N ASP B 312 -0.80 -24.33 19.27
CA ASP B 312 -1.21 -25.72 19.37
C ASP B 312 -2.65 -25.72 19.87
N TYR B 313 -3.58 -25.82 18.93
CA TYR B 313 -5.00 -25.82 19.25
C TYR B 313 -5.45 -26.95 20.16
N SER B 314 -4.81 -28.11 20.06
CA SER B 314 -5.17 -29.26 20.90
C SER B 314 -4.94 -28.96 22.39
N HIS B 315 -3.76 -28.44 22.71
CA HIS B 315 -3.45 -28.10 24.10
C HIS B 315 -4.40 -26.99 24.55
N LEU B 316 -4.62 -26.00 23.68
CA LEU B 316 -5.49 -24.88 23.99
C LEU B 316 -6.91 -25.35 24.31
N LEU B 317 -7.43 -26.28 23.52
CA LEU B 317 -8.77 -26.81 23.72
C LEU B 317 -8.89 -27.64 24.99
N ASP B 318 -7.78 -28.27 25.39
CA ASP B 318 -7.75 -29.06 26.62
C ASP B 318 -8.06 -28.13 27.79
N ALA B 319 -7.58 -26.88 27.70
CA ALA B 319 -7.79 -25.86 28.74
C ALA B 319 -9.26 -25.57 28.92
N PHE B 320 -10.00 -25.51 27.82
CA PHE B 320 -11.44 -25.28 27.87
C PHE B 320 -12.15 -26.47 28.51
N LYS B 321 -11.65 -27.68 28.24
CA LYS B 321 -12.21 -28.90 28.78
C LYS B 321 -12.12 -28.92 30.29
N SER B 322 -10.91 -28.70 30.81
CA SER B 322 -10.70 -28.70 32.24
C SER B 322 -11.48 -27.56 32.92
N ALA B 323 -11.47 -26.38 32.29
CA ALA B 323 -12.18 -25.23 32.84
C ALA B 323 -13.69 -25.40 32.77
N LYS B 324 -14.14 -26.39 32.00
CA LYS B 324 -15.57 -26.66 31.81
C LYS B 324 -16.26 -25.51 31.12
N LEU B 325 -15.67 -25.07 30.02
CA LEU B 325 -16.21 -23.97 29.23
C LEU B 325 -16.51 -24.45 27.81
N ASP B 326 -17.71 -24.11 27.32
CA ASP B 326 -18.10 -24.45 25.96
C ASP B 326 -17.28 -23.54 25.05
N VAL B 327 -16.87 -24.06 23.91
CA VAL B 327 -16.08 -23.25 23.00
C VAL B 327 -16.90 -22.72 21.83
N THR B 328 -16.58 -21.50 21.42
CA THR B 328 -17.23 -20.86 20.29
C THR B 328 -16.14 -20.43 19.30
N PHE B 329 -16.36 -20.71 18.02
CA PHE B 329 -15.41 -20.37 16.97
C PHE B 329 -16.09 -19.47 15.93
N THR B 330 -15.31 -18.62 15.27
CA THR B 330 -15.84 -17.71 14.24
C THR B 330 -15.48 -18.16 12.82
N CYS B 331 -15.81 -17.33 11.82
CA CYS B 331 -15.50 -17.60 10.40
C CYS B 331 -16.29 -18.70 9.68
N LEU B 332 -17.32 -19.24 10.31
CA LEU B 332 -18.11 -20.31 9.70
C LEU B 332 -18.62 -20.05 8.28
N GLU B 333 -18.84 -18.78 7.94
CA GLU B 333 -19.36 -18.43 6.61
C GLU B 333 -18.36 -18.32 5.45
N MET B 334 -17.07 -18.47 5.73
CA MET B 334 -16.05 -18.31 4.70
C MET B 334 -15.37 -19.54 4.08
N THR B 335 -14.75 -19.32 2.92
CA THR B 335 -14.06 -20.36 2.16
C THR B 335 -12.55 -20.15 2.10
N ASP B 336 -11.82 -21.22 1.79
CA ASP B 336 -10.37 -21.16 1.69
C ASP B 336 -9.90 -20.45 0.44
N LYS B 337 -8.76 -19.79 0.54
CA LYS B 337 -8.14 -19.12 -0.59
C LYS B 337 -6.74 -19.68 -0.60
N GLY B 338 -5.99 -19.39 0.45
CA GLY B 338 -4.62 -19.87 0.57
C GLY B 338 -3.73 -19.39 -0.55
N SER B 339 -4.04 -18.21 -1.07
CA SER B 339 -3.24 -17.64 -2.15
C SER B 339 -2.54 -16.38 -1.66
N TYR B 340 -1.41 -16.08 -2.29
CA TYR B 340 -0.64 -14.90 -1.97
C TYR B 340 -1.53 -13.69 -2.28
N PRO B 341 -1.43 -12.60 -1.48
CA PRO B 341 -0.60 -12.41 -0.28
C PRO B 341 -1.29 -12.73 1.06
N GLU B 342 -2.61 -12.92 1.05
CA GLU B 342 -3.36 -13.19 2.28
C GLU B 342 -3.09 -14.53 2.91
N TYR B 343 -3.03 -15.57 2.08
CA TYR B 343 -2.81 -16.95 2.55
C TYR B 343 -3.84 -17.31 3.60
N SER B 344 -5.12 -17.10 3.27
CA SER B 344 -6.20 -17.38 4.19
C SER B 344 -6.86 -18.74 3.98
N MET B 345 -6.97 -19.52 5.05
CA MET B 345 -7.59 -20.83 5.00
C MET B 345 -8.66 -20.97 6.11
N PRO B 346 -9.75 -20.18 6.03
CA PRO B 346 -10.85 -20.18 6.99
C PRO B 346 -11.54 -21.53 7.14
N LYS B 347 -12.00 -22.08 6.02
CA LYS B 347 -12.72 -23.35 6.00
C LYS B 347 -11.90 -24.50 6.61
N THR B 348 -10.64 -24.60 6.24
CA THR B 348 -9.77 -25.65 6.78
C THR B 348 -9.60 -25.45 8.29
N LEU B 349 -9.38 -24.20 8.71
CA LEU B 349 -9.21 -23.89 10.14
C LEU B 349 -10.39 -24.42 10.95
N VAL B 350 -11.59 -23.99 10.58
CA VAL B 350 -12.81 -24.42 11.26
C VAL B 350 -12.92 -25.95 11.29
N GLN B 351 -12.74 -26.60 10.14
CA GLN B 351 -12.83 -28.06 10.08
C GLN B 351 -11.89 -28.72 11.08
N ASN B 352 -10.71 -28.15 11.22
CA ASN B 352 -9.70 -28.67 12.14
C ASN B 352 -10.11 -28.47 13.61
N ILE B 353 -10.65 -27.30 13.94
CA ILE B 353 -11.08 -27.00 15.31
C ILE B 353 -12.29 -27.87 15.68
N ALA B 354 -13.28 -27.91 14.79
CA ALA B 354 -14.50 -28.70 15.01
C ALA B 354 -14.12 -30.15 15.26
N THR B 355 -13.12 -30.64 14.55
CA THR B 355 -12.67 -32.02 14.72
C THR B 355 -12.09 -32.25 16.11
N LEU B 356 -11.18 -31.36 16.52
CA LEU B 356 -10.55 -31.48 17.82
C LEU B 356 -11.58 -31.39 18.92
N ALA B 357 -12.46 -30.40 18.83
CA ALA B 357 -13.50 -30.19 19.84
C ALA B 357 -14.36 -31.44 19.96
N ASN B 358 -14.88 -31.90 18.83
CA ASN B 358 -15.73 -33.08 18.80
C ASN B 358 -15.10 -34.33 19.37
N GLU B 359 -13.80 -34.52 19.15
CA GLU B 359 -13.12 -35.69 19.69
C GLU B 359 -12.79 -35.55 21.18
N LYS B 360 -12.74 -34.31 21.68
CA LYS B 360 -12.46 -34.08 23.09
C LYS B 360 -13.73 -34.03 23.94
N GLY B 361 -14.89 -34.07 23.27
CA GLY B 361 -16.15 -34.04 23.97
C GLY B 361 -16.51 -32.64 24.44
N ILE B 362 -16.03 -31.64 23.69
CA ILE B 362 -16.28 -30.25 24.00
C ILE B 362 -17.47 -29.74 23.18
N VAL B 363 -18.42 -29.08 23.85
CA VAL B 363 -19.58 -28.53 23.15
C VAL B 363 -19.06 -27.38 22.31
N LEU B 364 -19.36 -27.44 21.02
CA LEU B 364 -18.92 -26.48 20.03
C LEU B 364 -20.03 -25.60 19.47
N ASN B 365 -19.76 -24.29 19.43
CA ASN B 365 -20.70 -23.32 18.89
C ASN B 365 -19.93 -22.49 17.88
N GLY B 366 -20.64 -21.79 17.00
CA GLY B 366 -19.96 -20.97 16.03
C GLY B 366 -20.67 -19.68 15.72
N GLU B 367 -19.97 -18.78 15.03
CA GLU B 367 -20.54 -17.50 14.62
C GLU B 367 -19.86 -16.98 13.34
N ASN B 368 -20.61 -16.25 12.52
CA ASN B 368 -20.06 -15.68 11.29
C ASN B 368 -19.13 -14.54 11.67
N ALA B 369 -18.05 -14.36 10.91
CA ALA B 369 -17.06 -13.33 11.19
C ALA B 369 -17.48 -11.92 10.78
N LEU B 370 -18.11 -11.82 9.62
CA LEU B 370 -18.55 -10.54 9.08
C LEU B 370 -19.99 -10.66 8.63
N SER B 371 -20.64 -9.52 8.44
CA SER B 371 -22.04 -9.46 8.02
C SER B 371 -22.33 -10.23 6.73
N ILE B 372 -23.43 -10.98 6.76
CA ILE B 372 -23.85 -11.77 5.64
C ILE B 372 -24.93 -11.03 4.85
N GLY B 373 -24.61 -10.67 3.62
CA GLY B 373 -25.57 -9.97 2.77
C GLY B 373 -26.19 -10.91 1.75
N ASN B 374 -25.46 -11.98 1.41
CA ASN B 374 -25.94 -12.95 0.44
C ASN B 374 -26.33 -14.24 1.14
N GLU B 375 -27.32 -14.94 0.60
CA GLU B 375 -27.78 -16.21 1.17
C GLU B 375 -26.77 -17.34 0.95
N GLU B 376 -25.81 -17.10 0.06
CA GLU B 376 -24.77 -18.09 -0.21
C GLU B 376 -23.92 -18.30 1.03
N GLU B 377 -23.72 -17.23 1.80
CA GLU B 377 -22.94 -17.32 3.02
C GLU B 377 -23.70 -18.20 4.03
N TYR B 378 -25.02 -18.07 4.04
CA TYR B 378 -25.85 -18.87 4.95
C TYR B 378 -25.67 -20.35 4.63
N LYS B 379 -25.57 -20.67 3.33
CA LYS B 379 -25.40 -22.06 2.90
C LYS B 379 -24.08 -22.63 3.39
N ARG B 380 -23.03 -21.80 3.43
CA ARG B 380 -21.73 -22.26 3.91
C ARG B 380 -21.78 -22.50 5.42
N VAL B 381 -22.51 -21.63 6.12
CA VAL B 381 -22.66 -21.76 7.57
C VAL B 381 -23.43 -23.06 7.87
N ALA B 382 -24.51 -23.31 7.15
CA ALA B 382 -25.30 -24.52 7.36
C ALA B 382 -24.46 -25.78 7.13
N GLU B 383 -23.52 -25.71 6.19
CA GLU B 383 -22.66 -26.84 5.89
C GLU B 383 -21.77 -27.20 7.07
N MET B 384 -21.12 -26.19 7.65
CA MET B 384 -20.26 -26.42 8.79
C MET B 384 -21.07 -26.79 10.03
N ALA B 385 -22.10 -26.00 10.31
CA ALA B 385 -22.94 -26.23 11.48
C ALA B 385 -23.56 -27.62 11.55
N PHE B 386 -24.27 -27.99 10.49
CA PHE B 386 -24.95 -29.27 10.45
C PHE B 386 -24.10 -30.48 10.12
N ASN B 387 -22.90 -30.25 9.61
CA ASN B 387 -22.03 -31.38 9.28
C ASN B 387 -20.90 -31.59 10.27
N TYR B 388 -20.58 -30.56 11.06
CA TYR B 388 -19.50 -30.69 12.04
C TYR B 388 -19.92 -30.73 13.51
N ASN B 389 -21.21 -30.99 13.74
CA ASN B 389 -21.80 -31.14 15.08
C ASN B 389 -21.93 -29.89 15.98
N PHE B 390 -22.11 -28.71 15.38
CA PHE B 390 -22.26 -27.49 16.17
C PHE B 390 -23.57 -27.48 16.97
N ALA B 391 -23.46 -27.23 18.27
CA ALA B 391 -24.63 -27.17 19.17
C ALA B 391 -25.43 -25.88 18.96
N GLY B 392 -24.77 -24.86 18.43
CA GLY B 392 -25.46 -23.60 18.18
C GLY B 392 -24.70 -22.68 17.24
N PHE B 393 -25.43 -21.73 16.67
CA PHE B 393 -24.84 -20.75 15.76
C PHE B 393 -25.35 -19.37 16.12
N THR B 394 -24.45 -18.40 16.22
CA THR B 394 -24.84 -17.02 16.55
C THR B 394 -24.65 -16.10 15.35
N LEU B 395 -25.73 -15.44 14.94
CA LEU B 395 -25.68 -14.52 13.82
C LEU B 395 -25.34 -13.08 14.20
N LEU B 396 -24.25 -12.60 13.64
CA LEU B 396 -23.78 -11.24 13.82
C LEU B 396 -24.29 -10.55 12.55
N ARG B 397 -25.18 -9.56 12.65
CA ARG B 397 -25.69 -9.04 13.90
C ARG B 397 -27.14 -8.58 13.66
N TYR B 398 -27.84 -8.33 14.75
CA TYR B 398 -29.24 -7.88 14.79
C TYR B 398 -29.79 -7.18 13.54
N GLN B 399 -29.27 -5.98 13.28
CA GLN B 399 -29.68 -5.11 12.17
C GLN B 399 -29.73 -5.74 10.77
N ASP B 400 -28.73 -6.57 10.47
CA ASP B 400 -28.62 -7.21 9.16
C ASP B 400 -29.89 -7.97 8.69
N VAL B 401 -30.48 -8.75 9.59
CA VAL B 401 -31.70 -9.50 9.24
C VAL B 401 -32.96 -8.80 9.71
N MET B 402 -32.81 -7.98 10.76
CA MET B 402 -33.94 -7.26 11.34
C MET B 402 -34.51 -6.27 10.34
N TYR B 403 -33.64 -5.67 9.55
CA TYR B 403 -34.06 -4.69 8.56
C TYR B 403 -33.95 -5.19 7.13
N ASN B 404 -34.00 -6.51 6.96
CA ASN B 404 -33.94 -7.13 5.63
C ASN B 404 -34.76 -8.40 5.63
N ASN B 405 -36.04 -8.26 5.30
CA ASN B 405 -36.97 -9.40 5.29
C ASN B 405 -36.50 -10.58 4.45
N SER B 406 -35.90 -10.28 3.30
CA SER B 406 -35.41 -11.34 2.42
C SER B 406 -34.41 -12.22 3.15
N LEU B 407 -33.34 -11.60 3.67
CA LEU B 407 -32.31 -12.33 4.40
C LEU B 407 -32.89 -13.08 5.60
N MET B 408 -33.77 -12.41 6.33
CA MET B 408 -34.41 -13.01 7.50
C MET B 408 -35.14 -14.30 7.09
N GLY B 409 -35.91 -14.21 6.00
CA GLY B 409 -36.64 -15.37 5.50
C GLY B 409 -35.72 -16.51 5.07
N LYS B 410 -34.58 -16.17 4.49
CA LYS B 410 -33.60 -17.18 4.08
C LYS B 410 -33.00 -17.83 5.31
N PHE B 411 -32.74 -17.01 6.34
CA PHE B 411 -32.17 -17.52 7.58
C PHE B 411 -33.13 -18.51 8.20
N LYS B 412 -34.40 -18.15 8.27
CA LYS B 412 -35.43 -19.02 8.84
C LYS B 412 -35.41 -20.39 8.16
N ASP B 413 -35.47 -20.37 6.84
CA ASP B 413 -35.46 -21.58 6.03
C ASP B 413 -34.17 -22.39 6.19
N LEU B 414 -33.03 -21.73 6.05
CA LEU B 414 -31.74 -22.40 6.14
C LEU B 414 -31.20 -22.75 7.53
N LEU B 415 -31.14 -21.75 8.43
CA LEU B 415 -30.59 -21.95 9.76
C LEU B 415 -31.48 -21.93 11.00
N GLY B 416 -32.60 -21.20 10.95
CA GLY B 416 -33.48 -21.12 12.10
C GLY B 416 -34.41 -22.32 12.17
N VAL B 417 -33.81 -23.50 12.28
CA VAL B 417 -34.58 -24.75 12.30
C VAL B 417 -34.56 -25.50 13.63
N THR B 418 -35.66 -26.21 13.87
CA THR B 418 -35.83 -27.01 15.08
C THR B 418 -35.58 -28.47 14.73
N PRO B 419 -34.51 -29.06 15.27
CA PRO B 419 -34.21 -30.47 14.98
C PRO B 419 -35.20 -31.39 15.66
N VAL B 420 -35.61 -32.45 14.93
CA VAL B 420 -36.55 -33.44 15.45
C VAL B 420 -36.04 -34.81 15.03
N MET B 421 -36.21 -35.81 15.90
CA MET B 421 -35.75 -37.17 15.60
C MET B 421 -36.84 -37.80 14.73
N GLN B 422 -36.42 -38.49 13.68
CA GLN B 422 -37.34 -39.16 12.78
C GLN B 422 -36.69 -40.51 12.45
N THR B 423 -37.49 -41.51 12.09
CA THR B 423 -36.91 -42.80 11.72
C THR B 423 -37.06 -43.04 10.23
N ILE B 424 -35.94 -43.31 9.58
CA ILE B 424 -35.91 -43.55 8.14
C ILE B 424 -35.80 -45.05 7.89
N VAL B 425 -36.79 -45.60 7.19
CA VAL B 425 -36.82 -47.02 6.87
C VAL B 425 -36.81 -47.26 5.37
N VAL B 426 -35.95 -48.17 4.91
CA VAL B 426 -35.88 -48.51 3.51
C VAL B 426 -35.77 -50.02 3.37
N LYS B 427 -36.65 -50.59 2.55
CA LYS B 427 -36.66 -52.02 2.36
C LYS B 427 -36.47 -52.44 0.90
N ASN B 428 -36.01 -53.68 0.73
CA ASN B 428 -35.75 -54.31 -0.59
C ASN B 428 -34.40 -53.81 -1.11
N VAL B 429 -33.40 -53.82 -0.22
CA VAL B 429 -32.06 -53.33 -0.57
C VAL B 429 -31.13 -54.49 -0.91
N PRO B 430 -30.60 -54.51 -2.15
CA PRO B 430 -29.69 -55.54 -2.65
C PRO B 430 -28.26 -55.40 -2.11
N THR B 431 -28.11 -55.62 -0.81
CA THR B 431 -26.79 -55.53 -0.17
C THR B 431 -26.04 -56.85 -0.23
N THR B 432 -24.75 -56.81 0.08
CA THR B 432 -23.91 -58.00 0.07
C THR B 432 -22.80 -57.84 1.11
N ILE B 433 -21.82 -58.74 1.05
CA ILE B 433 -20.71 -58.71 1.99
C ILE B 433 -19.88 -57.44 1.84
N GLY B 434 -19.77 -56.70 2.94
CA GLY B 434 -19.00 -55.47 2.96
C GLY B 434 -19.80 -54.23 2.61
N ASP B 435 -21.03 -54.41 2.16
CA ASP B 435 -21.88 -53.29 1.79
C ASP B 435 -22.47 -52.56 2.99
N THR B 436 -22.48 -51.23 2.90
CA THR B 436 -23.03 -50.36 3.92
C THR B 436 -24.08 -49.50 3.24
N VAL B 437 -25.10 -49.09 3.99
CA VAL B 437 -26.15 -48.25 3.42
C VAL B 437 -26.13 -46.86 4.05
N TYR B 438 -26.39 -45.85 3.23
CA TYR B 438 -26.40 -44.47 3.67
C TYR B 438 -27.55 -43.72 2.99
N ILE B 439 -27.76 -42.49 3.44
CA ILE B 439 -28.76 -41.60 2.87
C ILE B 439 -28.10 -40.25 2.75
N THR B 440 -28.55 -39.48 1.77
CA THR B 440 -28.04 -38.14 1.55
C THR B 440 -29.17 -37.41 0.85
N GLY B 441 -29.21 -36.09 1.01
CA GLY B 441 -30.27 -35.32 0.42
C GLY B 441 -29.88 -33.91 0.06
N ASN B 442 -30.88 -33.14 -0.37
CA ASN B 442 -30.68 -31.77 -0.78
C ASN B 442 -30.23 -30.79 0.29
N ARG B 443 -30.71 -30.96 1.53
CA ARG B 443 -30.34 -30.04 2.59
C ARG B 443 -28.98 -30.31 3.22
N ALA B 444 -28.43 -29.28 3.85
CA ALA B 444 -27.14 -29.37 4.54
C ALA B 444 -27.23 -30.36 5.70
N GLU B 445 -28.44 -30.50 6.26
CA GLU B 445 -28.68 -31.41 7.37
C GLU B 445 -28.59 -32.86 6.87
N LEU B 446 -28.72 -33.02 5.54
CA LEU B 446 -28.66 -34.33 4.89
C LEU B 446 -27.39 -34.53 4.03
N GLY B 447 -26.35 -33.75 4.28
CA GLY B 447 -25.12 -33.92 3.52
C GLY B 447 -24.99 -33.21 2.19
N SER B 448 -26.07 -32.59 1.71
CA SER B 448 -26.06 -31.86 0.44
C SER B 448 -25.66 -32.73 -0.76
N TRP B 449 -26.15 -33.96 -0.78
CA TRP B 449 -25.85 -34.91 -1.87
C TRP B 449 -24.41 -35.44 -1.89
N ASP B 450 -23.62 -35.12 -0.85
CA ASP B 450 -22.25 -35.61 -0.76
C ASP B 450 -22.30 -37.05 -0.29
N THR B 451 -21.51 -37.91 -0.94
CA THR B 451 -21.45 -39.33 -0.59
C THR B 451 -20.07 -39.69 -0.06
N LYS B 452 -19.14 -38.74 -0.16
CA LYS B 452 -17.78 -38.98 0.30
C LYS B 452 -17.63 -38.91 1.83
N GLN B 453 -17.93 -37.75 2.42
CA GLN B 453 -17.76 -37.58 3.87
C GLN B 453 -18.95 -37.12 4.73
N TYR B 454 -20.06 -36.74 4.10
CA TYR B 454 -21.24 -36.26 4.83
C TYR B 454 -22.52 -37.12 4.88
N PRO B 455 -22.58 -38.22 4.10
CA PRO B 455 -23.81 -39.03 4.16
C PRO B 455 -24.12 -39.60 5.54
N ILE B 456 -25.39 -39.89 5.76
CA ILE B 456 -25.89 -40.44 7.01
C ILE B 456 -26.05 -41.95 6.86
N GLN B 457 -25.32 -42.69 7.70
CA GLN B 457 -25.37 -44.15 7.64
C GLN B 457 -26.64 -44.77 8.25
N LEU B 458 -27.10 -45.86 7.62
CA LEU B 458 -28.28 -46.59 8.12
C LEU B 458 -27.79 -47.92 8.67
N TYR B 459 -28.69 -48.62 9.35
CA TYR B 459 -28.37 -49.91 9.94
C TYR B 459 -29.55 -50.86 9.70
N TYR B 460 -29.23 -52.10 9.32
CA TYR B 460 -30.23 -53.12 9.01
C TYR B 460 -30.82 -53.86 10.22
N ASP B 461 -32.14 -53.76 10.38
CA ASP B 461 -32.83 -54.44 11.47
C ASP B 461 -33.28 -55.82 10.99
N SER B 462 -32.60 -56.84 11.51
CA SER B 462 -32.84 -58.24 11.16
C SER B 462 -34.29 -58.71 11.35
N HIS B 463 -34.94 -58.25 12.41
CA HIS B 463 -36.32 -58.68 12.70
C HIS B 463 -37.35 -58.08 11.75
N SER B 464 -36.97 -56.98 11.11
CA SER B 464 -37.87 -56.33 10.17
C SER B 464 -37.35 -56.53 8.75
N ASN B 465 -36.09 -56.96 8.65
CA ASN B 465 -35.44 -57.23 7.37
C ASN B 465 -35.42 -55.98 6.49
N ASP B 466 -34.91 -54.89 7.05
CA ASP B 466 -34.80 -53.63 6.33
C ASP B 466 -33.68 -52.79 6.89
N TRP B 467 -33.40 -51.68 6.23
CA TRP B 467 -32.38 -50.75 6.68
C TRP B 467 -33.10 -49.54 7.24
N ARG B 468 -32.73 -49.16 8.45
CA ARG B 468 -33.37 -48.03 9.10
C ARG B 468 -32.37 -47.17 9.83
N GLY B 469 -32.83 -46.03 10.32
CA GLY B 469 -31.96 -45.13 11.06
C GLY B 469 -32.72 -44.01 11.73
N ASN B 470 -32.25 -43.61 12.91
CA ASN B 470 -32.86 -42.49 13.65
C ASN B 470 -32.06 -41.29 13.21
N VAL B 471 -32.69 -40.43 12.41
CA VAL B 471 -32.03 -39.27 11.86
C VAL B 471 -32.63 -37.96 12.37
N VAL B 472 -31.76 -37.06 12.83
CA VAL B 472 -32.23 -35.76 13.31
C VAL B 472 -32.42 -34.90 12.08
N LEU B 473 -33.65 -34.51 11.83
CA LEU B 473 -33.98 -33.69 10.66
C LEU B 473 -34.58 -32.35 11.07
N PRO B 474 -34.52 -31.34 10.18
CA PRO B 474 -35.08 -30.02 10.48
C PRO B 474 -36.61 -30.08 10.35
N ALA B 475 -37.31 -29.77 11.44
CA ALA B 475 -38.77 -29.79 11.45
C ALA B 475 -39.37 -28.76 10.50
N GLU B 476 -40.52 -29.12 9.92
CA GLU B 476 -41.26 -28.26 8.99
C GLU B 476 -40.44 -27.79 7.79
N ARG B 477 -39.55 -28.67 7.32
CA ARG B 477 -38.72 -28.36 6.16
C ARG B 477 -38.93 -29.42 5.09
N ASN B 478 -38.97 -28.98 3.85
CA ASN B 478 -39.13 -29.90 2.71
C ASN B 478 -37.78 -30.52 2.39
N ILE B 479 -37.72 -31.85 2.37
CA ILE B 479 -36.47 -32.53 2.06
C ILE B 479 -36.60 -33.57 0.94
N GLU B 480 -35.49 -33.78 0.22
CA GLU B 480 -35.40 -34.75 -0.87
C GLU B 480 -34.22 -35.63 -0.47
N PHE B 481 -34.31 -36.92 -0.71
CA PHE B 481 -33.23 -37.82 -0.34
C PHE B 481 -33.33 -39.18 -1.01
N LYS B 482 -32.25 -39.94 -0.93
CA LYS B 482 -32.17 -41.28 -1.51
C LYS B 482 -31.13 -42.11 -0.77
N ALA B 483 -31.34 -43.41 -0.76
CA ALA B 483 -30.40 -44.32 -0.13
C ALA B 483 -29.45 -44.77 -1.23
N PHE B 484 -28.26 -45.20 -0.83
CA PHE B 484 -27.28 -45.68 -1.79
C PHE B 484 -26.38 -46.66 -1.04
N ILE B 485 -25.77 -47.59 -1.77
CA ILE B 485 -24.91 -48.58 -1.15
C ILE B 485 -23.43 -48.22 -1.32
N LYS B 486 -22.63 -48.55 -0.32
CA LYS B 486 -21.19 -48.31 -0.38
C LYS B 486 -20.52 -49.67 -0.23
N SER B 487 -19.66 -50.01 -1.19
CA SER B 487 -18.98 -51.30 -1.16
C SER B 487 -17.88 -51.29 -0.09
N LYS B 488 -17.34 -52.48 0.17
CA LYS B 488 -16.28 -52.66 1.15
C LYS B 488 -15.14 -51.67 0.90
N ASP B 489 -14.77 -51.50 -0.37
CA ASP B 489 -13.69 -50.58 -0.76
C ASP B 489 -14.11 -49.10 -0.73
N GLY B 490 -15.19 -48.81 -0.01
CA GLY B 490 -15.70 -47.45 0.12
C GLY B 490 -16.28 -46.77 -1.11
N THR B 491 -16.47 -47.50 -2.20
CA THR B 491 -17.03 -46.83 -3.37
C THR B 491 -18.55 -47.02 -3.49
N VAL B 492 -19.20 -46.07 -4.17
CA VAL B 492 -20.66 -46.10 -4.37
C VAL B 492 -21.07 -47.18 -5.37
N LYS B 493 -21.83 -48.16 -4.89
CA LYS B 493 -22.30 -49.25 -5.72
C LYS B 493 -23.52 -48.85 -6.54
N SER B 494 -24.58 -48.46 -5.86
CA SER B 494 -25.81 -48.07 -6.55
C SER B 494 -26.62 -47.09 -5.72
N TRP B 495 -27.74 -46.66 -6.27
CA TRP B 495 -28.63 -45.72 -5.64
C TRP B 495 -30.05 -46.27 -5.62
N GLN B 496 -30.88 -45.69 -4.76
CA GLN B 496 -32.29 -46.06 -4.61
C GLN B 496 -32.95 -45.81 -5.94
N THR B 497 -33.79 -46.74 -6.37
CA THR B 497 -34.45 -46.59 -7.67
C THR B 497 -35.24 -45.30 -7.81
N ILE B 498 -35.88 -44.86 -6.74
CA ILE B 498 -36.68 -43.66 -6.78
C ILE B 498 -36.30 -42.66 -5.68
N GLN B 499 -36.26 -41.38 -6.07
CA GLN B 499 -35.91 -40.33 -5.14
C GLN B 499 -37.02 -40.06 -4.14
N GLN B 500 -36.68 -40.17 -2.86
CA GLN B 500 -37.62 -39.95 -1.77
C GLN B 500 -37.69 -38.49 -1.33
N SER B 501 -38.73 -38.17 -0.56
CA SER B 501 -38.93 -36.81 -0.06
C SER B 501 -39.84 -36.82 1.17
N TRP B 502 -39.88 -35.68 1.86
CA TRP B 502 -40.72 -35.50 3.04
C TRP B 502 -41.05 -34.01 2.96
N ASN B 503 -42.28 -33.71 2.55
CA ASN B 503 -42.68 -32.32 2.37
C ASN B 503 -43.83 -31.83 3.22
N PRO B 504 -43.53 -31.21 4.38
CA PRO B 504 -42.21 -31.04 4.98
C PRO B 504 -42.00 -32.12 6.03
N VAL B 505 -40.88 -32.07 6.74
CA VAL B 505 -40.61 -33.04 7.81
C VAL B 505 -41.58 -32.69 8.94
N PRO B 506 -42.30 -33.70 9.44
CA PRO B 506 -43.27 -33.51 10.52
C PRO B 506 -42.65 -33.11 11.86
N LEU B 507 -43.40 -32.33 12.64
CA LEU B 507 -42.95 -31.89 13.94
C LEU B 507 -42.83 -33.09 14.90
N LYS B 508 -43.80 -34.00 14.82
CA LYS B 508 -43.82 -35.20 15.66
C LYS B 508 -42.99 -36.31 15.07
N THR B 509 -42.29 -37.03 15.95
CA THR B 509 -41.48 -38.15 15.53
C THR B 509 -42.39 -39.19 14.90
N THR B 510 -42.13 -39.45 13.63
CA THR B 510 -42.90 -40.42 12.87
C THR B 510 -41.86 -41.33 12.24
N SER B 511 -42.14 -41.88 11.07
CA SER B 511 -41.19 -42.77 10.41
C SER B 511 -41.43 -42.70 8.92
N HIS B 512 -40.35 -42.62 8.16
CA HIS B 512 -40.43 -42.55 6.71
C HIS B 512 -39.92 -43.85 6.10
N THR B 513 -40.86 -44.73 5.78
CA THR B 513 -40.54 -46.03 5.17
C THR B 513 -40.67 -45.92 3.65
N SER B 514 -39.72 -46.51 2.94
CA SER B 514 -39.74 -46.52 1.48
C SER B 514 -38.98 -47.74 1.00
N SER B 515 -39.28 -48.16 -0.22
CA SER B 515 -38.59 -49.31 -0.79
C SER B 515 -37.56 -48.86 -1.81
N TRP B 516 -36.51 -49.67 -1.91
CA TRP B 516 -35.40 -49.45 -2.82
C TRP B 516 -35.85 -49.51 -4.28
N ALA C 1 13.26 39.51 -12.07
CA ALA C 1 13.99 38.21 -12.07
C ALA C 1 15.19 38.28 -11.15
N VAL C 2 15.82 37.14 -10.88
CA VAL C 2 16.96 37.10 -9.98
C VAL C 2 18.11 37.97 -10.48
N ASN C 3 18.96 38.40 -9.55
CA ASN C 3 20.11 39.24 -9.85
C ASN C 3 19.80 40.56 -10.56
N GLY C 4 18.73 41.22 -10.12
CA GLY C 4 18.35 42.51 -10.67
C GLY C 4 17.89 42.58 -12.12
N LYS C 5 17.81 41.45 -12.82
CA LYS C 5 17.36 41.47 -14.21
C LYS C 5 15.90 41.08 -14.45
N GLY C 6 15.45 41.23 -15.70
CA GLY C 6 14.07 40.90 -16.04
C GLY C 6 13.95 39.57 -16.74
N MET C 7 12.85 39.39 -17.47
CA MET C 7 12.59 38.15 -18.21
C MET C 7 13.54 38.01 -19.41
N ASN C 8 13.66 36.79 -19.93
CA ASN C 8 14.51 36.53 -21.07
C ASN C 8 13.88 37.15 -22.32
N PRO C 9 14.63 38.00 -23.03
CA PRO C 9 14.12 38.64 -24.25
C PRO C 9 13.85 37.66 -25.38
N ASP C 10 14.41 36.46 -25.28
CA ASP C 10 14.22 35.43 -26.30
C ASP C 10 13.10 34.45 -25.95
N TYR C 11 12.42 34.70 -24.84
CA TYR C 11 11.34 33.82 -24.41
C TYR C 11 10.29 33.50 -25.46
N LYS C 12 9.98 32.20 -25.57
CA LYS C 12 8.98 31.69 -26.51
C LYS C 12 8.21 30.58 -25.82
N ALA C 13 6.94 30.42 -26.20
CA ALA C 13 6.09 29.38 -25.63
C ALA C 13 5.81 28.32 -26.69
N TYR C 14 5.92 27.04 -26.31
CA TYR C 14 5.68 25.93 -27.22
C TYR C 14 4.59 25.02 -26.68
N LEU C 15 3.91 24.32 -27.58
CA LEU C 15 2.85 23.41 -27.20
C LEU C 15 3.23 21.98 -27.62
N MET C 16 3.05 21.00 -26.73
CA MET C 16 3.35 19.61 -27.05
C MET C 16 2.21 19.02 -27.86
N ALA C 17 2.56 18.37 -28.97
CA ALA C 17 1.57 17.73 -29.83
C ALA C 17 1.14 16.42 -29.18
N PRO C 18 0.04 15.82 -29.66
CA PRO C 18 -0.41 14.54 -29.11
C PRO C 18 0.66 13.46 -29.30
N LEU C 19 0.55 12.39 -28.51
CA LEU C 19 1.50 11.29 -28.59
C LEU C 19 1.21 10.40 -29.82
N LYS C 20 -0.08 10.22 -30.14
CA LYS C 20 -0.49 9.45 -31.31
C LYS C 20 -0.47 10.35 -32.54
N LYS C 21 -0.51 9.74 -33.71
CA LYS C 21 -0.51 10.49 -34.97
C LYS C 21 -1.76 11.34 -35.06
N ILE C 22 -1.63 12.54 -35.63
CA ILE C 22 -2.76 13.44 -35.79
C ILE C 22 -4.01 12.76 -36.36
N PRO C 23 -3.86 12.04 -37.49
CA PRO C 23 -5.01 11.36 -38.10
C PRO C 23 -5.81 10.41 -37.20
N GLU C 24 -5.19 9.92 -36.12
CA GLU C 24 -5.90 9.01 -35.22
C GLU C 24 -6.36 9.69 -33.93
N VAL C 25 -6.27 11.02 -33.92
CA VAL C 25 -6.69 11.84 -32.79
C VAL C 25 -7.65 12.91 -33.30
N THR C 26 -7.49 13.28 -34.57
CA THR C 26 -8.31 14.28 -35.22
C THR C 26 -7.98 14.18 -36.72
N ASN C 27 -8.08 15.28 -37.46
CA ASN C 27 -7.76 15.28 -38.89
C ASN C 27 -6.91 16.50 -39.18
N TRP C 28 -6.21 16.48 -40.32
CA TRP C 28 -5.33 17.57 -40.72
C TRP C 28 -6.03 18.91 -40.82
N GLU C 29 -7.30 18.86 -41.24
CA GLU C 29 -8.13 20.04 -41.41
C GLU C 29 -8.23 20.79 -40.10
N THR C 30 -8.76 20.11 -39.09
CA THR C 30 -8.93 20.70 -37.76
C THR C 30 -7.57 21.02 -37.13
N PHE C 31 -6.61 20.11 -37.27
CA PHE C 31 -5.27 20.32 -36.72
C PHE C 31 -4.73 21.70 -37.16
N GLU C 32 -4.93 22.04 -38.43
CA GLU C 32 -4.44 23.32 -38.96
C GLU C 32 -5.11 24.53 -38.30
N ASN C 33 -6.41 24.42 -38.05
CA ASN C 33 -7.13 25.51 -37.40
C ASN C 33 -6.72 25.57 -35.92
N ASP C 34 -6.50 24.39 -35.33
CA ASP C 34 -6.07 24.30 -33.94
C ASP C 34 -4.74 25.03 -33.79
N LEU C 35 -3.93 24.96 -34.84
CA LEU C 35 -2.63 25.60 -34.82
C LEU C 35 -2.72 27.12 -34.98
N ARG C 36 -3.70 27.59 -35.73
CA ARG C 36 -3.84 29.04 -35.88
C ARG C 36 -4.36 29.61 -34.55
N TRP C 37 -5.24 28.85 -33.89
CA TRP C 37 -5.80 29.24 -32.60
C TRP C 37 -4.66 29.35 -31.60
N ALA C 38 -3.76 28.35 -31.63
CA ALA C 38 -2.62 28.33 -30.73
C ALA C 38 -1.70 29.52 -30.99
N LYS C 39 -1.46 29.82 -32.27
CA LYS C 39 -0.62 30.94 -32.65
C LYS C 39 -1.17 32.23 -32.06
N GLN C 40 -2.50 32.32 -32.02
CA GLN C 40 -3.18 33.49 -31.48
C GLN C 40 -3.09 33.57 -29.97
N ASN C 41 -2.90 32.42 -29.33
CA ASN C 41 -2.81 32.40 -27.88
C ASN C 41 -1.40 32.49 -27.32
N GLY C 42 -0.46 32.94 -28.15
CA GLY C 42 0.91 33.09 -27.71
C GLY C 42 1.90 31.98 -28.03
N PHE C 43 1.44 30.87 -28.61
CA PHE C 43 2.35 29.77 -28.96
C PHE C 43 3.15 30.05 -30.24
N TYR C 44 4.45 29.82 -30.18
CA TYR C 44 5.36 30.05 -31.29
C TYR C 44 5.62 28.80 -32.13
N ALA C 45 5.67 27.65 -31.46
CA ALA C 45 5.94 26.41 -32.15
C ALA C 45 5.31 25.22 -31.44
N ILE C 46 5.21 24.11 -32.15
CA ILE C 46 4.64 22.88 -31.62
C ILE C 46 5.73 21.79 -31.61
N THR C 47 6.02 21.24 -30.43
CA THR C 47 7.02 20.17 -30.32
C THR C 47 6.30 18.87 -30.67
N VAL C 48 6.97 17.99 -31.40
CA VAL C 48 6.35 16.73 -31.81
C VAL C 48 7.33 15.55 -31.83
N ASP C 49 6.86 14.42 -31.31
CA ASP C 49 7.67 13.19 -31.28
C ASP C 49 7.54 12.45 -32.60
N PHE C 50 8.69 12.17 -33.22
CA PHE C 50 8.72 11.37 -34.43
C PHE C 50 9.44 10.11 -33.93
N TRP C 51 8.65 9.07 -33.72
CA TRP C 51 9.14 7.80 -33.19
C TRP C 51 10.03 6.95 -34.11
N TRP C 52 11.13 6.47 -33.56
CA TRP C 52 12.07 5.61 -34.26
C TRP C 52 11.32 4.34 -34.70
N GLY C 53 10.34 3.92 -33.88
CA GLY C 53 9.54 2.75 -34.17
C GLY C 53 8.69 2.89 -35.43
N ASP C 54 8.43 4.13 -35.86
CA ASP C 54 7.65 4.38 -37.07
C ASP C 54 8.54 4.66 -38.27
N MET C 55 9.64 5.38 -38.04
CA MET C 55 10.55 5.78 -39.12
C MET C 55 11.50 4.74 -39.71
N GLU C 56 11.88 3.73 -38.94
CA GLU C 56 12.78 2.69 -39.42
C GLU C 56 12.28 1.37 -38.84
N LYS C 57 10.98 1.16 -38.99
CA LYS C 57 10.30 -0.01 -38.46
C LYS C 57 10.73 -1.38 -39.01
N ASN C 58 10.62 -1.55 -40.32
CA ASN C 58 10.91 -2.81 -40.98
C ASN C 58 12.33 -3.37 -41.05
N GLY C 59 13.33 -2.52 -40.94
CA GLY C 59 14.68 -3.02 -41.00
C GLY C 59 15.69 -1.91 -41.13
N ASP C 60 16.96 -2.26 -41.04
CA ASP C 60 18.04 -1.31 -41.13
C ASP C 60 17.98 -0.55 -42.46
N GLN C 61 18.00 0.78 -42.34
CA GLN C 61 17.96 1.69 -43.47
C GLN C 61 16.67 1.67 -44.27
N GLN C 62 15.62 1.10 -43.68
CA GLN C 62 14.30 1.06 -44.32
C GLN C 62 13.44 2.15 -43.69
N PHE C 63 13.71 3.39 -44.11
CA PHE C 63 13.04 4.57 -43.56
C PHE C 63 11.64 4.88 -44.08
N ASP C 64 10.91 5.63 -43.28
CA ASP C 64 9.57 6.09 -43.63
C ASP C 64 9.39 7.43 -42.92
N PHE C 65 9.61 8.51 -43.66
CA PHE C 65 9.49 9.87 -43.12
C PHE C 65 8.26 10.57 -43.67
N SER C 66 7.37 9.81 -44.29
CA SER C 66 6.16 10.36 -44.90
C SER C 66 5.28 11.13 -43.92
N TYR C 67 5.15 10.62 -42.68
CA TYR C 67 4.35 11.27 -41.66
C TYR C 67 5.01 12.58 -41.21
N ALA C 68 6.33 12.54 -41.00
CA ALA C 68 7.09 13.70 -40.58
C ALA C 68 6.95 14.83 -41.61
N GLN C 69 6.90 14.45 -42.88
CA GLN C 69 6.77 15.41 -43.99
C GLN C 69 5.33 15.94 -44.10
N ARG C 70 4.36 15.03 -43.97
CA ARG C 70 2.95 15.40 -44.03
C ARG C 70 2.63 16.37 -42.89
N PHE C 71 3.15 16.06 -41.70
CA PHE C 71 2.96 16.88 -40.50
C PHE C 71 3.55 18.27 -40.77
N ALA C 72 4.80 18.30 -41.23
CA ALA C 72 5.49 19.55 -41.52
C ALA C 72 4.73 20.43 -42.52
N GLN C 73 4.08 19.81 -43.48
CA GLN C 73 3.33 20.57 -44.47
C GLN C 73 2.18 21.33 -43.80
N SER C 74 1.48 20.65 -42.88
CA SER C 74 0.38 21.29 -42.18
C SER C 74 0.83 22.46 -41.30
N VAL C 75 1.98 22.30 -40.66
CA VAL C 75 2.55 23.35 -39.81
C VAL C 75 2.84 24.59 -40.67
N LYS C 76 3.35 24.34 -41.87
CA LYS C 76 3.65 25.41 -42.79
C LYS C 76 2.33 26.07 -43.21
N ASN C 77 1.32 25.25 -43.47
CA ASN C 77 0.02 25.73 -43.90
C ASN C 77 -0.66 26.60 -42.85
N ALA C 78 -0.44 26.28 -41.58
CA ALA C 78 -1.05 27.04 -40.49
C ALA C 78 -0.21 28.25 -40.08
N GLY C 79 0.88 28.50 -40.80
CA GLY C 79 1.75 29.63 -40.51
C GLY C 79 2.57 29.48 -39.23
N MET C 80 2.67 28.25 -38.73
CA MET C 80 3.40 27.95 -37.51
C MET C 80 4.82 27.41 -37.71
N LYS C 81 5.51 27.15 -36.61
CA LYS C 81 6.87 26.59 -36.61
C LYS C 81 6.78 25.28 -35.81
N MET C 82 7.78 24.40 -35.94
CA MET C 82 7.76 23.12 -35.22
C MET C 82 9.12 22.73 -34.67
N ILE C 83 9.12 21.94 -33.61
CA ILE C 83 10.35 21.49 -32.99
C ILE C 83 10.28 19.97 -32.93
N PRO C 84 10.85 19.30 -33.93
CA PRO C 84 10.80 17.84 -33.92
C PRO C 84 11.66 17.21 -32.85
N ILE C 85 11.15 16.13 -32.29
CA ILE C 85 11.88 15.36 -31.31
C ILE C 85 12.15 14.04 -32.03
N ILE C 86 13.42 13.72 -32.19
CA ILE C 86 13.80 12.47 -32.83
C ILE C 86 13.77 11.43 -31.70
N SER C 87 12.57 10.88 -31.49
CA SER C 87 12.31 9.93 -30.43
C SER C 87 12.82 8.51 -30.61
N THR C 88 14.08 8.31 -30.24
CA THR C 88 14.72 7.01 -30.30
C THR C 88 14.40 6.19 -29.04
N HIS C 89 13.27 6.51 -28.42
CA HIS C 89 12.79 5.85 -27.21
C HIS C 89 11.36 5.35 -27.44
N GLN C 90 10.91 4.43 -26.62
CA GLN C 90 9.59 3.85 -26.72
C GLN C 90 8.45 4.74 -26.21
N CYS C 91 7.32 4.72 -26.93
CA CYS C 91 6.14 5.48 -26.51
C CYS C 91 5.24 4.45 -25.82
N GLY C 92 4.86 4.75 -24.59
CA GLY C 92 4.02 3.83 -23.85
C GLY C 92 4.80 3.31 -22.65
N GLY C 93 4.14 3.26 -21.50
CA GLY C 93 4.79 2.78 -20.30
C GLY C 93 5.19 3.85 -19.32
N ASN C 94 5.25 5.10 -19.78
CA ASN C 94 5.63 6.20 -18.91
C ASN C 94 4.40 7.00 -18.51
N VAL C 95 4.51 7.69 -17.39
CA VAL C 95 3.40 8.49 -16.87
C VAL C 95 2.80 9.41 -17.93
N GLY C 96 1.49 9.26 -18.13
CA GLY C 96 0.77 10.05 -19.11
C GLY C 96 0.81 9.55 -20.54
N ASP C 97 1.45 8.40 -20.77
CA ASP C 97 1.54 7.85 -22.13
C ASP C 97 0.27 7.16 -22.61
N ASP C 98 -0.24 7.59 -23.74
CA ASP C 98 -1.42 6.97 -24.35
C ASP C 98 -0.95 6.65 -25.76
N CYS C 99 -0.21 5.57 -25.89
CA CYS C 99 0.36 5.16 -27.17
C CYS C 99 1.08 3.84 -26.95
N ASN C 100 1.61 3.27 -28.03
CA ASN C 100 2.37 2.02 -27.96
C ASN C 100 3.26 1.94 -29.18
N VAL C 101 4.48 2.45 -29.03
CA VAL C 101 5.44 2.43 -30.12
C VAL C 101 6.83 2.11 -29.61
N PRO C 102 7.19 0.82 -29.58
CA PRO C 102 8.51 0.40 -29.11
C PRO C 102 9.53 0.79 -30.18
N ILE C 103 10.81 0.75 -29.83
CA ILE C 103 11.84 1.05 -30.83
C ILE C 103 11.88 -0.20 -31.76
N PRO C 104 12.41 -0.08 -32.99
CA PRO C 104 12.48 -1.21 -33.92
C PRO C 104 13.02 -2.51 -33.31
N SER C 105 12.25 -3.60 -33.43
CA SER C 105 12.66 -4.89 -32.87
C SER C 105 13.91 -5.50 -33.48
N TRP C 106 14.18 -5.16 -34.74
CA TRP C 106 15.37 -5.68 -35.42
C TRP C 106 16.66 -5.16 -34.78
N VAL C 107 16.56 -4.02 -34.10
CA VAL C 107 17.73 -3.42 -33.46
C VAL C 107 18.37 -4.35 -32.46
N TRP C 108 17.54 -5.14 -31.78
CA TRP C 108 18.01 -6.08 -30.77
C TRP C 108 18.90 -7.19 -31.35
N ASN C 109 18.68 -7.49 -32.63
CA ASN C 109 19.45 -8.55 -33.31
C ASN C 109 20.90 -8.19 -33.65
N GLN C 110 21.27 -6.91 -33.53
CA GLN C 110 22.61 -6.45 -33.86
C GLN C 110 23.71 -6.94 -32.91
N LYS C 111 23.31 -7.42 -31.74
CA LYS C 111 24.27 -7.90 -30.74
C LYS C 111 23.86 -9.24 -30.16
N SER C 112 24.85 -10.07 -29.87
CA SER C 112 24.61 -11.39 -29.29
C SER C 112 24.73 -11.37 -27.76
N ASP C 113 25.32 -10.30 -27.22
CA ASP C 113 25.48 -10.14 -25.79
C ASP C 113 24.31 -9.35 -25.20
N ASP C 114 24.49 -8.73 -24.03
CA ASP C 114 23.43 -7.94 -23.42
C ASP C 114 23.78 -6.45 -23.35
N SER C 115 24.65 -6.02 -24.25
CA SER C 115 25.09 -4.64 -24.30
C SER C 115 24.03 -3.61 -24.65
N LEU C 116 22.97 -4.02 -25.35
CA LEU C 116 21.93 -3.12 -25.79
C LEU C 116 20.82 -2.70 -24.82
N TYR C 117 20.56 -3.48 -23.78
CA TYR C 117 19.49 -3.13 -22.86
C TYR C 117 19.94 -2.94 -21.41
N PHE C 118 18.97 -2.80 -20.51
CA PHE C 118 19.25 -2.58 -19.09
C PHE C 118 18.75 -3.73 -18.22
N LYS C 119 19.33 -3.83 -17.04
CA LYS C 119 18.97 -4.86 -16.06
C LYS C 119 19.13 -4.20 -14.69
N SER C 120 18.04 -4.20 -13.92
CA SER C 120 18.02 -3.59 -12.58
C SER C 120 18.73 -4.42 -11.54
N GLU C 121 18.78 -3.89 -10.31
CA GLU C 121 19.39 -4.58 -9.18
C GLU C 121 18.71 -5.93 -8.96
N THR C 122 17.41 -5.99 -9.21
CA THR C 122 16.67 -7.22 -9.01
C THR C 122 16.47 -8.06 -10.28
N GLY C 123 17.20 -7.73 -11.34
CA GLY C 123 17.09 -8.49 -12.57
C GLY C 123 16.05 -8.04 -13.57
N THR C 124 15.40 -6.91 -13.33
CA THR C 124 14.39 -6.40 -14.26
C THR C 124 15.02 -5.86 -15.55
N VAL C 125 14.59 -6.37 -16.69
CA VAL C 125 15.12 -5.95 -17.98
C VAL C 125 14.32 -4.79 -18.54
N ASN C 126 15.01 -3.80 -19.06
CA ASN C 126 14.36 -2.64 -19.65
C ASN C 126 14.88 -2.47 -21.08
N LYS C 127 13.95 -2.45 -22.02
CA LYS C 127 14.28 -2.31 -23.42
C LYS C 127 13.52 -1.15 -24.06
N GLU C 128 13.27 -0.07 -23.32
CA GLU C 128 12.54 1.02 -23.92
C GLU C 128 13.42 2.03 -24.66
N THR C 129 14.73 1.83 -24.56
CA THR C 129 15.71 2.68 -25.21
C THR C 129 17.02 1.89 -25.19
N LEU C 130 17.95 2.23 -26.07
CA LEU C 130 19.23 1.51 -26.13
C LEU C 130 20.17 1.95 -25.01
N ASN C 131 20.87 0.98 -24.43
CA ASN C 131 21.82 1.26 -23.36
C ASN C 131 22.99 2.05 -23.95
N PRO C 132 23.23 3.26 -23.41
CA PRO C 132 24.31 4.15 -23.86
C PRO C 132 25.72 3.55 -23.86
N LEU C 133 25.92 2.42 -23.20
CA LEU C 133 27.22 1.77 -23.19
C LEU C 133 27.55 1.22 -24.58
N ALA C 134 26.50 0.91 -25.35
CA ALA C 134 26.65 0.38 -26.70
C ALA C 134 26.79 1.55 -27.69
N SER C 135 27.81 2.38 -27.49
CA SER C 135 28.05 3.55 -28.34
C SER C 135 28.41 3.25 -29.78
N ASP C 136 28.88 2.04 -30.06
CA ASP C 136 29.20 1.66 -31.43
C ASP C 136 27.89 1.56 -32.19
N VAL C 137 26.88 0.97 -31.55
CA VAL C 137 25.57 0.83 -32.17
C VAL C 137 24.86 2.18 -32.20
N ILE C 138 25.04 2.98 -31.16
CA ILE C 138 24.44 4.31 -31.08
C ILE C 138 24.97 5.17 -32.23
N ARG C 139 26.29 5.29 -32.34
CA ARG C 139 26.92 6.10 -33.39
C ARG C 139 26.39 5.70 -34.77
N LYS C 140 26.39 4.40 -35.06
CA LYS C 140 25.89 3.92 -36.34
C LYS C 140 24.42 4.24 -36.57
N GLU C 141 23.55 3.72 -35.71
CA GLU C 141 22.12 3.90 -35.88
C GLU C 141 21.61 5.34 -35.77
N TYR C 142 22.11 6.09 -34.79
CA TYR C 142 21.67 7.47 -34.63
C TYR C 142 22.20 8.34 -35.75
N GLY C 143 23.48 8.16 -36.08
CA GLY C 143 24.08 8.91 -37.18
C GLY C 143 23.29 8.68 -38.46
N GLU C 144 22.93 7.44 -38.72
CA GLU C 144 22.15 7.08 -39.91
C GLU C 144 20.77 7.72 -39.86
N LEU C 145 20.13 7.65 -38.70
CA LEU C 145 18.79 8.22 -38.53
C LEU C 145 18.77 9.75 -38.64
N TYR C 146 19.73 10.41 -38.00
CA TYR C 146 19.81 11.87 -38.02
C TYR C 146 20.06 12.38 -39.44
N THR C 147 21.03 11.78 -40.12
CA THR C 147 21.37 12.16 -41.49
C THR C 147 20.17 11.97 -42.42
N ALA C 148 19.51 10.82 -42.31
CA ALA C 148 18.35 10.50 -43.13
C ALA C 148 17.18 11.45 -42.87
N PHE C 149 16.96 11.76 -41.59
CA PHE C 149 15.90 12.67 -41.18
C PHE C 149 16.18 14.06 -41.75
N ALA C 150 17.42 14.51 -41.60
CA ALA C 150 17.84 15.82 -42.10
C ALA C 150 17.57 15.97 -43.60
N ALA C 151 17.91 14.94 -44.37
CA ALA C 151 17.68 14.93 -45.81
C ALA C 151 16.19 14.98 -46.14
N ALA C 152 15.39 14.28 -45.33
CA ALA C 152 13.95 14.24 -45.54
C ALA C 152 13.24 15.55 -45.18
N MET C 153 13.73 16.22 -44.14
CA MET C 153 13.13 17.47 -43.67
C MET C 153 13.73 18.72 -44.31
N LYS C 154 14.72 18.53 -45.18
CA LYS C 154 15.40 19.63 -45.87
C LYS C 154 14.44 20.59 -46.61
N PRO C 155 13.40 20.06 -47.28
CA PRO C 155 12.49 20.97 -47.97
C PRO C 155 11.68 21.84 -46.98
N TYR C 156 11.63 21.42 -45.72
CA TYR C 156 10.85 22.12 -44.69
C TYR C 156 11.67 22.86 -43.65
N LYS C 157 12.94 23.11 -43.94
CA LYS C 157 13.82 23.81 -42.99
C LYS C 157 13.30 25.15 -42.48
N ASP C 158 12.42 25.77 -43.25
CA ASP C 158 11.86 27.08 -42.89
C ASP C 158 10.80 27.02 -41.80
N VAL C 159 10.27 25.83 -41.52
CA VAL C 159 9.26 25.70 -40.45
C VAL C 159 9.83 25.03 -39.21
N ILE C 160 11.14 24.73 -39.25
CA ILE C 160 11.84 24.09 -38.13
C ILE C 160 12.50 25.15 -37.26
N ALA C 161 12.08 25.26 -36.01
CA ALA C 161 12.66 26.24 -35.11
C ALA C 161 13.83 25.70 -34.29
N LYS C 162 13.78 24.40 -34.01
CA LYS C 162 14.81 23.75 -33.20
C LYS C 162 14.67 22.23 -33.32
N ILE C 163 15.67 21.49 -32.85
CA ILE C 163 15.65 20.04 -32.89
C ILE C 163 15.99 19.45 -31.52
N TYR C 164 15.15 18.52 -31.07
CA TYR C 164 15.35 17.85 -29.79
C TYR C 164 15.86 16.43 -30.02
N LEU C 165 16.81 16.00 -29.21
CA LEU C 165 17.36 14.66 -29.29
C LEU C 165 16.83 13.88 -28.08
N SER C 166 16.62 12.58 -28.25
CA SER C 166 16.17 11.73 -27.15
C SER C 166 17.42 11.13 -26.53
N GLY C 167 17.69 11.50 -25.28
CA GLY C 167 18.87 10.97 -24.60
C GLY C 167 18.64 9.74 -23.74
N GLY C 168 17.40 9.25 -23.72
CA GLY C 168 17.08 8.08 -22.92
C GLY C 168 15.59 7.84 -22.83
N PRO C 169 15.13 7.07 -21.84
CA PRO C 169 13.70 6.76 -21.64
C PRO C 169 12.85 8.02 -21.48
N ALA C 170 11.70 8.04 -22.15
CA ALA C 170 10.77 9.16 -22.14
C ALA C 170 11.40 10.41 -22.77
N GLY C 171 12.52 10.23 -23.46
CA GLY C 171 13.20 11.34 -24.10
C GLY C 171 14.18 12.12 -23.22
N GLU C 172 14.41 11.63 -22.01
CA GLU C 172 15.32 12.30 -21.09
C GLU C 172 16.64 11.60 -20.95
N LEU C 173 17.71 12.38 -20.79
CA LEU C 173 19.03 11.81 -20.60
C LEU C 173 19.09 11.23 -19.19
N ARG C 174 18.91 9.92 -19.07
CA ARG C 174 18.91 9.24 -17.77
C ARG C 174 18.79 7.71 -17.92
N TYR C 175 18.85 7.02 -16.78
CA TYR C 175 18.67 5.58 -16.71
C TYR C 175 17.20 5.35 -16.34
N PRO C 176 16.61 4.23 -16.80
CA PRO C 176 15.20 3.91 -16.50
C PRO C 176 15.07 3.30 -15.10
N SER C 177 15.48 4.08 -14.10
CA SER C 177 15.47 3.63 -12.71
C SER C 177 14.12 3.66 -12.00
N TYR C 178 13.12 4.31 -12.58
CA TYR C 178 11.82 4.35 -11.94
C TYR C 178 10.72 3.83 -12.83
N THR C 179 10.44 2.53 -12.71
CA THR C 179 9.41 1.86 -13.50
C THR C 179 8.56 0.97 -12.61
N THR C 180 7.32 0.75 -13.01
CA THR C 180 6.40 -0.05 -12.22
C THR C 180 6.77 -1.54 -12.21
N SER C 181 7.17 -2.07 -13.36
CA SER C 181 7.56 -3.48 -13.43
C SER C 181 8.74 -3.76 -12.50
N ASP C 182 9.61 -2.77 -12.33
CA ASP C 182 10.77 -2.90 -11.47
C ASP C 182 10.39 -2.45 -10.05
N GLY C 183 9.13 -2.01 -9.92
CA GLY C 183 8.61 -1.55 -8.64
C GLY C 183 9.34 -0.37 -8.06
N THR C 184 9.88 0.49 -8.93
CA THR C 184 10.62 1.65 -8.47
C THR C 184 9.97 2.98 -8.85
N GLY C 185 8.68 2.92 -9.19
CA GLY C 185 7.98 4.13 -9.56
C GLY C 185 7.80 5.08 -8.38
N TYR C 186 7.48 6.34 -8.67
CA TYR C 186 7.26 7.36 -7.64
C TYR C 186 6.31 6.85 -6.56
N PRO C 187 6.58 7.16 -5.28
CA PRO C 187 7.71 7.95 -4.78
C PRO C 187 8.86 7.08 -4.26
N SER C 188 8.91 5.82 -4.68
CA SER C 188 9.95 4.89 -4.24
C SER C 188 11.35 5.32 -4.67
N ARG C 189 12.36 4.80 -3.97
CA ARG C 189 13.73 5.07 -4.32
C ARG C 189 13.92 4.32 -5.65
N GLY C 190 14.94 4.69 -6.40
CA GLY C 190 15.16 4.00 -7.66
C GLY C 190 16.15 2.88 -7.49
N LYS C 191 16.29 2.08 -8.54
CA LYS C 191 17.25 1.00 -8.53
C LYS C 191 18.26 1.27 -9.63
N PHE C 192 19.53 1.03 -9.34
CA PHE C 192 20.59 1.22 -10.31
C PHE C 192 20.34 0.30 -11.51
N GLN C 193 20.69 0.76 -12.70
CA GLN C 193 20.47 0.01 -13.92
C GLN C 193 21.74 -0.44 -14.66
N ALA C 194 22.72 -0.94 -13.93
CA ALA C 194 23.97 -1.38 -14.54
C ALA C 194 24.29 -2.82 -14.17
N TYR C 195 23.32 -3.71 -14.32
CA TYR C 195 23.55 -5.11 -13.94
C TYR C 195 23.66 -6.15 -15.03
N THR C 196 23.70 -5.72 -16.29
CA THR C 196 23.88 -6.67 -17.39
C THR C 196 25.36 -7.07 -17.31
N GLU C 197 25.70 -8.19 -17.93
CA GLU C 197 27.08 -8.64 -17.92
C GLU C 197 27.99 -7.61 -18.58
N PHE C 198 27.49 -6.96 -19.63
CA PHE C 198 28.26 -5.92 -20.34
C PHE C 198 28.53 -4.74 -19.40
N ALA C 199 27.48 -4.30 -18.70
CA ALA C 199 27.62 -3.17 -17.76
C ALA C 199 28.70 -3.51 -16.73
N LYS C 200 28.64 -4.72 -16.19
CA LYS C 200 29.61 -5.17 -15.20
C LYS C 200 31.05 -5.19 -15.75
N SER C 201 31.24 -5.66 -16.98
CA SER C 201 32.58 -5.71 -17.56
C SER C 201 33.12 -4.31 -17.87
N LYS C 202 32.25 -3.40 -18.29
CA LYS C 202 32.67 -2.03 -18.60
C LYS C 202 33.18 -1.35 -17.33
N PHE C 203 32.42 -1.49 -16.25
CA PHE C 203 32.82 -0.92 -14.96
C PHE C 203 34.16 -1.50 -14.52
N ARG C 204 34.30 -2.82 -14.62
CA ARG C 204 35.53 -3.51 -14.24
C ARG C 204 36.75 -2.95 -15.00
N LEU C 205 36.61 -2.77 -16.31
CA LEU C 205 37.71 -2.23 -17.12
C LEU C 205 38.08 -0.81 -16.73
N TRP C 206 37.05 0.01 -16.51
CA TRP C 206 37.23 1.41 -16.12
C TRP C 206 38.08 1.48 -14.85
N VAL C 207 37.73 0.66 -13.86
CA VAL C 207 38.45 0.62 -12.61
C VAL C 207 39.90 0.17 -12.82
N LEU C 208 40.07 -0.94 -13.54
CA LEU C 208 41.40 -1.47 -13.81
C LEU C 208 42.26 -0.54 -14.63
N ASN C 209 41.62 0.26 -15.47
CA ASN C 209 42.33 1.24 -16.29
C ASN C 209 42.84 2.34 -15.35
N LYS C 210 41.95 2.76 -14.45
CA LYS C 210 42.27 3.80 -13.48
C LYS C 210 43.36 3.39 -12.49
N TYR C 211 43.28 2.17 -11.98
CA TYR C 211 44.24 1.69 -10.97
C TYR C 211 45.40 0.83 -11.44
N GLY C 212 45.25 0.20 -12.60
CA GLY C 212 46.32 -0.61 -13.14
C GLY C 212 46.36 -2.04 -12.64
N SER C 213 46.14 -2.25 -11.34
CA SER C 213 46.16 -3.61 -10.78
C SER C 213 45.18 -3.75 -9.63
N LEU C 214 44.75 -5.00 -9.40
CA LEU C 214 43.81 -5.30 -8.32
C LEU C 214 44.37 -4.83 -6.97
N ASN C 215 45.69 -4.89 -6.83
CA ASN C 215 46.34 -4.46 -5.60
C ASN C 215 46.12 -2.97 -5.38
N GLU C 216 46.26 -2.19 -6.44
CA GLU C 216 46.04 -0.74 -6.36
C GLU C 216 44.57 -0.44 -6.11
N VAL C 217 43.69 -1.25 -6.69
CA VAL C 217 42.25 -1.10 -6.50
C VAL C 217 41.92 -1.33 -5.02
N ASN C 218 42.48 -2.40 -4.47
CA ASN C 218 42.26 -2.75 -3.07
C ASN C 218 42.70 -1.69 -2.09
N LYS C 219 43.92 -1.17 -2.24
CA LYS C 219 44.37 -0.14 -1.30
C LYS C 219 43.60 1.16 -1.42
N ALA C 220 43.10 1.46 -2.61
CA ALA C 220 42.33 2.68 -2.84
C ALA C 220 40.94 2.57 -2.25
N TRP C 221 40.35 1.37 -2.38
CA TRP C 221 39.01 1.11 -1.87
C TRP C 221 38.98 0.59 -0.44
N GLY C 222 40.11 0.12 0.04
CA GLY C 222 40.18 -0.43 1.38
C GLY C 222 39.50 -1.80 1.40
N THR C 223 39.48 -2.44 0.23
CA THR C 223 38.86 -3.75 0.09
C THR C 223 39.91 -4.87 0.07
N LYS C 224 39.43 -6.11 0.01
CA LYS C 224 40.30 -7.27 -0.04
C LYS C 224 39.74 -8.18 -1.11
N LEU C 225 39.53 -7.61 -2.29
CA LEU C 225 39.01 -8.37 -3.42
C LEU C 225 40.09 -9.36 -3.82
N ILE C 226 39.69 -10.61 -3.96
CA ILE C 226 40.63 -11.65 -4.32
C ILE C 226 40.71 -11.86 -5.82
N SER C 227 39.70 -11.38 -6.54
CA SER C 227 39.70 -11.54 -7.99
C SER C 227 39.17 -10.28 -8.66
N GLU C 228 39.59 -10.04 -9.89
CA GLU C 228 39.14 -8.86 -10.63
C GLU C 228 37.64 -8.98 -10.88
N LEU C 229 37.14 -10.21 -10.90
CA LEU C 229 35.71 -10.49 -11.11
C LEU C 229 34.87 -10.04 -9.92
N ALA C 230 35.54 -9.80 -8.80
CA ALA C 230 34.87 -9.35 -7.59
C ALA C 230 34.55 -7.86 -7.70
N ILE C 231 35.14 -7.19 -8.69
CA ILE C 231 34.87 -5.78 -8.95
C ILE C 231 33.50 -5.76 -9.63
N LEU C 232 32.50 -5.28 -8.91
CA LEU C 232 31.11 -5.26 -9.39
C LEU C 232 30.34 -4.05 -8.86
N PRO C 233 29.17 -3.77 -9.45
CA PRO C 233 28.36 -2.63 -9.00
C PRO C 233 27.74 -2.98 -7.63
N PRO C 234 27.11 -2.01 -6.95
CA PRO C 234 26.49 -2.19 -5.63
C PRO C 234 25.64 -3.46 -5.43
N SER C 235 25.98 -4.25 -4.42
CA SER C 235 25.23 -5.47 -4.10
C SER C 235 23.85 -5.14 -3.51
N ASP C 236 23.78 -4.08 -2.73
CA ASP C 236 22.51 -3.65 -2.16
C ASP C 236 22.36 -2.15 -2.39
N GLY C 237 21.46 -1.79 -3.29
CA GLY C 237 21.22 -0.40 -3.62
C GLY C 237 20.82 0.48 -2.44
N GLU C 238 20.03 -0.08 -1.52
CA GLU C 238 19.57 0.66 -0.35
C GLU C 238 20.72 1.04 0.57
N GLN C 239 21.54 0.07 0.94
CA GLN C 239 22.69 0.33 1.80
C GLN C 239 23.63 1.28 1.06
N PHE C 240 23.72 1.12 -0.26
CA PHE C 240 24.59 1.98 -1.06
C PHE C 240 24.10 3.43 -1.00
N LEU C 241 22.80 3.63 -1.13
CA LEU C 241 22.23 4.98 -1.09
C LEU C 241 22.25 5.59 0.32
N MET C 242 22.37 4.75 1.34
CA MET C 242 22.45 5.20 2.73
C MET C 242 23.84 5.65 3.13
N ASN C 243 24.87 4.88 2.79
CA ASN C 243 26.24 5.26 3.15
C ASN C 243 27.32 4.73 2.19
N GLY C 244 26.95 3.76 1.35
CA GLY C 244 27.92 3.22 0.41
C GLY C 244 28.47 4.30 -0.49
N TYR C 245 27.62 5.21 -0.92
CA TYR C 245 28.02 6.31 -1.79
C TYR C 245 29.15 7.19 -1.22
N LEU C 246 29.38 7.11 0.09
CA LEU C 246 30.41 7.92 0.75
C LEU C 246 31.83 7.37 0.67
N SER C 247 31.94 6.09 0.32
CA SER C 247 33.23 5.44 0.22
C SER C 247 33.88 5.71 -1.12
N MET C 248 35.20 5.48 -1.19
CA MET C 248 35.97 5.66 -2.42
C MET C 248 35.36 4.81 -3.53
N TYR C 249 34.94 3.60 -3.18
CA TYR C 249 34.29 2.70 -4.12
C TYR C 249 33.02 3.38 -4.65
N GLY C 250 32.22 3.93 -3.75
CA GLY C 250 30.99 4.59 -4.15
C GLY C 250 31.25 5.76 -5.08
N LYS C 251 32.28 6.55 -4.75
CA LYS C 251 32.70 7.69 -5.56
C LYS C 251 33.00 7.23 -6.98
N ASP C 252 33.90 6.26 -7.09
CA ASP C 252 34.30 5.69 -8.39
C ASP C 252 33.11 5.16 -9.18
N TYR C 253 32.28 4.35 -8.54
CA TYR C 253 31.11 3.77 -9.20
C TYR C 253 30.16 4.85 -9.74
N LEU C 254 29.92 5.88 -8.94
CA LEU C 254 29.03 6.95 -9.35
C LEU C 254 29.65 7.83 -10.45
N GLU C 255 30.97 7.95 -10.44
CA GLU C 255 31.67 8.74 -11.45
C GLU C 255 31.48 8.00 -12.78
N TRP C 256 31.77 6.70 -12.78
CA TRP C 256 31.62 5.87 -13.96
C TRP C 256 30.17 5.86 -14.42
N TYR C 257 29.25 5.63 -13.47
CA TYR C 257 27.82 5.54 -13.74
C TYR C 257 27.25 6.79 -14.41
N GLN C 258 27.55 7.97 -13.85
CA GLN C 258 27.07 9.22 -14.43
C GLN C 258 27.84 9.53 -15.72
N GLY C 259 29.14 9.24 -15.70
CA GLY C 259 30.00 9.47 -16.85
C GLY C 259 29.49 8.89 -18.16
N ILE C 260 28.81 7.76 -18.10
CA ILE C 260 28.25 7.12 -19.30
C ILE C 260 27.24 8.08 -19.94
N LEU C 261 26.45 8.76 -19.12
CA LEU C 261 25.46 9.71 -19.62
C LEU C 261 26.14 10.96 -20.19
N GLU C 262 27.28 11.33 -19.62
CA GLU C 262 28.03 12.50 -20.09
C GLU C 262 28.63 12.20 -21.45
N ASN C 263 29.20 11.01 -21.60
CA ASN C 263 29.79 10.58 -22.87
C ASN C 263 28.72 10.40 -23.92
N HIS C 264 27.52 10.01 -23.48
CA HIS C 264 26.40 9.82 -24.39
C HIS C 264 25.96 11.18 -24.94
N THR C 265 26.01 12.20 -24.08
CA THR C 265 25.64 13.58 -24.45
C THR C 265 26.59 14.10 -25.51
N LYS C 266 27.88 13.92 -25.29
CA LYS C 266 28.89 14.35 -26.24
C LYS C 266 28.75 13.61 -27.57
N LEU C 267 28.41 12.32 -27.49
CA LEU C 267 28.24 11.52 -28.70
C LEU C 267 27.05 11.99 -29.53
N ILE C 268 25.86 11.97 -28.95
CA ILE C 268 24.66 12.40 -29.70
C ILE C 268 24.74 13.86 -30.16
N GLY C 269 25.48 14.69 -29.42
CA GLY C 269 25.64 16.09 -29.77
C GLY C 269 26.47 16.21 -31.03
N GLU C 270 27.55 15.43 -31.10
CA GLU C 270 28.44 15.42 -32.26
C GLU C 270 27.65 15.00 -33.51
N LEU C 271 26.96 13.86 -33.40
CA LEU C 271 26.16 13.33 -34.49
C LEU C 271 25.12 14.34 -34.97
N ALA C 272 24.39 14.95 -34.02
CA ALA C 272 23.36 15.93 -34.35
C ALA C 272 23.94 17.14 -35.06
N HIS C 273 25.02 17.69 -34.55
CA HIS C 273 25.63 18.85 -35.18
C HIS C 273 26.13 18.53 -36.57
N ASN C 274 26.71 17.34 -36.73
CA ASN C 274 27.21 16.93 -38.04
C ASN C 274 26.07 16.80 -39.04
N ALA C 275 24.92 16.30 -38.60
CA ALA C 275 23.78 16.12 -39.48
C ALA C 275 22.89 17.32 -39.72
N PHE C 276 22.79 18.21 -38.73
CA PHE C 276 21.87 19.34 -38.83
C PHE C 276 22.41 20.75 -39.03
N ASP C 277 23.66 20.99 -38.64
CA ASP C 277 24.22 22.33 -38.72
C ASP C 277 24.20 23.10 -40.02
N THR C 278 24.86 22.57 -41.05
CA THR C 278 24.90 23.27 -42.33
C THR C 278 23.52 23.46 -42.98
N THR C 279 22.64 22.48 -42.80
CA THR C 279 21.32 22.56 -43.41
C THR C 279 20.25 23.33 -42.66
N PHE C 280 20.14 23.12 -41.35
CA PHE C 280 19.10 23.79 -40.60
C PHE C 280 19.52 25.00 -39.78
N GLN C 281 20.76 24.98 -39.29
CA GLN C 281 21.29 26.09 -38.50
C GLN C 281 20.36 26.46 -37.34
N VAL C 282 19.73 25.47 -36.73
CA VAL C 282 18.82 25.71 -35.59
C VAL C 282 19.48 25.19 -34.30
N PRO C 283 18.97 25.65 -33.14
CA PRO C 283 19.59 25.14 -31.91
C PRO C 283 19.17 23.69 -31.70
N ILE C 284 20.00 22.94 -30.99
CA ILE C 284 19.70 21.54 -30.72
C ILE C 284 19.67 21.32 -29.21
N GLY C 285 18.59 20.76 -28.71
CA GLY C 285 18.47 20.52 -27.29
C GLY C 285 18.27 19.08 -26.85
N ALA C 286 18.42 18.87 -25.54
CA ALA C 286 18.23 17.57 -24.91
C ALA C 286 17.55 17.82 -23.55
N LYS C 287 16.99 16.78 -22.96
CA LYS C 287 16.26 16.91 -21.70
C LYS C 287 16.83 16.22 -20.47
N ILE C 288 16.64 16.85 -19.31
CA ILE C 288 17.06 16.31 -18.03
C ILE C 288 15.74 16.15 -17.25
N ALA C 289 15.52 14.97 -16.70
CA ALA C 289 14.30 14.69 -15.94
C ALA C 289 14.33 15.24 -14.53
N GLY C 290 13.19 15.78 -14.09
CA GLY C 290 13.08 16.31 -12.74
C GLY C 290 12.70 15.21 -11.76
N VAL C 291 13.69 14.47 -11.28
CA VAL C 291 13.48 13.39 -10.33
C VAL C 291 13.44 14.09 -8.95
N HIS C 292 12.24 14.53 -8.59
CA HIS C 292 12.04 15.30 -7.37
C HIS C 292 11.72 14.58 -6.05
N TRP C 293 11.33 13.31 -6.12
CA TRP C 293 11.01 12.56 -4.89
C TRP C 293 12.27 12.00 -4.23
N GLN C 294 12.19 11.72 -2.93
CA GLN C 294 13.30 11.18 -2.14
C GLN C 294 14.49 12.12 -2.19
N TYR C 295 14.22 13.38 -2.52
CA TYR C 295 15.25 14.39 -2.61
C TYR C 295 15.86 14.66 -1.24
N ASN C 296 15.03 15.09 -0.30
CA ASN C 296 15.50 15.38 1.04
C ASN C 296 15.23 14.29 2.05
N ASN C 297 15.24 13.03 1.60
CA ASN C 297 15.03 11.93 2.53
C ASN C 297 16.26 11.93 3.44
N PRO C 298 16.04 11.85 4.76
CA PRO C 298 17.12 11.86 5.76
C PRO C 298 18.13 10.71 5.73
N THR C 299 17.64 9.50 5.50
CA THR C 299 18.52 8.33 5.49
C THR C 299 19.04 7.94 4.10
N ILE C 300 18.21 8.17 3.07
CA ILE C 300 18.59 7.91 1.67
C ILE C 300 18.46 9.20 0.86
N PRO C 301 19.42 10.12 1.01
CA PRO C 301 19.37 11.38 0.28
C PRO C 301 19.44 11.22 -1.23
N HIS C 302 18.48 11.82 -1.93
CA HIS C 302 18.42 11.76 -3.39
C HIS C 302 18.37 10.31 -3.85
N GLY C 303 17.58 9.50 -3.15
CA GLY C 303 17.44 8.09 -3.47
C GLY C 303 16.84 7.74 -4.81
N ALA C 304 16.24 8.73 -5.46
CA ALA C 304 15.65 8.52 -6.77
C ALA C 304 16.54 9.17 -7.85
N GLU C 305 17.24 10.24 -7.49
CA GLU C 305 18.13 10.94 -8.42
C GLU C 305 19.35 10.09 -8.79
N LYS C 306 20.11 9.66 -7.80
CA LYS C 306 21.31 8.87 -8.05
C LYS C 306 21.12 7.66 -8.97
N PRO C 307 20.11 6.81 -8.71
CA PRO C 307 19.92 5.64 -9.60
C PRO C 307 19.57 6.08 -11.04
N ALA C 308 18.95 7.24 -11.19
CA ALA C 308 18.59 7.74 -12.51
C ALA C 308 19.82 8.21 -13.26
N GLY C 309 20.92 8.36 -12.54
CA GLY C 309 22.17 8.80 -13.14
C GLY C 309 22.59 10.21 -12.77
N TYR C 310 21.79 10.89 -11.95
CA TYR C 310 22.08 12.26 -11.53
C TYR C 310 22.74 12.38 -10.19
N ASN C 311 24.08 12.41 -10.19
CA ASN C 311 24.84 12.52 -8.95
C ASN C 311 25.53 13.88 -8.80
N ASP C 312 25.90 14.51 -9.91
CA ASP C 312 26.57 15.80 -9.90
C ASP C 312 26.08 16.61 -11.10
N TYR C 313 25.04 17.41 -10.89
CA TYR C 313 24.45 18.23 -11.93
C TYR C 313 25.42 19.22 -12.57
N SER C 314 26.44 19.63 -11.83
CA SER C 314 27.45 20.53 -12.36
C SER C 314 28.23 19.82 -13.47
N HIS C 315 28.77 18.65 -13.15
CA HIS C 315 29.52 17.87 -14.14
C HIS C 315 28.62 17.53 -15.32
N LEU C 316 27.36 17.21 -15.03
CA LEU C 316 26.41 16.84 -16.06
C LEU C 316 26.15 17.98 -17.07
N LEU C 317 25.92 19.19 -16.56
CA LEU C 317 25.68 20.36 -17.42
C LEU C 317 26.91 20.73 -18.24
N ASP C 318 28.09 20.44 -17.73
CA ASP C 318 29.33 20.71 -18.46
C ASP C 318 29.38 19.90 -19.76
N ALA C 319 28.81 18.69 -19.73
CA ALA C 319 28.77 17.84 -20.92
C ALA C 319 27.87 18.51 -21.95
N PHE C 320 26.79 19.12 -21.48
CA PHE C 320 25.86 19.83 -22.38
C PHE C 320 26.54 21.01 -23.03
N LYS C 321 27.38 21.70 -22.25
CA LYS C 321 28.11 22.85 -22.75
C LYS C 321 29.13 22.37 -23.79
N SER C 322 29.83 21.29 -23.47
CA SER C 322 30.83 20.71 -24.38
C SER C 322 30.21 20.30 -25.71
N ALA C 323 29.06 19.65 -25.65
CA ALA C 323 28.36 19.17 -26.84
C ALA C 323 27.57 20.25 -27.58
N LYS C 324 27.50 21.45 -27.00
CA LYS C 324 26.76 22.54 -27.61
C LYS C 324 25.29 22.17 -27.75
N LEU C 325 24.70 21.76 -26.63
CA LEU C 325 23.29 21.39 -26.59
C LEU C 325 22.59 22.26 -25.54
N ASP C 326 21.40 22.74 -25.87
CA ASP C 326 20.60 23.55 -24.95
C ASP C 326 19.90 22.59 -24.01
N VAL C 327 19.70 22.98 -22.76
CA VAL C 327 19.06 22.09 -21.79
C VAL C 327 17.60 22.42 -21.48
N THR C 328 16.79 21.37 -21.35
CA THR C 328 15.38 21.52 -21.00
C THR C 328 15.10 20.73 -19.72
N PHE C 329 14.53 21.41 -18.73
CA PHE C 329 14.20 20.79 -17.46
C PHE C 329 12.69 20.76 -17.26
N THR C 330 12.20 19.78 -16.51
CA THR C 330 10.76 19.66 -16.26
C THR C 330 10.35 20.11 -14.84
N CYS C 331 9.07 19.91 -14.48
CA CYS C 331 8.56 20.27 -13.15
C CYS C 331 8.50 21.74 -12.75
N LEU C 332 8.24 22.63 -13.71
CA LEU C 332 8.17 24.06 -13.40
C LEU C 332 6.90 24.47 -12.65
N GLU C 333 5.86 23.65 -12.72
CA GLU C 333 4.59 23.97 -12.06
C GLU C 333 4.44 23.42 -10.65
N MET C 334 5.45 22.69 -10.19
CA MET C 334 5.42 22.06 -8.87
C MET C 334 5.96 22.88 -7.70
N THR C 335 5.41 22.63 -6.52
CA THR C 335 5.84 23.31 -5.30
C THR C 335 6.56 22.32 -4.40
N ASP C 336 7.49 22.83 -3.59
CA ASP C 336 8.23 22.02 -2.64
C ASP C 336 7.33 21.47 -1.53
N LYS C 337 7.66 20.29 -1.04
CA LYS C 337 6.93 19.67 0.06
C LYS C 337 7.97 19.18 1.06
N GLY C 338 8.75 18.18 0.66
CA GLY C 338 9.80 17.68 1.52
C GLY C 338 9.40 16.97 2.79
N SER C 339 8.19 16.42 2.80
CA SER C 339 7.70 15.70 3.98
C SER C 339 7.60 14.21 3.70
N TYR C 340 7.64 13.41 4.76
CA TYR C 340 7.52 11.97 4.63
C TYR C 340 6.14 11.64 4.08
N PRO C 341 6.03 10.60 3.24
CA PRO C 341 7.08 9.71 2.73
C PRO C 341 7.77 10.08 1.40
N GLU C 342 7.15 10.95 0.60
CA GLU C 342 7.72 11.33 -0.70
C GLU C 342 8.98 12.18 -0.70
N TYR C 343 9.04 13.16 0.20
CA TYR C 343 10.19 14.08 0.28
C TYR C 343 10.45 14.79 -1.06
N SER C 344 9.38 15.35 -1.63
CA SER C 344 9.48 16.04 -2.90
C SER C 344 9.94 17.47 -2.74
N MET C 345 10.98 17.85 -3.47
CA MET C 345 11.49 19.23 -3.45
C MET C 345 11.67 19.69 -4.89
N PRO C 346 10.61 19.61 -5.71
CA PRO C 346 10.69 20.03 -7.11
C PRO C 346 11.17 21.46 -7.39
N LYS C 347 10.59 22.43 -6.69
CA LYS C 347 10.96 23.84 -6.86
C LYS C 347 12.44 24.13 -6.55
N THR C 348 12.96 23.56 -5.46
CA THR C 348 14.37 23.77 -5.11
C THR C 348 15.26 23.18 -6.20
N LEU C 349 14.85 22.03 -6.74
CA LEU C 349 15.60 21.38 -7.81
C LEU C 349 15.70 22.31 -9.02
N VAL C 350 14.55 22.79 -9.49
CA VAL C 350 14.48 23.70 -10.65
C VAL C 350 15.37 24.92 -10.44
N GLN C 351 15.31 25.50 -9.25
CA GLN C 351 16.13 26.67 -8.95
C GLN C 351 17.61 26.35 -9.07
N ASN C 352 18.00 25.21 -8.53
CA ASN C 352 19.40 24.79 -8.56
C ASN C 352 19.95 24.57 -9.97
N ILE C 353 19.16 23.93 -10.82
CA ILE C 353 19.59 23.66 -12.20
C ILE C 353 19.66 24.96 -12.99
N ALA C 354 18.65 25.81 -12.83
CA ALA C 354 18.61 27.10 -13.52
C ALA C 354 19.79 27.95 -13.11
N THR C 355 20.15 27.90 -11.84
CA THR C 355 21.29 28.67 -11.36
C THR C 355 22.57 28.18 -12.03
N LEU C 356 22.77 26.86 -12.05
CA LEU C 356 23.95 26.26 -12.66
C LEU C 356 24.06 26.57 -14.16
N ALA C 357 22.94 26.43 -14.87
CA ALA C 357 22.89 26.67 -16.30
C ALA C 357 23.22 28.12 -16.65
N ASN C 358 22.61 29.06 -15.94
CA ASN C 358 22.84 30.49 -16.15
C ASN C 358 24.29 30.85 -15.89
N GLU C 359 24.86 30.25 -14.86
CA GLU C 359 26.24 30.46 -14.47
C GLU C 359 27.20 29.94 -15.57
N LYS C 360 26.81 28.83 -16.20
CA LYS C 360 27.62 28.20 -17.24
C LYS C 360 27.37 28.77 -18.63
N GLY C 361 26.34 29.61 -18.75
CA GLY C 361 26.02 30.20 -20.03
C GLY C 361 25.35 29.21 -20.95
N ILE C 362 24.48 28.37 -20.39
CA ILE C 362 23.75 27.35 -21.15
C ILE C 362 22.29 27.79 -21.31
N VAL C 363 21.79 27.80 -22.54
CA VAL C 363 20.40 28.19 -22.78
C VAL C 363 19.50 27.18 -22.08
N LEU C 364 18.61 27.71 -21.25
CA LEU C 364 17.68 26.93 -20.43
C LEU C 364 16.21 26.99 -20.86
N ASN C 365 15.55 25.85 -20.91
CA ASN C 365 14.15 25.76 -21.29
C ASN C 365 13.44 24.91 -20.26
N GLY C 366 12.11 24.91 -20.27
CA GLY C 366 11.39 24.11 -19.30
C GLY C 366 10.02 23.66 -19.76
N GLU C 367 9.44 22.73 -19.02
CA GLU C 367 8.12 22.20 -19.32
C GLU C 367 7.46 21.69 -18.03
N ASN C 368 6.13 21.64 -18.03
CA ASN C 368 5.42 21.15 -16.85
C ASN C 368 5.50 19.63 -16.82
N ALA C 369 5.51 19.08 -15.60
CA ALA C 369 5.58 17.63 -15.40
C ALA C 369 4.27 16.90 -15.71
N LEU C 370 3.14 17.47 -15.29
CA LEU C 370 1.84 16.85 -15.52
C LEU C 370 0.88 17.90 -16.03
N SER C 371 -0.24 17.45 -16.59
CA SER C 371 -1.27 18.35 -17.11
C SER C 371 -1.70 19.37 -16.05
N ILE C 372 -1.86 20.62 -16.49
CA ILE C 372 -2.26 21.71 -15.62
C ILE C 372 -3.77 21.90 -15.74
N GLY C 373 -4.48 21.62 -14.66
CA GLY C 373 -5.92 21.72 -14.65
C GLY C 373 -6.47 23.08 -14.27
N ASN C 374 -5.61 24.03 -13.89
CA ASN C 374 -6.08 25.36 -13.50
C ASN C 374 -4.98 26.42 -13.49
N GLU C 375 -5.41 27.67 -13.64
CA GLU C 375 -4.51 28.82 -13.70
C GLU C 375 -3.49 28.94 -12.57
N GLU C 376 -3.81 28.43 -11.39
CA GLU C 376 -2.87 28.52 -10.28
C GLU C 376 -1.54 27.89 -10.63
N GLU C 377 -1.57 26.78 -11.37
CA GLU C 377 -0.32 26.12 -11.80
C GLU C 377 0.40 26.99 -12.82
N TYR C 378 -0.38 27.66 -13.67
CA TYR C 378 0.17 28.55 -14.67
C TYR C 378 0.98 29.63 -13.97
N LYS C 379 0.45 30.12 -12.86
CA LYS C 379 1.11 31.17 -12.08
C LYS C 379 2.44 30.69 -11.51
N ARG C 380 2.52 29.42 -11.15
CA ARG C 380 3.76 28.86 -10.61
C ARG C 380 4.83 28.76 -11.71
N VAL C 381 4.40 28.31 -12.89
CA VAL C 381 5.32 28.19 -14.03
C VAL C 381 5.88 29.58 -14.38
N ALA C 382 4.99 30.57 -14.41
CA ALA C 382 5.37 31.94 -14.72
C ALA C 382 6.47 32.47 -13.82
N GLU C 383 6.35 32.21 -12.52
CA GLU C 383 7.34 32.67 -11.55
C GLU C 383 8.74 32.14 -11.82
N MET C 384 8.82 30.85 -12.10
CA MET C 384 10.10 30.22 -12.38
C MET C 384 10.66 30.67 -13.72
N ALA C 385 9.81 30.64 -14.74
CA ALA C 385 10.21 31.01 -16.09
C ALA C 385 10.75 32.42 -16.23
N PHE C 386 9.99 33.39 -15.72
CA PHE C 386 10.39 34.80 -15.83
C PHE C 386 11.35 35.32 -14.78
N ASN C 387 11.69 34.49 -13.79
CA ASN C 387 12.62 34.92 -12.76
C ASN C 387 13.96 34.20 -12.79
N TYR C 388 14.01 33.09 -13.52
CA TYR C 388 15.23 32.29 -13.63
C TYR C 388 15.81 32.20 -15.04
N ASN C 389 15.43 33.17 -15.88
CA ASN C 389 15.92 33.31 -17.24
C ASN C 389 15.66 32.18 -18.26
N PHE C 390 14.52 31.50 -18.17
CA PHE C 390 14.21 30.45 -19.14
C PHE C 390 13.96 31.10 -20.50
N ALA C 391 14.54 30.52 -21.55
CA ALA C 391 14.39 31.01 -22.92
C ALA C 391 13.11 30.45 -23.58
N GLY C 392 12.52 29.44 -22.95
CA GLY C 392 11.31 28.86 -23.51
C GLY C 392 10.59 27.95 -22.53
N PHE C 393 9.31 27.75 -22.76
CA PHE C 393 8.51 26.87 -21.93
C PHE C 393 7.56 26.09 -22.82
N THR C 394 7.52 24.77 -22.62
CA THR C 394 6.66 23.91 -23.42
C THR C 394 5.54 23.39 -22.54
N LEU C 395 4.31 23.51 -23.03
CA LEU C 395 3.14 23.04 -22.29
C LEU C 395 2.69 21.65 -22.68
N LEU C 396 2.69 20.77 -21.69
CA LEU C 396 2.23 19.40 -21.86
C LEU C 396 0.78 19.46 -21.35
N ARG C 397 -0.23 19.20 -22.19
CA ARG C 397 -0.08 18.84 -23.61
C ARG C 397 -1.29 19.35 -24.41
N TYR C 398 -1.15 19.29 -25.73
CA TYR C 398 -2.15 19.72 -26.72
C TYR C 398 -3.63 19.78 -26.28
N GLN C 399 -4.26 18.61 -26.17
CA GLN C 399 -5.66 18.49 -25.81
C GLN C 399 -6.15 19.19 -24.52
N ASP C 400 -5.23 19.53 -23.62
CA ASP C 400 -5.59 20.19 -22.38
C ASP C 400 -6.13 21.61 -22.58
N VAL C 401 -5.53 22.36 -23.50
CA VAL C 401 -5.95 23.73 -23.78
C VAL C 401 -6.72 23.87 -25.08
N MET C 402 -6.47 22.95 -26.00
CA MET C 402 -7.13 22.98 -27.29
C MET C 402 -8.63 22.76 -27.10
N TYR C 403 -8.98 21.97 -26.10
CA TYR C 403 -10.38 21.66 -25.83
C TYR C 403 -10.87 22.29 -24.51
N ASN C 404 -10.32 23.45 -24.17
CA ASN C 404 -10.70 24.17 -22.95
C ASN C 404 -10.23 25.63 -23.10
N ASN C 405 -11.09 26.44 -23.70
CA ASN C 405 -10.79 27.85 -23.96
C ASN C 405 -10.57 28.72 -22.73
N SER C 406 -11.16 28.33 -21.60
CA SER C 406 -10.99 29.07 -20.36
C SER C 406 -9.51 29.02 -20.00
N LEU C 407 -9.02 27.78 -19.89
CA LEU C 407 -7.62 27.55 -19.55
C LEU C 407 -6.69 28.11 -20.64
N MET C 408 -7.16 28.10 -21.89
CA MET C 408 -6.38 28.64 -23.01
C MET C 408 -6.25 30.16 -22.85
N GLY C 409 -7.30 30.78 -22.31
CA GLY C 409 -7.27 32.22 -22.09
C GLY C 409 -6.31 32.55 -20.96
N LYS C 410 -6.35 31.76 -19.89
CA LYS C 410 -5.46 31.97 -18.75
C LYS C 410 -4.00 31.81 -19.20
N PHE C 411 -3.75 30.84 -20.08
CA PHE C 411 -2.40 30.62 -20.59
C PHE C 411 -1.92 31.83 -21.38
N LYS C 412 -2.73 32.27 -22.34
CA LYS C 412 -2.37 33.42 -23.16
C LYS C 412 -1.99 34.60 -22.27
N ASP C 413 -2.81 34.86 -21.27
CA ASP C 413 -2.59 35.96 -20.36
C ASP C 413 -1.30 35.87 -19.55
N LEU C 414 -1.06 34.69 -18.98
CA LEU C 414 0.11 34.50 -18.12
C LEU C 414 1.41 34.07 -18.77
N LEU C 415 1.33 33.14 -19.72
CA LEU C 415 2.52 32.59 -20.36
C LEU C 415 2.69 32.79 -21.86
N GLY C 416 1.59 32.97 -22.59
CA GLY C 416 1.70 33.18 -24.03
C GLY C 416 2.08 34.61 -24.36
N VAL C 417 3.09 35.12 -23.67
CA VAL C 417 3.51 36.51 -23.85
C VAL C 417 4.74 36.72 -24.72
N THR C 418 4.80 37.92 -25.32
CA THR C 418 5.89 38.35 -26.18
C THR C 418 6.74 39.38 -25.43
N PRO C 419 8.01 39.06 -25.17
CA PRO C 419 8.88 40.00 -24.45
C PRO C 419 9.20 41.21 -25.33
N VAL C 420 8.98 42.39 -24.78
CA VAL C 420 9.25 43.65 -25.47
C VAL C 420 10.06 44.53 -24.56
N MET C 421 11.10 45.16 -25.10
CA MET C 421 11.93 46.03 -24.27
C MET C 421 11.33 47.42 -24.13
N GLN C 422 11.45 47.96 -22.92
CA GLN C 422 10.93 49.29 -22.60
C GLN C 422 11.88 50.00 -21.65
N THR C 423 11.79 51.33 -21.59
CA THR C 423 12.62 52.10 -20.68
C THR C 423 11.77 52.68 -19.57
N ILE C 424 12.15 52.40 -18.32
CA ILE C 424 11.42 52.92 -17.16
C ILE C 424 12.24 54.08 -16.60
N VAL C 425 11.60 55.24 -16.49
CA VAL C 425 12.27 56.43 -15.99
C VAL C 425 11.60 56.97 -14.72
N VAL C 426 12.37 57.01 -13.64
CA VAL C 426 11.87 57.50 -12.35
C VAL C 426 12.68 58.72 -11.96
N LYS C 427 11.99 59.85 -11.82
CA LYS C 427 12.63 61.11 -11.45
C LYS C 427 12.21 61.54 -10.04
N ASN C 428 13.01 62.38 -9.41
CA ASN C 428 12.75 62.92 -8.07
C ASN C 428 12.91 61.91 -6.93
N VAL C 429 13.67 60.85 -7.17
CA VAL C 429 13.89 59.85 -6.13
C VAL C 429 15.00 60.30 -5.16
N PRO C 430 14.65 60.58 -3.89
CA PRO C 430 15.55 61.02 -2.82
C PRO C 430 16.51 59.94 -2.31
N THR C 431 17.55 59.65 -3.09
CA THR C 431 18.55 58.65 -2.70
C THR C 431 19.73 59.30 -1.96
N THR C 432 20.62 58.46 -1.44
CA THR C 432 21.80 58.91 -0.71
C THR C 432 22.93 57.96 -1.13
N ILE C 433 24.06 58.05 -0.44
CA ILE C 433 25.20 57.19 -0.73
C ILE C 433 24.84 55.74 -0.40
N GLY C 434 25.27 54.80 -1.23
CA GLY C 434 24.97 53.40 -0.99
C GLY C 434 23.58 52.95 -1.42
N ASP C 435 22.67 53.89 -1.60
CA ASP C 435 21.30 53.58 -2.01
C ASP C 435 21.18 53.04 -3.43
N THR C 436 20.35 52.01 -3.59
CA THR C 436 20.12 51.40 -4.89
C THR C 436 18.61 51.41 -5.20
N VAL C 437 18.24 51.84 -6.39
CA VAL C 437 16.83 51.90 -6.78
C VAL C 437 16.41 50.69 -7.61
N TYR C 438 15.24 50.14 -7.29
CA TYR C 438 14.69 48.99 -7.99
C TYR C 438 13.22 49.22 -8.29
N ILE C 439 12.63 48.28 -9.04
CA ILE C 439 11.21 48.31 -9.35
C ILE C 439 10.69 46.87 -9.20
N THR C 440 9.44 46.74 -8.77
CA THR C 440 8.80 45.44 -8.61
C THR C 440 7.35 45.68 -9.00
N GLY C 441 6.61 44.62 -9.29
CA GLY C 441 5.23 44.80 -9.70
C GLY C 441 4.34 43.59 -9.56
N ASN C 442 3.08 43.72 -9.99
CA ASN C 442 2.11 42.65 -9.84
C ASN C 442 2.34 41.36 -10.65
N ARG C 443 2.90 41.47 -11.85
CA ARG C 443 3.14 40.27 -12.65
C ARG C 443 4.45 39.56 -12.34
N ALA C 444 4.51 38.28 -12.72
CA ALA C 444 5.69 37.43 -12.53
C ALA C 444 6.92 38.05 -13.20
N GLU C 445 6.71 38.65 -14.36
CA GLU C 445 7.77 39.31 -15.15
C GLU C 445 8.36 40.48 -14.37
N LEU C 446 7.57 41.03 -13.46
CA LEU C 446 7.98 42.16 -12.63
C LEU C 446 8.39 41.74 -11.22
N GLY C 447 8.46 40.43 -10.97
CA GLY C 447 8.87 39.94 -9.67
C GLY C 447 7.77 39.69 -8.65
N SER C 448 6.52 39.88 -9.05
CA SER C 448 5.37 39.66 -8.14
C SER C 448 5.48 40.36 -6.77
N TRP C 449 5.79 41.65 -6.79
CA TRP C 449 5.91 42.46 -5.58
C TRP C 449 7.04 42.08 -4.64
N ASP C 450 7.82 41.06 -5.00
CA ASP C 450 8.94 40.65 -4.17
C ASP C 450 10.03 41.72 -4.20
N THR C 451 10.73 41.87 -3.08
CA THR C 451 11.80 42.86 -2.98
C THR C 451 13.12 42.22 -2.57
N LYS C 452 13.11 40.91 -2.34
CA LYS C 452 14.32 40.20 -1.93
C LYS C 452 15.20 39.64 -3.06
N GLN C 453 14.65 38.73 -3.87
CA GLN C 453 15.41 38.13 -4.97
C GLN C 453 15.03 38.57 -6.38
N TYR C 454 13.73 38.71 -6.61
CA TYR C 454 13.19 39.07 -7.92
C TYR C 454 13.10 40.51 -8.43
N PRO C 455 13.39 41.53 -7.59
CA PRO C 455 13.30 42.90 -8.14
C PRO C 455 14.24 43.24 -9.29
N ILE C 456 13.80 44.19 -10.12
CA ILE C 456 14.59 44.61 -11.28
C ILE C 456 15.31 45.93 -10.95
N GLN C 457 16.64 45.87 -10.94
CA GLN C 457 17.46 47.03 -10.62
C GLN C 457 17.52 48.12 -11.68
N LEU C 458 17.38 49.37 -11.24
CA LEU C 458 17.46 50.51 -12.15
C LEU C 458 18.85 51.08 -11.99
N TYR C 459 19.22 52.01 -12.87
CA TYR C 459 20.52 52.63 -12.79
C TYR C 459 20.42 54.14 -12.94
N TYR C 460 21.28 54.84 -12.21
CA TYR C 460 21.33 56.29 -12.22
C TYR C 460 21.98 56.83 -13.48
N ASP C 461 21.46 57.95 -13.95
CA ASP C 461 21.95 58.58 -15.15
C ASP C 461 22.47 59.97 -14.78
N SER C 462 23.77 60.11 -14.57
CA SER C 462 24.31 61.42 -14.19
C SER C 462 23.90 62.55 -15.16
N HIS C 463 23.96 62.24 -16.44
CA HIS C 463 23.62 63.17 -17.49
C HIS C 463 22.19 63.72 -17.33
N SER C 464 21.27 62.86 -16.91
CA SER C 464 19.88 63.28 -16.75
C SER C 464 19.43 63.35 -15.29
N ASN C 465 20.37 63.13 -14.38
CA ASN C 465 20.10 63.15 -12.94
C ASN C 465 18.81 62.39 -12.58
N ASP C 466 18.75 61.12 -12.97
CA ASP C 466 17.57 60.30 -12.68
C ASP C 466 17.89 58.81 -12.73
N TRP C 467 16.93 57.98 -12.34
CA TRP C 467 17.12 56.54 -12.35
C TRP C 467 16.25 55.97 -13.45
N ARG C 468 16.83 55.10 -14.27
CA ARG C 468 16.10 54.49 -15.36
C ARG C 468 16.72 53.15 -15.77
N GLY C 469 16.02 52.44 -16.64
CA GLY C 469 16.52 51.16 -17.10
C GLY C 469 15.71 50.60 -18.25
N ASN C 470 16.33 49.67 -18.98
CA ASN C 470 15.66 49.02 -20.10
C ASN C 470 15.23 47.66 -19.58
N VAL C 471 13.93 47.51 -19.37
CA VAL C 471 13.39 46.28 -18.83
C VAL C 471 12.54 45.55 -19.86
N VAL C 472 12.76 44.24 -19.99
CA VAL C 472 11.97 43.44 -20.91
C VAL C 472 10.62 43.18 -20.23
N LEU C 473 9.55 43.68 -20.84
CA LEU C 473 8.22 43.52 -20.27
C LEU C 473 7.31 42.72 -21.20
N PRO C 474 6.22 42.18 -20.66
CA PRO C 474 5.32 41.41 -21.52
C PRO C 474 4.50 42.38 -22.37
N ALA C 475 4.72 42.34 -23.69
CA ALA C 475 3.99 43.23 -24.58
C ALA C 475 2.48 43.03 -24.46
N GLU C 476 1.75 44.13 -24.49
CA GLU C 476 0.29 44.10 -24.43
C GLU C 476 -0.35 43.49 -23.17
N ARG C 477 0.33 43.59 -22.04
CA ARG C 477 -0.23 43.09 -20.79
C ARG C 477 -0.35 44.29 -19.85
N ASN C 478 -1.38 44.30 -19.03
CA ASN C 478 -1.60 45.38 -18.07
C ASN C 478 -0.72 45.17 -16.84
N ILE C 479 0.23 46.07 -16.62
CA ILE C 479 1.11 45.95 -15.44
C ILE C 479 0.88 47.04 -14.39
N GLU C 480 1.31 46.73 -13.17
CA GLU C 480 1.23 47.63 -12.02
C GLU C 480 2.58 47.53 -11.35
N PHE C 481 3.20 48.66 -11.08
CA PHE C 481 4.49 48.61 -10.44
C PHE C 481 4.75 49.81 -9.56
N LYS C 482 5.88 49.77 -8.87
CA LYS C 482 6.26 50.85 -7.99
C LYS C 482 7.76 50.74 -7.74
N ALA C 483 8.43 51.89 -7.77
CA ALA C 483 9.85 51.92 -7.52
C ALA C 483 10.08 51.95 -6.01
N PHE C 484 11.26 51.53 -5.58
CA PHE C 484 11.61 51.55 -4.16
C PHE C 484 13.11 51.59 -4.03
N ILE C 485 13.58 52.12 -2.93
CA ILE C 485 15.01 52.24 -2.69
C ILE C 485 15.43 51.17 -1.69
N LYS C 486 16.63 50.66 -1.86
CA LYS C 486 17.19 49.65 -0.98
C LYS C 486 18.43 50.34 -0.43
N SER C 487 18.66 50.23 0.86
CA SER C 487 19.81 50.87 1.48
C SER C 487 21.07 50.06 1.24
N LYS C 488 22.21 50.63 1.66
CA LYS C 488 23.52 49.98 1.54
C LYS C 488 23.51 48.60 2.22
N ASP C 489 22.73 48.48 3.29
CA ASP C 489 22.61 47.24 4.05
C ASP C 489 21.76 46.19 3.33
N GLY C 490 21.05 46.62 2.29
CA GLY C 490 20.21 45.69 1.54
C GLY C 490 18.76 45.57 2.01
N THR C 491 18.22 46.62 2.61
CA THR C 491 16.84 46.57 3.07
C THR C 491 16.03 47.69 2.42
N VAL C 492 14.74 47.45 2.22
CA VAL C 492 13.85 48.43 1.64
C VAL C 492 13.80 49.66 2.53
N LYS C 493 14.23 50.79 1.99
CA LYS C 493 14.22 52.03 2.73
C LYS C 493 12.93 52.82 2.50
N SER C 494 12.45 52.94 1.26
CA SER C 494 11.21 53.69 1.04
C SER C 494 10.58 53.28 -0.28
N TRP C 495 9.32 53.67 -0.48
CA TRP C 495 8.58 53.35 -1.70
C TRP C 495 8.06 54.58 -2.43
N GLN C 496 7.97 54.48 -3.76
CA GLN C 496 7.45 55.56 -4.59
C GLN C 496 6.05 55.86 -4.05
N THR C 497 5.72 57.14 -3.90
CA THR C 497 4.43 57.53 -3.34
C THR C 497 3.18 56.99 -4.05
N ILE C 498 3.20 56.97 -5.37
CA ILE C 498 2.05 56.50 -6.13
C ILE C 498 2.34 55.24 -6.96
N GLN C 499 1.41 54.29 -6.93
CA GLN C 499 1.57 53.06 -7.70
C GLN C 499 1.40 53.35 -9.18
N GLN C 500 2.39 52.93 -9.96
CA GLN C 500 2.39 53.14 -11.41
C GLN C 500 1.69 52.02 -12.18
N SER C 501 1.42 52.29 -13.45
CA SER C 501 0.77 51.31 -14.31
C SER C 501 1.03 51.57 -15.80
N TRP C 502 0.81 50.53 -16.59
CA TRP C 502 0.97 50.58 -18.03
C TRP C 502 -0.14 49.65 -18.51
N ASN C 503 -1.25 50.23 -18.96
CA ASN C 503 -2.39 49.43 -19.40
C ASN C 503 -2.74 49.58 -20.89
N PRO C 504 -2.20 48.69 -21.74
CA PRO C 504 -1.26 47.62 -21.38
C PRO C 504 0.16 48.09 -21.69
N VAL C 505 1.11 47.16 -21.66
CA VAL C 505 2.48 47.53 -21.98
C VAL C 505 2.52 47.69 -23.50
N PRO C 506 3.03 48.83 -23.99
CA PRO C 506 3.10 49.07 -25.44
C PRO C 506 3.86 47.99 -26.19
N LEU C 507 3.22 47.49 -27.24
CA LEU C 507 3.78 46.46 -28.10
C LEU C 507 5.07 46.93 -28.76
N LYS C 508 5.26 48.25 -28.80
CA LYS C 508 6.45 48.85 -29.41
C LYS C 508 7.26 49.56 -28.33
N THR C 509 8.57 49.59 -28.52
CA THR C 509 9.46 50.23 -27.55
C THR C 509 9.22 51.75 -27.44
N THR C 510 9.16 52.22 -26.19
CA THR C 510 8.98 53.63 -25.83
C THR C 510 9.47 53.73 -24.38
N SER C 511 8.96 54.69 -23.62
CA SER C 511 9.37 54.85 -22.24
C SER C 511 8.20 55.18 -21.32
N HIS C 512 8.36 54.81 -20.05
CA HIS C 512 7.36 55.09 -19.03
C HIS C 512 8.08 55.91 -17.98
N THR C 513 7.75 57.20 -17.91
CA THR C 513 8.39 58.07 -16.94
C THR C 513 7.40 58.44 -15.85
N SER C 514 7.92 58.55 -14.63
CA SER C 514 7.10 58.93 -13.48
C SER C 514 8.02 59.56 -12.45
N SER C 515 7.42 60.21 -11.46
CA SER C 515 8.17 60.85 -10.41
C SER C 515 8.00 60.08 -9.10
N TRP C 516 8.98 60.20 -8.22
CA TRP C 516 8.97 59.55 -6.93
C TRP C 516 7.75 60.01 -6.12
N ALA D 1 10.86 -29.37 -7.82
CA ALA D 1 9.70 -30.03 -8.51
C ALA D 1 9.21 -31.19 -7.68
N VAL D 2 8.12 -31.80 -8.12
CA VAL D 2 7.55 -32.91 -7.39
C VAL D 2 8.53 -34.08 -7.38
N ASN D 3 8.50 -34.85 -6.31
CA ASN D 3 9.38 -36.01 -6.17
C ASN D 3 10.84 -35.64 -5.92
N GLY D 4 11.09 -34.42 -5.45
CA GLY D 4 12.45 -33.98 -5.17
C GLY D 4 13.29 -33.69 -6.39
N LYS D 5 12.64 -33.57 -7.55
CA LYS D 5 13.37 -33.29 -8.78
C LYS D 5 13.20 -31.80 -9.14
N GLY D 6 13.64 -31.42 -10.33
CA GLY D 6 13.53 -30.03 -10.75
C GLY D 6 12.81 -29.90 -12.08
N MET D 7 13.07 -28.80 -12.79
CA MET D 7 12.45 -28.57 -14.09
C MET D 7 13.03 -29.53 -15.13
N ASN D 8 12.24 -29.82 -16.15
CA ASN D 8 12.62 -30.72 -17.23
C ASN D 8 13.74 -30.06 -18.05
N PRO D 9 14.92 -30.70 -18.13
CA PRO D 9 16.05 -30.15 -18.89
C PRO D 9 15.81 -30.00 -20.39
N ASP D 10 14.73 -30.59 -20.89
CA ASP D 10 14.41 -30.51 -22.32
C ASP D 10 13.32 -29.47 -22.57
N TYR D 11 12.93 -28.75 -21.52
CA TYR D 11 11.89 -27.74 -21.60
C TYR D 11 12.10 -26.71 -22.71
N LYS D 12 11.06 -26.50 -23.51
CA LYS D 12 11.06 -25.52 -24.60
C LYS D 12 9.74 -24.78 -24.54
N ALA D 13 9.75 -23.53 -25.00
CA ALA D 13 8.54 -22.71 -25.04
C ALA D 13 8.22 -22.51 -26.52
N TYR D 14 6.94 -22.65 -26.88
CA TYR D 14 6.49 -22.50 -28.26
C TYR D 14 5.42 -21.43 -28.32
N LEU D 15 5.24 -20.86 -29.50
CA LEU D 15 4.24 -19.83 -29.69
C LEU D 15 3.26 -20.28 -30.77
N MET D 16 1.97 -20.14 -30.52
CA MET D 16 0.96 -20.51 -31.49
C MET D 16 0.81 -19.41 -32.53
N ALA D 17 0.85 -19.81 -33.79
CA ALA D 17 0.70 -18.88 -34.91
C ALA D 17 -0.78 -18.53 -35.03
N PRO D 18 -1.13 -17.46 -35.78
CA PRO D 18 -2.51 -17.06 -35.96
C PRO D 18 -3.33 -18.18 -36.63
N LEU D 19 -4.65 -18.12 -36.57
CA LEU D 19 -5.46 -19.16 -37.21
C LEU D 19 -5.52 -18.92 -38.72
N LYS D 20 -5.57 -17.65 -39.11
CA LYS D 20 -5.62 -17.23 -40.51
C LYS D 20 -4.21 -17.24 -41.10
N LYS D 21 -4.12 -17.26 -42.43
CA LYS D 21 -2.83 -17.25 -43.11
C LYS D 21 -2.09 -15.94 -42.88
N ILE D 22 -0.76 -16.03 -42.74
CA ILE D 22 0.10 -14.89 -42.50
C ILE D 22 -0.14 -13.70 -43.41
N PRO D 23 -0.24 -13.92 -44.73
CA PRO D 23 -0.48 -12.79 -45.63
C PRO D 23 -1.79 -12.07 -45.34
N GLU D 24 -2.65 -12.70 -44.56
CA GLU D 24 -3.93 -12.09 -44.21
C GLU D 24 -3.84 -11.18 -42.98
N VAL D 25 -3.00 -11.56 -42.03
CA VAL D 25 -2.84 -10.79 -40.79
C VAL D 25 -1.66 -9.82 -40.78
N THR D 26 -0.73 -10.00 -41.71
CA THR D 26 0.47 -9.16 -41.81
C THR D 26 1.14 -9.55 -43.13
N ASN D 27 2.47 -9.55 -43.18
CA ASN D 27 3.19 -9.92 -44.42
C ASN D 27 4.44 -10.72 -44.07
N TRP D 28 4.94 -11.48 -45.04
CA TRP D 28 6.12 -12.32 -44.83
C TRP D 28 7.33 -11.62 -44.27
N GLU D 29 7.58 -10.39 -44.70
CA GLU D 29 8.74 -9.62 -44.24
C GLU D 29 8.63 -9.22 -42.75
N THR D 30 7.43 -8.87 -42.32
CA THR D 30 7.17 -8.48 -40.93
C THR D 30 7.21 -9.75 -40.07
N PHE D 31 6.53 -10.79 -40.55
CA PHE D 31 6.46 -12.09 -39.87
C PHE D 31 7.87 -12.56 -39.50
N GLU D 32 8.83 -12.41 -40.41
CA GLU D 32 10.21 -12.81 -40.17
C GLU D 32 10.87 -11.99 -39.07
N ASN D 33 10.57 -10.70 -39.01
CA ASN D 33 11.12 -9.86 -37.94
C ASN D 33 10.51 -10.37 -36.65
N ASP D 34 9.20 -10.63 -36.70
CA ASP D 34 8.47 -11.11 -35.53
C ASP D 34 9.08 -12.39 -34.99
N LEU D 35 9.39 -13.33 -35.87
CA LEU D 35 9.98 -14.60 -35.44
C LEU D 35 11.31 -14.39 -34.75
N ARG D 36 12.13 -13.47 -35.28
CA ARG D 36 13.43 -13.17 -34.69
C ARG D 36 13.26 -12.57 -33.29
N TRP D 37 12.23 -11.74 -33.13
CA TRP D 37 11.91 -11.11 -31.85
C TRP D 37 11.46 -12.20 -30.87
N ALA D 38 10.59 -13.10 -31.35
CA ALA D 38 10.09 -14.21 -30.54
C ALA D 38 11.26 -15.05 -30.04
N LYS D 39 12.21 -15.33 -30.93
CA LYS D 39 13.39 -16.10 -30.57
C LYS D 39 14.18 -15.36 -29.49
N GLN D 40 14.29 -14.04 -29.66
CA GLN D 40 14.97 -13.18 -28.70
C GLN D 40 14.33 -13.29 -27.31
N ASN D 41 13.03 -13.60 -27.28
CA ASN D 41 12.31 -13.72 -26.02
C ASN D 41 12.14 -15.13 -25.49
N GLY D 42 12.95 -16.05 -25.99
CA GLY D 42 12.91 -17.42 -25.51
C GLY D 42 12.10 -18.46 -26.24
N PHE D 43 11.35 -18.09 -27.26
CA PHE D 43 10.56 -19.07 -27.99
C PHE D 43 11.47 -19.89 -28.92
N TYR D 44 11.32 -21.21 -28.83
CA TYR D 44 12.10 -22.14 -29.63
C TYR D 44 11.48 -22.43 -31.00
N ALA D 45 10.17 -22.54 -31.02
CA ALA D 45 9.49 -22.85 -32.27
C ALA D 45 8.11 -22.23 -32.30
N ILE D 46 7.50 -22.22 -33.48
CA ILE D 46 6.17 -21.68 -33.66
C ILE D 46 5.26 -22.80 -34.17
N THR D 47 4.16 -23.06 -33.46
CA THR D 47 3.22 -24.09 -33.89
C THR D 47 2.26 -23.44 -34.89
N VAL D 48 1.92 -24.18 -35.93
CA VAL D 48 1.05 -23.64 -36.97
C VAL D 48 0.06 -24.66 -37.54
N ASP D 49 -1.20 -24.25 -37.62
CA ASP D 49 -2.27 -25.09 -38.16
C ASP D 49 -2.22 -25.13 -39.68
N PHE D 50 -2.13 -26.32 -40.26
CA PHE D 50 -2.18 -26.43 -41.70
C PHE D 50 -3.51 -27.15 -41.89
N TRP D 51 -4.52 -26.38 -42.28
CA TRP D 51 -5.87 -26.88 -42.45
C TRP D 51 -6.09 -27.83 -43.61
N TRP D 52 -6.81 -28.91 -43.35
CA TRP D 52 -7.12 -29.90 -44.36
C TRP D 52 -7.99 -29.22 -45.42
N GLY D 53 -8.88 -28.35 -44.96
CA GLY D 53 -9.76 -27.61 -45.85
C GLY D 53 -9.02 -26.82 -46.91
N ASP D 54 -7.74 -26.52 -46.63
CA ASP D 54 -6.91 -25.79 -47.58
C ASP D 54 -6.06 -26.74 -48.42
N MET D 55 -5.45 -27.72 -47.75
CA MET D 55 -4.53 -28.67 -48.38
C MET D 55 -5.09 -29.68 -49.36
N GLU D 56 -6.37 -29.99 -49.28
CA GLU D 56 -7.00 -30.95 -50.18
C GLU D 56 -8.43 -30.47 -50.41
N LYS D 57 -8.55 -29.18 -50.69
CA LYS D 57 -9.84 -28.52 -50.88
C LYS D 57 -10.79 -29.02 -51.96
N ASN D 58 -10.33 -29.03 -53.21
CA ASN D 58 -11.15 -29.39 -54.35
C ASN D 58 -11.50 -30.84 -54.64
N GLY D 59 -10.70 -31.76 -54.13
CA GLY D 59 -11.02 -33.14 -54.39
C GLY D 59 -9.95 -34.05 -53.87
N ASP D 60 -10.24 -35.34 -53.91
CA ASP D 60 -9.33 -36.37 -53.44
C ASP D 60 -8.01 -36.30 -54.22
N GLN D 61 -6.91 -36.28 -53.47
CA GLN D 61 -5.57 -36.22 -54.02
C GLN D 61 -5.21 -34.94 -54.79
N GLN D 62 -6.05 -33.92 -54.68
CA GLN D 62 -5.77 -32.64 -55.32
C GLN D 62 -5.19 -31.78 -54.20
N PHE D 63 -3.89 -31.92 -53.98
CA PHE D 63 -3.19 -31.22 -52.91
C PHE D 63 -2.63 -29.85 -53.22
N ASP D 64 -2.49 -29.05 -52.17
CA ASP D 64 -1.92 -27.72 -52.26
C ASP D 64 -1.11 -27.44 -51.01
N PHE D 65 0.18 -27.74 -51.07
CA PHE D 65 1.07 -27.51 -49.95
C PHE D 65 1.93 -26.24 -50.15
N SER D 66 1.54 -25.38 -51.09
CA SER D 66 2.31 -24.16 -51.36
C SER D 66 2.46 -23.21 -50.17
N TYR D 67 1.37 -22.99 -49.42
CA TYR D 67 1.42 -22.13 -48.25
C TYR D 67 2.32 -22.70 -47.16
N ALA D 68 2.18 -24.00 -46.90
CA ALA D 68 3.00 -24.69 -45.89
C ALA D 68 4.48 -24.57 -46.23
N GLN D 69 4.82 -24.71 -47.51
CA GLN D 69 6.21 -24.61 -47.95
C GLN D 69 6.73 -23.16 -47.86
N ARG D 70 5.86 -22.21 -48.20
CA ARG D 70 6.21 -20.79 -48.14
C ARG D 70 6.43 -20.39 -46.68
N PHE D 71 5.53 -20.85 -45.82
CA PHE D 71 5.60 -20.58 -44.38
C PHE D 71 6.95 -21.10 -43.88
N ALA D 72 7.25 -22.35 -44.22
CA ALA D 72 8.50 -22.99 -43.83
C ALA D 72 9.72 -22.20 -44.29
N GLN D 73 9.65 -21.61 -45.47
CA GLN D 73 10.78 -20.83 -45.99
C GLN D 73 11.04 -19.61 -45.12
N SER D 74 9.98 -18.92 -44.72
CA SER D 74 10.13 -17.74 -43.87
C SER D 74 10.70 -18.13 -42.49
N VAL D 75 10.26 -19.27 -41.97
CA VAL D 75 10.75 -19.75 -40.68
C VAL D 75 12.25 -20.04 -40.82
N LYS D 76 12.63 -20.62 -41.96
CA LYS D 76 14.03 -20.94 -42.24
C LYS D 76 14.82 -19.63 -42.31
N ASN D 77 14.26 -18.65 -43.00
CA ASN D 77 14.89 -17.34 -43.14
C ASN D 77 15.12 -16.67 -41.77
N ALA D 78 14.10 -16.70 -40.91
CA ALA D 78 14.21 -16.10 -39.58
C ALA D 78 15.10 -16.88 -38.59
N GLY D 79 15.62 -18.03 -39.01
CA GLY D 79 16.46 -18.83 -38.14
C GLY D 79 15.68 -19.55 -37.03
N MET D 80 14.42 -19.86 -37.31
CA MET D 80 13.56 -20.52 -36.32
C MET D 80 13.19 -21.96 -36.64
N LYS D 81 12.40 -22.55 -35.75
CA LYS D 81 11.89 -23.91 -35.90
C LYS D 81 10.38 -23.82 -35.92
N MET D 82 9.74 -24.81 -36.52
CA MET D 82 8.28 -24.84 -36.58
C MET D 82 7.75 -26.22 -36.19
N ILE D 83 6.49 -26.23 -35.74
CA ILE D 83 5.79 -27.45 -35.34
C ILE D 83 4.45 -27.46 -36.07
N PRO D 84 4.36 -28.20 -37.20
CA PRO D 84 3.13 -28.30 -37.98
C PRO D 84 2.02 -29.06 -37.26
N ILE D 85 0.79 -28.61 -37.46
CA ILE D 85 -0.37 -29.28 -36.89
C ILE D 85 -1.15 -29.69 -38.14
N ILE D 86 -1.31 -30.98 -38.36
CA ILE D 86 -2.07 -31.43 -39.51
C ILE D 86 -3.53 -31.38 -39.08
N SER D 87 -4.11 -30.19 -39.24
CA SER D 87 -5.47 -29.90 -38.85
C SER D 87 -6.59 -30.44 -39.71
N THR D 88 -6.94 -31.69 -39.44
CA THR D 88 -8.00 -32.41 -40.13
C THR D 88 -9.38 -32.08 -39.53
N HIS D 89 -9.43 -30.97 -38.79
CA HIS D 89 -10.64 -30.47 -38.12
C HIS D 89 -10.98 -29.06 -38.64
N GLN D 90 -12.23 -28.64 -38.45
CA GLN D 90 -12.65 -27.31 -38.90
C GLN D 90 -12.14 -26.18 -38.02
N CYS D 91 -11.88 -25.03 -38.64
CA CYS D 91 -11.46 -23.83 -37.93
C CYS D 91 -12.70 -22.96 -37.87
N GLY D 92 -13.15 -22.67 -36.65
CA GLY D 92 -14.34 -21.88 -36.47
C GLY D 92 -15.26 -22.57 -35.49
N GLY D 93 -16.09 -21.79 -34.81
CA GLY D 93 -17.02 -22.35 -33.85
C GLY D 93 -16.50 -22.53 -32.44
N ASN D 94 -15.27 -23.04 -32.31
CA ASN D 94 -14.70 -23.23 -30.99
C ASN D 94 -14.25 -21.92 -30.34
N VAL D 95 -14.08 -21.97 -29.03
CA VAL D 95 -13.69 -20.80 -28.26
C VAL D 95 -12.42 -20.11 -28.77
N GLY D 96 -12.57 -18.82 -29.06
CA GLY D 96 -11.46 -18.02 -29.53
C GLY D 96 -11.14 -18.13 -31.01
N ASP D 97 -11.92 -18.91 -31.75
CA ASP D 97 -11.66 -19.06 -33.18
C ASP D 97 -11.99 -17.86 -34.04
N ASP D 98 -10.95 -17.27 -34.64
CA ASP D 98 -11.10 -16.15 -35.54
C ASP D 98 -10.62 -16.70 -36.88
N CYS D 99 -11.53 -17.40 -37.57
CA CYS D 99 -11.23 -18.04 -38.85
C CYS D 99 -12.50 -18.75 -39.36
N ASN D 100 -12.41 -19.37 -40.53
CA ASN D 100 -13.53 -20.11 -41.11
C ASN D 100 -12.98 -21.06 -42.17
N VAL D 101 -12.53 -22.23 -41.73
CA VAL D 101 -11.96 -23.21 -42.64
C VAL D 101 -12.50 -24.60 -42.34
N PRO D 102 -13.63 -24.97 -42.96
CA PRO D 102 -14.23 -26.29 -42.75
C PRO D 102 -13.34 -27.34 -43.40
N ILE D 103 -13.58 -28.63 -43.13
CA ILE D 103 -12.80 -29.66 -43.77
C ILE D 103 -13.37 -29.80 -45.20
N PRO D 104 -12.61 -30.41 -46.12
CA PRO D 104 -13.06 -30.59 -47.50
C PRO D 104 -14.51 -31.07 -47.64
N SER D 105 -15.29 -30.30 -48.39
CA SER D 105 -16.70 -30.59 -48.64
C SER D 105 -16.94 -31.96 -49.27
N TRP D 106 -16.08 -32.36 -50.19
CA TRP D 106 -16.22 -33.65 -50.89
C TRP D 106 -16.12 -34.85 -49.95
N VAL D 107 -15.58 -34.64 -48.76
CA VAL D 107 -15.44 -35.72 -47.78
C VAL D 107 -16.80 -36.22 -47.32
N TRP D 108 -17.78 -35.32 -47.23
CA TRP D 108 -19.11 -35.71 -46.79
C TRP D 108 -19.87 -36.54 -47.82
N ASN D 109 -19.54 -36.37 -49.10
CA ASN D 109 -20.19 -37.11 -50.18
C ASN D 109 -19.65 -38.52 -50.36
N GLN D 110 -18.83 -38.95 -49.39
CA GLN D 110 -18.23 -40.28 -49.40
C GLN D 110 -19.22 -41.36 -48.99
N LYS D 111 -20.11 -41.04 -48.06
CA LYS D 111 -21.09 -42.00 -47.55
C LYS D 111 -22.53 -41.47 -47.67
N SER D 112 -23.49 -42.39 -47.72
CA SER D 112 -24.91 -42.04 -47.83
C SER D 112 -25.60 -42.25 -46.49
N ASP D 113 -25.00 -43.08 -45.63
CA ASP D 113 -25.52 -43.32 -44.30
C ASP D 113 -25.06 -42.15 -43.42
N ASP D 114 -25.00 -42.32 -42.11
CA ASP D 114 -24.55 -41.25 -41.23
C ASP D 114 -23.30 -41.64 -40.42
N SER D 115 -22.41 -42.40 -41.05
CA SER D 115 -21.19 -42.88 -40.39
C SER D 115 -20.07 -41.85 -40.20
N LEU D 116 -20.14 -40.77 -40.96
CA LEU D 116 -19.12 -39.73 -40.94
C LEU D 116 -19.25 -38.59 -39.92
N TYR D 117 -20.47 -38.30 -39.46
CA TYR D 117 -20.64 -37.20 -38.52
C TYR D 117 -21.17 -37.59 -37.14
N PHE D 118 -21.46 -36.57 -36.33
CA PHE D 118 -21.96 -36.74 -34.96
C PHE D 118 -23.41 -36.30 -34.77
N LYS D 119 -24.09 -36.99 -33.86
CA LYS D 119 -25.48 -36.65 -33.51
C LYS D 119 -25.62 -36.78 -31.98
N SER D 120 -26.14 -35.73 -31.36
CA SER D 120 -26.32 -35.71 -29.90
C SER D 120 -27.60 -36.39 -29.42
N GLU D 121 -27.84 -36.31 -28.11
CA GLU D 121 -29.02 -36.89 -27.49
C GLU D 121 -30.27 -36.15 -27.99
N THR D 122 -30.12 -34.85 -28.26
CA THR D 122 -31.24 -34.05 -28.74
C THR D 122 -31.31 -33.92 -30.27
N GLY D 123 -30.53 -34.73 -30.97
CA GLY D 123 -30.54 -34.70 -32.42
C GLY D 123 -29.68 -33.67 -33.11
N THR D 124 -28.78 -33.01 -32.38
CA THR D 124 -27.91 -32.01 -32.99
C THR D 124 -26.82 -32.73 -33.79
N VAL D 125 -26.67 -32.32 -35.05
CA VAL D 125 -25.67 -32.90 -35.95
C VAL D 125 -24.41 -32.05 -35.94
N ASN D 126 -23.25 -32.69 -35.82
CA ASN D 126 -21.96 -32.01 -35.81
C ASN D 126 -21.06 -32.54 -36.94
N LYS D 127 -20.48 -31.61 -37.70
CA LYS D 127 -19.61 -31.99 -38.80
C LYS D 127 -18.30 -31.18 -38.83
N GLU D 128 -17.76 -30.86 -37.66
CA GLU D 128 -16.51 -30.10 -37.63
C GLU D 128 -15.29 -31.00 -37.68
N THR D 129 -15.53 -32.29 -37.83
CA THR D 129 -14.45 -33.28 -37.91
C THR D 129 -15.11 -34.64 -38.21
N LEU D 130 -14.31 -35.60 -38.69
CA LEU D 130 -14.83 -36.92 -39.01
C LEU D 130 -15.05 -37.80 -37.77
N ASN D 131 -16.20 -38.45 -37.71
CA ASN D 131 -16.53 -39.35 -36.60
C ASN D 131 -15.49 -40.47 -36.65
N PRO D 132 -14.73 -40.66 -35.57
CA PRO D 132 -13.71 -41.71 -35.55
C PRO D 132 -14.25 -43.13 -35.84
N LEU D 133 -15.58 -43.27 -35.86
CA LEU D 133 -16.23 -44.56 -36.14
C LEU D 133 -15.99 -44.98 -37.60
N ALA D 134 -15.85 -43.99 -38.48
CA ALA D 134 -15.61 -44.24 -39.89
C ALA D 134 -14.11 -44.43 -40.11
N SER D 135 -13.55 -45.45 -39.46
CA SER D 135 -12.12 -45.74 -39.54
C SER D 135 -11.63 -46.09 -40.93
N ASP D 136 -12.54 -46.53 -41.78
CA ASP D 136 -12.19 -46.87 -43.15
C ASP D 136 -11.85 -45.58 -43.92
N VAL D 137 -12.75 -44.62 -43.87
CA VAL D 137 -12.53 -43.35 -44.54
C VAL D 137 -11.32 -42.66 -43.93
N ILE D 138 -11.20 -42.73 -42.61
CA ILE D 138 -10.07 -42.09 -41.94
C ILE D 138 -8.74 -42.69 -42.36
N ARG D 139 -8.65 -44.02 -42.35
CA ARG D 139 -7.42 -44.71 -42.72
C ARG D 139 -6.94 -44.27 -44.11
N LYS D 140 -7.87 -44.16 -45.05
CA LYS D 140 -7.55 -43.75 -46.41
C LYS D 140 -7.12 -42.28 -46.49
N GLU D 141 -8.04 -41.38 -46.18
CA GLU D 141 -7.77 -39.95 -46.26
C GLU D 141 -6.62 -39.42 -45.40
N TYR D 142 -6.54 -39.81 -44.13
CA TYR D 142 -5.44 -39.34 -43.28
C TYR D 142 -4.13 -39.95 -43.75
N GLY D 143 -4.18 -41.21 -44.16
CA GLY D 143 -2.98 -41.88 -44.64
C GLY D 143 -2.40 -41.17 -45.85
N GLU D 144 -3.25 -40.83 -46.79
CA GLU D 144 -2.83 -40.13 -48.00
C GLU D 144 -2.32 -38.72 -47.71
N LEU D 145 -2.99 -38.03 -46.79
CA LEU D 145 -2.62 -36.67 -46.42
C LEU D 145 -1.27 -36.59 -45.72
N TYR D 146 -1.04 -37.47 -44.75
CA TYR D 146 0.20 -37.49 -43.99
C TYR D 146 1.39 -37.76 -44.92
N THR D 147 1.19 -38.71 -45.83
CA THR D 147 2.19 -39.10 -46.81
C THR D 147 2.49 -37.98 -47.78
N ALA D 148 1.44 -37.38 -48.35
CA ALA D 148 1.62 -36.27 -49.28
C ALA D 148 2.30 -35.08 -48.60
N PHE D 149 1.94 -34.83 -47.34
CA PHE D 149 2.51 -33.74 -46.57
C PHE D 149 4.00 -33.99 -46.29
N ALA D 150 4.37 -35.22 -45.92
CA ALA D 150 5.76 -35.57 -45.64
C ALA D 150 6.66 -35.33 -46.86
N ALA D 151 6.14 -35.68 -48.04
CA ALA D 151 6.85 -35.50 -49.29
C ALA D 151 7.05 -34.03 -49.62
N ALA D 152 6.02 -33.22 -49.35
CA ALA D 152 6.08 -31.80 -49.62
C ALA D 152 7.05 -31.05 -48.69
N MET D 153 7.09 -31.44 -47.43
CA MET D 153 7.94 -30.79 -46.43
C MET D 153 9.34 -31.34 -46.31
N LYS D 154 9.62 -32.40 -47.04
CA LYS D 154 10.94 -33.03 -47.03
C LYS D 154 12.10 -32.03 -47.16
N PRO D 155 12.03 -31.06 -48.09
CA PRO D 155 13.13 -30.10 -48.22
C PRO D 155 13.39 -29.24 -46.96
N TYR D 156 12.35 -29.03 -46.17
CA TYR D 156 12.41 -28.20 -44.96
C TYR D 156 12.55 -28.99 -43.66
N LYS D 157 12.98 -30.24 -43.78
CA LYS D 157 13.18 -31.14 -42.65
C LYS D 157 14.00 -30.46 -41.56
N ASP D 158 14.99 -29.68 -41.97
CA ASP D 158 15.88 -28.98 -41.05
C ASP D 158 15.22 -27.95 -40.13
N VAL D 159 13.99 -27.52 -40.46
CA VAL D 159 13.30 -26.55 -39.63
C VAL D 159 12.11 -27.11 -38.85
N ILE D 160 11.77 -28.38 -39.07
CA ILE D 160 10.65 -29.02 -38.38
C ILE D 160 11.09 -29.70 -37.08
N ALA D 161 10.60 -29.22 -35.95
CA ALA D 161 10.98 -29.78 -34.65
C ALA D 161 10.05 -30.85 -34.10
N LYS D 162 8.81 -30.89 -34.60
CA LYS D 162 7.82 -31.85 -34.14
C LYS D 162 6.58 -31.74 -35.02
N ILE D 163 5.71 -32.74 -34.98
CA ILE D 163 4.49 -32.71 -35.76
C ILE D 163 3.29 -33.10 -34.87
N TYR D 164 2.23 -32.29 -34.93
CA TYR D 164 1.01 -32.53 -34.16
C TYR D 164 -0.05 -33.14 -35.07
N LEU D 165 -0.84 -34.07 -34.53
CA LEU D 165 -1.93 -34.69 -35.27
C LEU D 165 -3.24 -34.24 -34.63
N SER D 166 -4.27 -34.04 -35.44
CA SER D 166 -5.58 -33.62 -34.93
C SER D 166 -6.44 -34.84 -34.59
N GLY D 167 -6.75 -35.00 -33.31
CA GLY D 167 -7.57 -36.11 -32.85
C GLY D 167 -9.06 -35.86 -32.90
N GLY D 168 -9.47 -34.64 -33.24
CA GLY D 168 -10.89 -34.36 -33.30
C GLY D 168 -11.20 -32.87 -33.26
N PRO D 169 -12.31 -32.48 -32.61
CA PRO D 169 -12.74 -31.08 -32.49
C PRO D 169 -11.64 -30.20 -31.90
N ALA D 170 -11.36 -29.08 -32.58
CA ALA D 170 -10.34 -28.12 -32.17
C ALA D 170 -8.95 -28.76 -32.06
N GLY D 171 -8.79 -29.91 -32.72
CA GLY D 171 -7.52 -30.59 -32.68
C GLY D 171 -7.27 -31.43 -31.46
N GLU D 172 -8.30 -31.69 -30.66
CA GLU D 172 -8.13 -32.50 -29.47
C GLU D 172 -8.89 -33.81 -29.59
N LEU D 173 -8.34 -34.86 -29.03
CA LEU D 173 -8.96 -36.18 -29.06
C LEU D 173 -10.15 -36.17 -28.10
N ARG D 174 -11.33 -35.95 -28.65
CA ARG D 174 -12.57 -35.87 -27.87
C ARG D 174 -13.78 -35.89 -28.81
N TYR D 175 -14.97 -35.87 -28.23
CA TYR D 175 -16.22 -35.83 -28.97
C TYR D 175 -16.66 -34.37 -28.91
N PRO D 176 -17.47 -33.91 -29.88
CA PRO D 176 -17.92 -32.52 -29.86
C PRO D 176 -19.11 -32.41 -28.89
N SER D 177 -18.87 -32.75 -27.63
CA SER D 177 -19.91 -32.75 -26.60
C SER D 177 -20.30 -31.41 -26.01
N TYR D 178 -19.44 -30.41 -26.13
CA TYR D 178 -19.75 -29.08 -25.60
C TYR D 178 -19.80 -28.00 -26.68
N THR D 179 -20.98 -27.80 -27.24
CA THR D 179 -21.18 -26.81 -28.29
C THR D 179 -22.43 -25.96 -28.00
N THR D 180 -22.36 -24.69 -28.39
CA THR D 180 -23.45 -23.73 -28.21
C THR D 180 -24.76 -24.23 -28.83
N SER D 181 -24.66 -24.78 -30.03
CA SER D 181 -25.81 -25.28 -30.77
C SER D 181 -26.45 -26.46 -30.02
N ASP D 182 -25.61 -27.29 -29.40
CA ASP D 182 -26.10 -28.44 -28.65
C ASP D 182 -26.45 -28.00 -27.23
N GLY D 183 -26.25 -26.71 -26.95
CA GLY D 183 -26.53 -26.15 -25.63
C GLY D 183 -25.73 -26.81 -24.52
N THR D 184 -24.58 -27.36 -24.87
CA THR D 184 -23.73 -28.04 -23.92
C THR D 184 -22.45 -27.26 -23.64
N GLY D 185 -22.43 -26.00 -24.06
CA GLY D 185 -21.25 -25.18 -23.83
C GLY D 185 -21.00 -25.00 -22.34
N TYR D 186 -19.73 -24.78 -21.98
CA TYR D 186 -19.36 -24.55 -20.58
C TYR D 186 -20.27 -23.44 -20.01
N PRO D 187 -20.68 -23.56 -18.73
CA PRO D 187 -20.38 -24.61 -17.76
C PRO D 187 -21.41 -25.75 -17.71
N SER D 188 -22.23 -25.87 -18.75
CA SER D 188 -23.27 -26.89 -18.80
C SER D 188 -22.73 -28.33 -18.95
N ARG D 189 -23.57 -29.31 -18.61
CA ARG D 189 -23.17 -30.70 -18.75
C ARG D 189 -23.09 -30.97 -20.25
N GLY D 190 -22.22 -31.90 -20.64
CA GLY D 190 -22.11 -32.22 -22.05
C GLY D 190 -23.09 -33.32 -22.41
N LYS D 191 -23.47 -33.39 -23.68
CA LYS D 191 -24.37 -34.44 -24.14
C LYS D 191 -23.58 -35.51 -24.87
N PHE D 192 -24.06 -36.75 -24.80
CA PHE D 192 -23.39 -37.84 -25.49
C PHE D 192 -23.56 -37.68 -27.00
N GLN D 193 -22.51 -38.02 -27.75
CA GLN D 193 -22.52 -37.85 -29.21
C GLN D 193 -22.53 -39.17 -29.99
N ALA D 194 -23.31 -40.14 -29.55
CA ALA D 194 -23.36 -41.42 -30.26
C ALA D 194 -24.80 -41.79 -30.65
N TYR D 195 -25.54 -40.82 -31.20
CA TYR D 195 -26.93 -41.07 -31.57
C TYR D 195 -27.25 -41.19 -33.05
N THR D 196 -26.21 -41.43 -33.85
CA THR D 196 -26.38 -41.63 -35.29
C THR D 196 -26.71 -43.12 -35.38
N GLU D 197 -27.53 -43.49 -36.35
CA GLU D 197 -27.89 -44.89 -36.52
C GLU D 197 -26.65 -45.76 -36.69
N PHE D 198 -25.60 -45.18 -37.27
CA PHE D 198 -24.35 -45.88 -37.47
C PHE D 198 -23.71 -46.16 -36.12
N ALA D 199 -23.76 -45.16 -35.23
CA ALA D 199 -23.21 -45.27 -33.89
C ALA D 199 -23.99 -46.32 -33.08
N LYS D 200 -25.31 -46.34 -33.29
CA LYS D 200 -26.16 -47.31 -32.60
C LYS D 200 -25.85 -48.74 -32.98
N SER D 201 -25.70 -48.99 -34.28
CA SER D 201 -25.41 -50.35 -34.75
C SER D 201 -24.06 -50.82 -34.25
N LYS D 202 -23.10 -49.91 -34.19
CA LYS D 202 -21.76 -50.24 -33.74
C LYS D 202 -21.72 -50.64 -32.28
N PHE D 203 -22.41 -49.89 -31.43
CA PHE D 203 -22.45 -50.20 -30.00
C PHE D 203 -23.08 -51.59 -29.87
N ARG D 204 -24.25 -51.73 -30.49
CA ARG D 204 -24.99 -52.99 -30.48
C ARG D 204 -24.11 -54.15 -30.94
N LEU D 205 -23.35 -53.95 -32.02
CA LEU D 205 -22.47 -55.00 -32.53
C LEU D 205 -21.36 -55.35 -31.52
N TRP D 206 -20.77 -54.33 -30.90
CA TRP D 206 -19.71 -54.51 -29.91
C TRP D 206 -20.26 -55.27 -28.70
N VAL D 207 -21.49 -54.93 -28.32
CA VAL D 207 -22.20 -55.54 -27.20
C VAL D 207 -22.45 -57.02 -27.50
N LEU D 208 -23.21 -57.27 -28.56
CA LEU D 208 -23.54 -58.63 -28.98
C LEU D 208 -22.27 -59.46 -29.22
N ASN D 209 -21.18 -58.79 -29.56
CA ASN D 209 -19.92 -59.48 -29.81
C ASN D 209 -19.18 -59.84 -28.51
N LYS D 210 -19.42 -59.06 -27.46
CA LYS D 210 -18.76 -59.30 -26.18
C LYS D 210 -19.44 -60.44 -25.41
N TYR D 211 -20.77 -60.49 -25.50
CA TYR D 211 -21.57 -61.51 -24.82
C TYR D 211 -22.02 -62.66 -25.73
N GLY D 212 -21.81 -62.50 -27.03
CA GLY D 212 -22.19 -63.54 -27.98
C GLY D 212 -23.68 -63.80 -28.14
N SER D 213 -24.50 -63.37 -27.17
CA SER D 213 -25.93 -63.61 -27.27
C SER D 213 -26.76 -62.61 -26.48
N LEU D 214 -27.93 -62.28 -27.02
CA LEU D 214 -28.87 -61.37 -26.38
C LEU D 214 -29.13 -61.96 -24.98
N ASN D 215 -29.05 -63.29 -24.89
CA ASN D 215 -29.26 -64.02 -23.65
C ASN D 215 -28.21 -63.59 -22.62
N GLU D 216 -26.93 -63.83 -22.94
CA GLU D 216 -25.83 -63.45 -22.05
C GLU D 216 -25.87 -61.97 -21.73
N VAL D 217 -26.35 -61.17 -22.69
CA VAL D 217 -26.45 -59.72 -22.51
C VAL D 217 -27.52 -59.42 -21.46
N ASN D 218 -28.71 -59.95 -21.67
CA ASN D 218 -29.84 -59.75 -20.76
C ASN D 218 -29.50 -60.17 -19.36
N LYS D 219 -28.71 -61.23 -19.26
CA LYS D 219 -28.29 -61.71 -17.98
C LYS D 219 -27.27 -60.76 -17.38
N ALA D 220 -26.22 -60.49 -18.15
CA ALA D 220 -25.13 -59.61 -17.72
C ALA D 220 -25.62 -58.23 -17.29
N TRP D 221 -26.61 -57.71 -18.01
CA TRP D 221 -27.16 -56.41 -17.69
C TRP D 221 -28.28 -56.48 -16.67
N GLY D 222 -28.72 -57.69 -16.35
CA GLY D 222 -29.80 -57.87 -15.40
C GLY D 222 -31.05 -57.26 -15.99
N THR D 223 -31.16 -57.38 -17.32
CA THR D 223 -32.28 -56.82 -18.05
C THR D 223 -33.10 -57.92 -18.72
N LYS D 224 -34.23 -57.53 -19.31
CA LYS D 224 -35.05 -58.47 -20.04
C LYS D 224 -35.44 -57.81 -21.35
N LEU D 225 -34.42 -57.63 -22.20
CA LEU D 225 -34.56 -57.01 -23.50
C LEU D 225 -35.26 -57.94 -24.48
N ILE D 226 -36.13 -57.37 -25.31
CA ILE D 226 -36.88 -58.11 -26.31
C ILE D 226 -35.98 -58.68 -27.42
N SER D 227 -35.26 -57.82 -28.13
CA SER D 227 -34.38 -58.22 -29.23
C SER D 227 -33.07 -57.45 -29.15
N GLU D 228 -32.15 -57.75 -30.05
CA GLU D 228 -30.85 -57.06 -30.06
C GLU D 228 -31.01 -55.57 -30.34
N LEU D 229 -32.07 -55.22 -31.07
CA LEU D 229 -32.37 -53.84 -31.45
C LEU D 229 -32.75 -52.91 -30.29
N ALA D 230 -32.96 -53.51 -29.11
CA ALA D 230 -33.32 -52.73 -27.92
C ALA D 230 -32.03 -52.25 -27.24
N ILE D 231 -30.90 -52.76 -27.71
CA ILE D 231 -29.61 -52.38 -27.18
C ILE D 231 -29.31 -51.02 -27.80
N LEU D 232 -29.41 -49.97 -26.98
CA LEU D 232 -29.15 -48.61 -27.44
C LEU D 232 -28.36 -47.82 -26.39
N PRO D 233 -27.89 -46.60 -26.76
CA PRO D 233 -27.13 -45.73 -25.85
C PRO D 233 -28.16 -45.08 -24.89
N PRO D 234 -27.69 -44.43 -23.80
CA PRO D 234 -28.62 -43.79 -22.86
C PRO D 234 -29.66 -42.85 -23.44
N SER D 235 -30.90 -43.04 -23.04
CA SER D 235 -32.02 -42.22 -23.48
C SER D 235 -31.94 -40.88 -22.73
N ASP D 236 -31.67 -40.94 -21.43
CA ASP D 236 -31.55 -39.73 -20.61
C ASP D 236 -30.11 -39.64 -20.13
N GLY D 237 -29.34 -38.77 -20.77
CA GLY D 237 -27.95 -38.60 -20.39
C GLY D 237 -27.79 -38.14 -18.95
N GLU D 238 -28.67 -37.26 -18.48
CA GLU D 238 -28.61 -36.75 -17.11
C GLU D 238 -28.69 -37.89 -16.09
N GLN D 239 -29.73 -38.72 -16.23
CA GLN D 239 -29.94 -39.86 -15.34
C GLN D 239 -28.76 -40.81 -15.44
N PHE D 240 -28.27 -41.00 -16.67
CA PHE D 240 -27.13 -41.87 -16.91
C PHE D 240 -25.93 -41.36 -16.12
N LEU D 241 -25.75 -40.03 -16.15
CA LEU D 241 -24.64 -39.39 -15.44
C LEU D 241 -24.91 -39.37 -13.93
N MET D 242 -26.18 -39.36 -13.53
CA MET D 242 -26.57 -39.36 -12.12
C MET D 242 -26.31 -40.70 -11.45
N ASN D 243 -26.69 -41.79 -12.12
CA ASN D 243 -26.51 -43.13 -11.55
C ASN D 243 -26.41 -44.24 -12.60
N GLY D 244 -26.95 -43.98 -13.79
CA GLY D 244 -26.91 -44.98 -14.85
C GLY D 244 -25.52 -45.52 -15.12
N TYR D 245 -24.52 -44.65 -15.04
CA TYR D 245 -23.14 -45.04 -15.27
C TYR D 245 -22.66 -46.14 -14.32
N LEU D 246 -23.36 -46.31 -13.20
CA LEU D 246 -23.01 -47.34 -12.22
C LEU D 246 -23.40 -48.75 -12.66
N SER D 247 -24.45 -48.85 -13.49
CA SER D 247 -24.94 -50.14 -13.95
C SER D 247 -23.95 -50.81 -14.89
N MET D 248 -24.04 -52.15 -14.94
CA MET D 248 -23.19 -52.95 -15.81
C MET D 248 -23.34 -52.45 -17.24
N TYR D 249 -24.57 -52.10 -17.61
CA TYR D 249 -24.85 -51.56 -18.92
C TYR D 249 -24.05 -50.27 -19.07
N GLY D 250 -24.17 -49.39 -18.07
CA GLY D 250 -23.49 -48.11 -18.06
C GLY D 250 -21.99 -48.25 -18.20
N LYS D 251 -21.42 -49.23 -17.50
CA LYS D 251 -19.98 -49.46 -17.58
C LYS D 251 -19.55 -49.98 -18.96
N ASP D 252 -20.47 -50.66 -19.66
CA ASP D 252 -20.16 -51.17 -21.00
C ASP D 252 -20.19 -50.07 -22.02
N TYR D 253 -21.22 -49.23 -21.96
CA TYR D 253 -21.34 -48.11 -22.88
C TYR D 253 -20.12 -47.20 -22.80
N LEU D 254 -19.76 -46.79 -21.59
CA LEU D 254 -18.62 -45.91 -21.43
C LEU D 254 -17.33 -46.58 -21.91
N GLU D 255 -17.23 -47.89 -21.77
CA GLU D 255 -16.05 -48.60 -22.23
C GLU D 255 -15.96 -48.57 -23.76
N TRP D 256 -17.11 -48.66 -24.42
CA TRP D 256 -17.16 -48.62 -25.88
C TRP D 256 -16.89 -47.20 -26.33
N TYR D 257 -17.65 -46.26 -25.75
CA TYR D 257 -17.59 -44.83 -26.04
C TYR D 257 -16.14 -44.32 -26.00
N GLN D 258 -15.46 -44.53 -24.88
CA GLN D 258 -14.07 -44.09 -24.78
C GLN D 258 -13.20 -44.92 -25.72
N GLY D 259 -13.51 -46.20 -25.83
CA GLY D 259 -12.76 -47.11 -26.69
C GLY D 259 -12.58 -46.61 -28.12
N ILE D 260 -13.59 -45.94 -28.66
CA ILE D 260 -13.54 -45.38 -30.03
C ILE D 260 -12.36 -44.41 -30.15
N LEU D 261 -12.23 -43.53 -29.16
CA LEU D 261 -11.16 -42.55 -29.13
C LEU D 261 -9.82 -43.25 -28.95
N GLU D 262 -9.81 -44.31 -28.16
CA GLU D 262 -8.57 -45.05 -27.93
C GLU D 262 -8.09 -45.71 -29.22
N ASN D 263 -9.03 -46.29 -29.97
CA ASN D 263 -8.67 -46.95 -31.22
C ASN D 263 -8.21 -45.92 -32.25
N HIS D 264 -8.89 -44.77 -32.27
CA HIS D 264 -8.58 -43.68 -33.19
C HIS D 264 -7.12 -43.25 -32.99
N THR D 265 -6.75 -43.05 -31.74
CA THR D 265 -5.38 -42.66 -31.38
C THR D 265 -4.35 -43.64 -31.94
N LYS D 266 -4.66 -44.94 -31.82
CA LYS D 266 -3.75 -45.97 -32.31
C LYS D 266 -3.66 -45.96 -33.84
N LEU D 267 -4.80 -45.73 -34.49
CA LEU D 267 -4.87 -45.68 -35.94
C LEU D 267 -4.05 -44.53 -36.49
N ILE D 268 -4.35 -43.32 -36.05
CA ILE D 268 -3.64 -42.14 -36.54
C ILE D 268 -2.16 -42.12 -36.17
N GLY D 269 -1.82 -42.72 -35.03
CA GLY D 269 -0.42 -42.78 -34.62
C GLY D 269 0.34 -43.70 -35.56
N GLU D 270 -0.32 -44.77 -36.00
CA GLU D 270 0.26 -45.74 -36.92
C GLU D 270 0.55 -45.06 -38.27
N LEU D 271 -0.46 -44.36 -38.78
CA LEU D 271 -0.37 -43.65 -40.06
C LEU D 271 0.68 -42.56 -40.01
N ALA D 272 0.68 -41.77 -38.94
CA ALA D 272 1.64 -40.69 -38.78
C ALA D 272 3.08 -41.21 -38.74
N HIS D 273 3.34 -42.23 -37.93
CA HIS D 273 4.69 -42.79 -37.82
C HIS D 273 5.20 -43.39 -39.14
N ASN D 274 4.31 -44.05 -39.87
CA ASN D 274 4.68 -44.64 -41.15
C ASN D 274 5.11 -43.53 -42.10
N ALA D 275 4.34 -42.45 -42.10
CA ALA D 275 4.60 -41.32 -42.98
C ALA D 275 5.77 -40.40 -42.61
N PHE D 276 6.03 -40.20 -41.33
CA PHE D 276 7.07 -39.25 -40.91
C PHE D 276 8.39 -39.73 -40.32
N ASP D 277 8.40 -40.93 -39.76
CA ASP D 277 9.62 -41.43 -39.12
C ASP D 277 10.94 -41.43 -39.87
N THR D 278 11.00 -42.06 -41.04
CA THR D 278 12.24 -42.11 -41.80
C THR D 278 12.73 -40.76 -42.30
N THR D 279 11.81 -39.92 -42.75
CA THR D 279 12.17 -38.60 -43.26
C THR D 279 12.50 -37.56 -42.17
N PHE D 280 11.58 -37.38 -41.23
CA PHE D 280 11.77 -36.37 -40.19
C PHE D 280 12.45 -36.75 -38.88
N GLN D 281 12.12 -37.93 -38.34
CA GLN D 281 12.72 -38.39 -37.10
C GLN D 281 12.48 -37.38 -35.96
N VAL D 282 11.24 -36.95 -35.81
CA VAL D 282 10.87 -35.98 -34.77
C VAL D 282 9.67 -36.48 -33.97
N PRO D 283 9.46 -35.91 -32.76
CA PRO D 283 8.33 -36.34 -31.95
C PRO D 283 7.02 -36.04 -32.66
N ILE D 284 6.03 -36.89 -32.43
CA ILE D 284 4.70 -36.71 -32.99
C ILE D 284 3.78 -36.63 -31.78
N GLY D 285 2.91 -35.64 -31.73
CA GLY D 285 2.04 -35.50 -30.58
C GLY D 285 0.59 -35.33 -30.92
N ALA D 286 -0.24 -35.48 -29.90
CA ALA D 286 -1.68 -35.32 -30.01
C ALA D 286 -2.10 -34.57 -28.73
N LYS D 287 -3.33 -34.06 -28.70
CA LYS D 287 -3.78 -33.30 -27.56
C LYS D 287 -5.02 -33.86 -26.88
N ILE D 288 -5.08 -33.63 -25.57
CA ILE D 288 -6.19 -34.05 -24.71
C ILE D 288 -6.72 -32.74 -24.11
N ALA D 289 -8.01 -32.48 -24.29
CA ALA D 289 -8.62 -31.25 -23.80
C ALA D 289 -8.88 -31.24 -22.29
N GLY D 290 -8.75 -30.07 -21.68
CA GLY D 290 -9.00 -29.91 -20.26
C GLY D 290 -10.47 -29.53 -20.06
N VAL D 291 -11.32 -30.52 -19.87
CA VAL D 291 -12.75 -30.29 -19.66
C VAL D 291 -12.97 -30.34 -18.14
N HIS D 292 -12.67 -29.21 -17.51
CA HIS D 292 -12.73 -29.05 -16.05
C HIS D 292 -14.06 -28.74 -15.36
N TRP D 293 -15.09 -28.34 -16.12
CA TRP D 293 -16.36 -28.04 -15.49
C TRP D 293 -17.18 -29.29 -15.19
N GLN D 294 -18.07 -29.19 -14.20
CA GLN D 294 -18.91 -30.29 -13.73
C GLN D 294 -18.06 -31.44 -13.19
N TYR D 295 -16.83 -31.10 -12.87
CA TYR D 295 -15.87 -32.08 -12.37
C TYR D 295 -16.33 -32.68 -11.03
N ASN D 296 -16.48 -31.81 -10.03
CA ASN D 296 -16.90 -32.25 -8.71
C ASN D 296 -18.38 -32.01 -8.40
N ASN D 297 -19.23 -32.15 -9.41
CA ASN D 297 -20.66 -31.97 -9.17
C ASN D 297 -21.10 -33.19 -8.38
N PRO D 298 -21.94 -32.98 -7.34
CA PRO D 298 -22.44 -34.04 -6.47
C PRO D 298 -23.44 -35.03 -7.10
N THR D 299 -24.39 -34.54 -7.88
CA THR D 299 -25.40 -35.40 -8.49
C THR D 299 -24.97 -36.00 -9.83
N ILE D 300 -24.38 -35.18 -10.70
CA ILE D 300 -23.90 -35.64 -12.00
C ILE D 300 -22.39 -35.44 -12.06
N PRO D 301 -21.63 -36.34 -11.40
CA PRO D 301 -20.17 -36.29 -11.33
C PRO D 301 -19.47 -36.40 -12.70
N HIS D 302 -18.66 -35.39 -13.02
CA HIS D 302 -17.93 -35.33 -14.28
C HIS D 302 -18.89 -35.22 -15.47
N GLY D 303 -19.93 -34.44 -15.30
CA GLY D 303 -20.93 -34.26 -16.36
C GLY D 303 -20.41 -33.69 -17.66
N ALA D 304 -19.15 -33.27 -17.68
CA ALA D 304 -18.55 -32.71 -18.87
C ALA D 304 -17.53 -33.65 -19.51
N GLU D 305 -16.71 -34.30 -18.68
CA GLU D 305 -15.69 -35.22 -19.18
C GLU D 305 -16.23 -36.48 -19.84
N LYS D 306 -17.16 -37.17 -19.17
CA LYS D 306 -17.73 -38.40 -19.71
C LYS D 306 -18.33 -38.23 -21.11
N PRO D 307 -19.14 -37.18 -21.31
CA PRO D 307 -19.73 -37.00 -22.64
C PRO D 307 -18.65 -36.63 -23.69
N ALA D 308 -17.51 -36.10 -23.21
CA ALA D 308 -16.41 -35.72 -24.09
C ALA D 308 -15.60 -36.96 -24.47
N GLY D 309 -15.87 -38.08 -23.79
CA GLY D 309 -15.18 -39.31 -24.07
C GLY D 309 -14.14 -39.66 -23.02
N TYR D 310 -13.98 -38.79 -22.03
CA TYR D 310 -12.98 -39.01 -20.98
C TYR D 310 -13.57 -39.69 -19.74
N ASN D 311 -13.59 -41.01 -19.76
CA ASN D 311 -14.11 -41.76 -18.63
C ASN D 311 -12.99 -42.30 -17.73
N ASP D 312 -11.91 -42.79 -18.32
CA ASP D 312 -10.77 -43.32 -17.58
C ASP D 312 -9.50 -42.76 -18.22
N TYR D 313 -8.91 -41.76 -17.61
CA TYR D 313 -7.71 -41.12 -18.14
C TYR D 313 -6.53 -42.07 -18.23
N SER D 314 -6.44 -42.99 -17.27
CA SER D 314 -5.36 -43.97 -17.25
C SER D 314 -5.37 -44.81 -18.53
N HIS D 315 -6.56 -45.25 -18.93
CA HIS D 315 -6.69 -46.03 -20.14
C HIS D 315 -6.39 -45.16 -21.36
N LEU D 316 -6.94 -43.95 -21.37
CA LEU D 316 -6.72 -43.03 -22.48
C LEU D 316 -5.22 -42.84 -22.75
N LEU D 317 -4.46 -42.58 -21.68
CA LEU D 317 -3.02 -42.39 -21.79
C LEU D 317 -2.27 -43.63 -22.28
N ASP D 318 -2.74 -44.82 -21.87
CA ASP D 318 -2.13 -46.07 -22.31
C ASP D 318 -2.13 -46.13 -23.84
N ALA D 319 -3.20 -45.61 -24.46
CA ALA D 319 -3.32 -45.59 -25.91
C ALA D 319 -2.22 -44.71 -26.57
N PHE D 320 -1.88 -43.59 -25.93
CA PHE D 320 -0.85 -42.68 -26.42
C PHE D 320 0.50 -43.38 -26.32
N LYS D 321 0.71 -44.04 -25.19
CA LYS D 321 1.94 -44.77 -24.95
C LYS D 321 2.15 -45.83 -26.03
N SER D 322 1.12 -46.62 -26.33
CA SER D 322 1.25 -47.65 -27.36
C SER D 322 1.42 -47.09 -28.78
N ALA D 323 0.65 -46.05 -29.12
CA ALA D 323 0.72 -45.41 -30.43
C ALA D 323 2.00 -44.61 -30.60
N LYS D 324 2.73 -44.42 -29.50
CA LYS D 324 3.98 -43.67 -29.50
C LYS D 324 3.79 -42.19 -29.86
N LEU D 325 2.83 -41.59 -29.16
CA LEU D 325 2.50 -40.18 -29.33
C LEU D 325 2.73 -39.46 -28.01
N ASP D 326 3.32 -38.27 -28.07
CA ASP D 326 3.55 -37.46 -26.88
C ASP D 326 2.21 -36.79 -26.61
N VAL D 327 1.92 -36.48 -25.36
CA VAL D 327 0.64 -35.88 -25.03
C VAL D 327 0.75 -34.42 -24.60
N THR D 328 -0.22 -33.63 -25.03
CA THR D 328 -0.30 -32.23 -24.66
C THR D 328 -1.63 -32.03 -23.96
N PHE D 329 -1.61 -31.31 -22.85
CA PHE D 329 -2.82 -31.02 -22.10
C PHE D 329 -3.05 -29.51 -22.01
N THR D 330 -4.30 -29.10 -22.12
CA THR D 330 -4.64 -27.68 -22.06
C THR D 330 -5.08 -27.23 -20.63
N CYS D 331 -5.32 -25.93 -20.43
CA CYS D 331 -5.75 -25.37 -19.14
C CYS D 331 -4.72 -25.07 -18.05
N LEU D 332 -3.43 -25.09 -18.37
CA LEU D 332 -2.38 -24.84 -17.37
C LEU D 332 -2.42 -23.51 -16.61
N GLU D 333 -3.16 -22.53 -17.13
CA GLU D 333 -3.20 -21.21 -16.48
C GLU D 333 -4.26 -21.02 -15.41
N MET D 334 -5.13 -22.01 -15.23
CA MET D 334 -6.22 -21.90 -14.26
C MET D 334 -6.00 -22.56 -12.88
N THR D 335 -6.89 -22.21 -11.95
CA THR D 335 -6.88 -22.70 -10.57
C THR D 335 -8.23 -23.32 -10.21
N ASP D 336 -8.23 -24.21 -9.22
CA ASP D 336 -9.45 -24.87 -8.76
C ASP D 336 -10.51 -23.92 -8.21
N LYS D 337 -11.76 -24.20 -8.51
CA LYS D 337 -12.89 -23.41 -8.04
C LYS D 337 -13.74 -24.42 -7.26
N GLY D 338 -14.25 -25.42 -7.98
CA GLY D 338 -15.03 -26.49 -7.38
C GLY D 338 -16.33 -26.14 -6.72
N SER D 339 -16.91 -25.00 -7.08
CA SER D 339 -18.17 -24.61 -6.47
C SER D 339 -19.33 -24.56 -7.46
N TYR D 340 -20.49 -24.20 -6.97
CA TYR D 340 -21.68 -24.11 -7.79
C TYR D 340 -21.68 -22.79 -8.56
N PRO D 341 -22.15 -22.81 -9.81
CA PRO D 341 -22.63 -23.95 -10.58
C PRO D 341 -21.61 -24.61 -11.54
N GLU D 342 -20.43 -24.02 -11.69
CA GLU D 342 -19.42 -24.55 -12.61
C GLU D 342 -18.71 -25.83 -12.17
N TYR D 343 -18.37 -25.92 -10.88
CA TYR D 343 -17.66 -27.08 -10.33
C TYR D 343 -16.35 -27.31 -11.08
N SER D 344 -15.63 -26.20 -11.30
CA SER D 344 -14.36 -26.20 -12.01
C SER D 344 -13.17 -26.64 -11.17
N MET D 345 -12.48 -27.68 -11.63
CA MET D 345 -11.29 -28.17 -10.94
C MET D 345 -10.17 -28.34 -11.97
N PRO D 346 -9.80 -27.24 -12.66
CA PRO D 346 -8.75 -27.23 -13.69
C PRO D 346 -7.41 -27.68 -13.14
N LYS D 347 -7.02 -27.07 -12.02
CA LYS D 347 -5.74 -27.38 -11.37
C LYS D 347 -5.61 -28.86 -10.98
N THR D 348 -6.65 -29.41 -10.37
CA THR D 348 -6.66 -30.81 -9.96
C THR D 348 -6.55 -31.74 -11.16
N LEU D 349 -7.29 -31.42 -12.21
CA LEU D 349 -7.27 -32.22 -13.44
C LEU D 349 -5.85 -32.30 -14.02
N VAL D 350 -5.20 -31.13 -14.13
CA VAL D 350 -3.83 -31.05 -14.65
C VAL D 350 -2.85 -31.89 -13.85
N GLN D 351 -2.88 -31.72 -12.52
CA GLN D 351 -2.00 -32.48 -11.63
C GLN D 351 -2.27 -33.97 -11.81
N ASN D 352 -3.53 -34.29 -12.03
CA ASN D 352 -3.97 -35.67 -12.23
C ASN D 352 -3.30 -36.24 -13.49
N ILE D 353 -3.44 -35.53 -14.60
CA ILE D 353 -2.86 -35.97 -15.87
C ILE D 353 -1.33 -36.06 -15.77
N ALA D 354 -0.71 -35.00 -15.27
CA ALA D 354 0.74 -34.96 -15.12
C ALA D 354 1.24 -36.23 -14.45
N THR D 355 0.60 -36.59 -13.34
CA THR D 355 0.97 -37.78 -12.58
C THR D 355 0.91 -39.08 -13.38
N LEU D 356 -0.22 -39.32 -14.05
CA LEU D 356 -0.38 -40.53 -14.86
C LEU D 356 0.66 -40.54 -15.98
N ALA D 357 0.78 -39.40 -16.67
CA ALA D 357 1.72 -39.25 -17.77
C ALA D 357 3.14 -39.62 -17.35
N ASN D 358 3.58 -39.03 -16.24
CA ASN D 358 4.92 -39.28 -15.74
C ASN D 358 5.18 -40.72 -15.26
N GLU D 359 4.17 -41.37 -14.67
CA GLU D 359 4.39 -42.75 -14.22
C GLU D 359 4.43 -43.72 -15.40
N LYS D 360 3.81 -43.32 -16.52
CA LYS D 360 3.79 -44.16 -17.72
C LYS D 360 5.00 -43.90 -18.64
N GLY D 361 5.79 -42.88 -18.32
CA GLY D 361 6.95 -42.56 -19.14
C GLY D 361 6.57 -41.83 -20.42
N ILE D 362 5.47 -41.08 -20.36
CA ILE D 362 4.98 -40.32 -21.52
C ILE D 362 5.41 -38.84 -21.45
N VAL D 363 5.99 -38.35 -22.53
CA VAL D 363 6.43 -36.96 -22.62
C VAL D 363 5.20 -36.06 -22.62
N LEU D 364 5.18 -35.15 -21.66
CA LEU D 364 4.05 -34.25 -21.46
C LEU D 364 4.33 -32.80 -21.84
N ASN D 365 3.36 -32.19 -22.50
CA ASN D 365 3.44 -30.80 -22.93
C ASN D 365 2.13 -30.14 -22.52
N GLY D 366 2.11 -28.81 -22.46
CA GLY D 366 0.89 -28.12 -22.08
C GLY D 366 0.71 -26.78 -22.76
N GLU D 367 -0.51 -26.27 -22.74
CA GLU D 367 -0.83 -24.99 -23.33
C GLU D 367 -1.96 -24.28 -22.56
N ASN D 368 -2.00 -22.96 -22.66
CA ASN D 368 -3.05 -22.22 -21.98
C ASN D 368 -4.35 -22.39 -22.77
N ALA D 369 -5.45 -22.51 -22.05
CA ALA D 369 -6.77 -22.69 -22.66
C ALA D 369 -7.26 -21.42 -23.33
N LEU D 370 -7.11 -20.30 -22.63
CA LEU D 370 -7.55 -19.00 -23.13
C LEU D 370 -6.43 -17.97 -23.11
N SER D 371 -6.56 -16.92 -23.90
CA SER D 371 -5.55 -15.86 -23.97
C SER D 371 -5.24 -15.27 -22.60
N ILE D 372 -3.96 -15.05 -22.36
CA ILE D 372 -3.48 -14.50 -21.09
C ILE D 372 -3.17 -13.01 -21.20
N GLY D 373 -3.90 -12.18 -20.45
CA GLY D 373 -3.66 -10.75 -20.49
C GLY D 373 -3.06 -10.24 -19.20
N ASN D 374 -2.74 -11.16 -18.29
CA ASN D 374 -2.19 -10.79 -17.00
C ASN D 374 -1.00 -11.67 -16.57
N GLU D 375 0.02 -11.02 -16.02
CA GLU D 375 1.23 -11.70 -15.56
C GLU D 375 0.95 -12.80 -14.51
N GLU D 376 -0.15 -12.66 -13.77
CA GLU D 376 -0.49 -13.66 -12.77
C GLU D 376 -0.71 -15.04 -13.36
N GLU D 377 -1.29 -15.08 -14.55
CA GLU D 377 -1.53 -16.35 -15.22
C GLU D 377 -0.21 -17.01 -15.63
N TYR D 378 0.77 -16.20 -16.03
CA TYR D 378 2.08 -16.72 -16.42
C TYR D 378 2.70 -17.41 -15.21
N LYS D 379 2.51 -16.81 -14.04
CA LYS D 379 3.03 -17.37 -12.80
C LYS D 379 2.39 -18.73 -12.49
N ARG D 380 1.11 -18.89 -12.81
CA ARG D 380 0.43 -20.15 -12.58
C ARG D 380 0.95 -21.22 -13.53
N VAL D 381 1.11 -20.87 -14.80
CA VAL D 381 1.64 -21.80 -15.80
C VAL D 381 3.04 -22.26 -15.37
N ALA D 382 3.89 -21.31 -15.00
CA ALA D 382 5.25 -21.62 -14.55
C ALA D 382 5.24 -22.63 -13.41
N GLU D 383 4.33 -22.45 -12.45
CA GLU D 383 4.24 -23.35 -11.31
C GLU D 383 3.95 -24.78 -11.77
N MET D 384 2.99 -24.94 -12.69
CA MET D 384 2.65 -26.26 -13.20
C MET D 384 3.72 -26.85 -14.11
N ALA D 385 4.16 -26.05 -15.07
CA ALA D 385 5.18 -26.48 -16.02
C ALA D 385 6.48 -26.92 -15.38
N PHE D 386 6.99 -26.11 -14.46
CA PHE D 386 8.26 -26.42 -13.82
C PHE D 386 8.27 -27.36 -12.62
N ASN D 387 7.09 -27.67 -12.09
CA ASN D 387 7.02 -28.58 -10.95
C ASN D 387 6.47 -29.95 -11.31
N TYR D 388 5.74 -30.01 -12.42
CA TYR D 388 5.15 -31.26 -12.90
C TYR D 388 5.83 -31.85 -14.15
N ASN D 389 7.12 -31.56 -14.28
CA ASN D 389 7.99 -32.07 -15.36
C ASN D 389 7.58 -31.86 -16.81
N PHE D 390 6.99 -30.72 -17.13
CA PHE D 390 6.59 -30.45 -18.51
C PHE D 390 7.78 -30.28 -19.44
N ALA D 391 7.72 -30.93 -20.59
CA ALA D 391 8.79 -30.87 -21.59
C ALA D 391 8.62 -29.66 -22.48
N GLY D 392 7.42 -29.10 -22.50
CA GLY D 392 7.19 -27.94 -23.32
C GLY D 392 5.91 -27.21 -22.97
N PHE D 393 5.86 -25.93 -23.33
CA PHE D 393 4.67 -25.12 -23.10
C PHE D 393 4.42 -24.25 -24.34
N THR D 394 3.19 -24.26 -24.82
CA THR D 394 2.82 -23.48 -25.99
C THR D 394 1.86 -22.34 -25.63
N LEU D 395 2.23 -21.13 -26.02
CA LEU D 395 1.42 -19.95 -25.75
C LEU D 395 0.42 -19.58 -26.83
N LEU D 396 -0.86 -19.60 -26.47
CA LEU D 396 -1.96 -19.21 -27.35
C LEU D 396 -2.23 -17.74 -26.92
N ARG D 397 -2.04 -16.76 -27.80
CA ARG D 397 -1.63 -16.93 -29.20
C ARG D 397 -0.81 -15.73 -29.66
N TYR D 398 -0.02 -15.95 -30.70
CA TYR D 398 0.85 -14.97 -31.37
C TYR D 398 0.65 -13.48 -31.03
N GLN D 399 -0.46 -12.93 -31.47
CA GLN D 399 -0.78 -11.52 -31.28
C GLN D 399 -0.73 -10.96 -29.86
N ASP D 400 -1.10 -11.79 -28.88
CA ASP D 400 -1.13 -11.36 -27.47
C ASP D 400 0.18 -10.74 -26.95
N VAL D 401 1.30 -11.41 -27.24
CA VAL D 401 2.62 -10.94 -26.80
C VAL D 401 3.32 -10.16 -27.91
N MET D 402 3.02 -10.49 -29.17
CA MET D 402 3.65 -9.86 -30.31
C MET D 402 3.36 -8.35 -30.38
N TYR D 403 2.13 -7.98 -30.03
CA TYR D 403 1.76 -6.57 -30.08
C TYR D 403 1.67 -5.93 -28.69
N ASN D 404 2.24 -6.61 -27.69
CA ASN D 404 2.25 -6.10 -26.31
C ASN D 404 3.59 -6.46 -25.68
N ASN D 405 4.52 -5.53 -25.80
CA ASN D 405 5.88 -5.70 -25.28
C ASN D 405 6.00 -5.92 -23.78
N SER D 406 5.03 -5.42 -23.00
CA SER D 406 5.10 -5.59 -21.55
C SER D 406 4.81 -7.06 -21.22
N LEU D 407 3.78 -7.65 -21.83
CA LEU D 407 3.49 -9.07 -21.59
C LEU D 407 4.63 -9.93 -22.12
N MET D 408 5.14 -9.58 -23.30
CA MET D 408 6.25 -10.33 -23.90
C MET D 408 7.42 -10.37 -22.91
N GLY D 409 7.69 -9.23 -22.27
CA GLY D 409 8.77 -9.15 -21.30
C GLY D 409 8.51 -10.03 -20.09
N LYS D 410 7.25 -10.13 -19.67
CA LYS D 410 6.88 -10.95 -18.52
C LYS D 410 7.03 -12.42 -18.92
N PHE D 411 6.62 -12.74 -20.14
CA PHE D 411 6.74 -14.11 -20.62
C PHE D 411 8.22 -14.49 -20.66
N LYS D 412 9.04 -13.64 -21.26
CA LYS D 412 10.46 -13.91 -21.36
C LYS D 412 11.05 -14.28 -20.02
N ASP D 413 10.77 -13.46 -19.02
CA ASP D 413 11.28 -13.67 -17.67
C ASP D 413 10.81 -14.97 -17.03
N LEU D 414 9.50 -15.17 -16.99
CA LEU D 414 8.89 -16.34 -16.38
C LEU D 414 8.90 -17.67 -17.13
N LEU D 415 8.56 -17.64 -18.42
CA LEU D 415 8.46 -18.86 -19.21
C LEU D 415 9.39 -19.05 -20.41
N GLY D 416 10.07 -18.00 -20.86
CA GLY D 416 10.96 -18.13 -22.00
C GLY D 416 12.39 -18.37 -21.53
N VAL D 417 12.54 -19.35 -20.64
CA VAL D 417 13.83 -19.67 -20.08
C VAL D 417 14.54 -20.87 -20.71
N THR D 418 15.86 -20.90 -20.53
CA THR D 418 16.71 -21.96 -21.02
C THR D 418 17.24 -22.73 -19.80
N PRO D 419 16.86 -24.00 -19.67
CA PRO D 419 17.34 -24.78 -18.53
C PRO D 419 18.82 -25.14 -18.64
N VAL D 420 19.57 -24.90 -17.59
CA VAL D 420 21.01 -25.21 -17.56
C VAL D 420 21.30 -25.95 -16.27
N MET D 421 22.10 -27.00 -16.37
CA MET D 421 22.42 -27.80 -15.21
C MET D 421 23.56 -27.14 -14.43
N GLN D 422 23.39 -27.05 -13.11
CA GLN D 422 24.38 -26.45 -12.22
C GLN D 422 24.52 -27.35 -10.99
N THR D 423 25.69 -27.31 -10.37
CA THR D 423 25.94 -28.09 -9.17
C THR D 423 25.82 -27.18 -7.94
N ILE D 424 24.90 -27.50 -7.04
CA ILE D 424 24.70 -26.73 -5.81
C ILE D 424 25.41 -27.48 -4.68
N VAL D 425 26.35 -26.80 -4.02
CA VAL D 425 27.12 -27.39 -2.94
C VAL D 425 26.90 -26.64 -1.63
N VAL D 426 26.56 -27.36 -0.56
CA VAL D 426 26.34 -26.76 0.76
C VAL D 426 27.25 -27.44 1.76
N LYS D 427 28.04 -26.63 2.45
CA LYS D 427 28.99 -27.12 3.44
C LYS D 427 28.42 -26.98 4.85
N ASN D 428 29.03 -27.70 5.78
CA ASN D 428 28.70 -27.66 7.21
C ASN D 428 27.24 -27.88 7.64
N VAL D 429 26.53 -28.74 6.93
CA VAL D 429 25.14 -29.03 7.28
C VAL D 429 25.11 -30.02 8.45
N PRO D 430 24.50 -29.63 9.58
CA PRO D 430 24.40 -30.47 10.78
C PRO D 430 23.28 -31.51 10.74
N THR D 431 23.45 -32.54 9.92
CA THR D 431 22.45 -33.59 9.79
C THR D 431 22.70 -34.73 10.78
N THR D 432 21.64 -35.47 11.10
CA THR D 432 21.73 -36.61 12.00
C THR D 432 21.24 -37.79 11.17
N ILE D 433 21.38 -39.01 11.69
CA ILE D 433 20.92 -40.18 10.95
C ILE D 433 19.44 -40.04 10.62
N GLY D 434 19.11 -40.17 9.34
CA GLY D 434 17.73 -40.05 8.90
C GLY D 434 17.40 -38.73 8.24
N ASP D 435 18.24 -37.73 8.44
CA ASP D 435 18.03 -36.41 7.86
C ASP D 435 18.41 -36.32 6.38
N THR D 436 17.57 -35.63 5.61
CA THR D 436 17.82 -35.41 4.19
C THR D 436 17.85 -33.89 3.97
N VAL D 437 18.72 -33.44 3.06
CA VAL D 437 18.85 -32.02 2.77
C VAL D 437 18.20 -31.65 1.43
N TYR D 438 17.51 -30.52 1.41
CA TYR D 438 16.82 -30.03 0.22
C TYR D 438 17.07 -28.53 0.08
N ILE D 439 16.79 -28.01 -1.12
CA ILE D 439 16.88 -26.58 -1.36
C ILE D 439 15.55 -26.17 -1.96
N THR D 440 15.16 -24.93 -1.72
CA THR D 440 13.92 -24.39 -2.24
C THR D 440 14.19 -22.91 -2.51
N GLY D 441 13.49 -22.32 -3.47
CA GLY D 441 13.76 -20.93 -3.78
C GLY D 441 12.59 -20.13 -4.26
N ASN D 442 12.86 -18.85 -4.56
CA ASN D 442 11.84 -17.91 -4.99
C ASN D 442 11.12 -18.19 -6.31
N ARG D 443 11.84 -18.71 -7.29
CA ARG D 443 11.27 -19.02 -8.60
C ARG D 443 10.53 -20.35 -8.67
N ALA D 444 9.56 -20.46 -9.58
CA ALA D 444 8.79 -21.69 -9.76
C ALA D 444 9.70 -22.88 -10.08
N GLU D 445 10.81 -22.61 -10.76
CA GLU D 445 11.78 -23.66 -11.11
C GLU D 445 12.39 -24.25 -9.83
N LEU D 446 12.28 -23.49 -8.74
CA LEU D 446 12.79 -23.89 -7.43
C LEU D 446 11.67 -24.19 -6.41
N GLY D 447 10.45 -24.39 -6.89
CA GLY D 447 9.35 -24.71 -6.00
C GLY D 447 8.68 -23.59 -5.23
N SER D 448 9.03 -22.34 -5.53
CA SER D 448 8.46 -21.17 -4.88
C SER D 448 8.37 -21.27 -3.35
N TRP D 449 9.51 -21.54 -2.71
CA TRP D 449 9.61 -21.65 -1.25
C TRP D 449 8.82 -22.81 -0.60
N ASP D 450 8.24 -23.68 -1.41
CA ASP D 450 7.49 -24.82 -0.89
C ASP D 450 8.45 -25.87 -0.33
N THR D 451 8.09 -26.46 0.80
CA THR D 451 8.92 -27.48 1.42
C THR D 451 8.20 -28.81 1.53
N LYS D 452 6.91 -28.83 1.22
CA LYS D 452 6.10 -30.04 1.31
C LYS D 452 6.23 -30.99 0.13
N GLN D 453 5.99 -30.50 -1.08
CA GLN D 453 6.06 -31.34 -2.28
C GLN D 453 7.00 -30.93 -3.42
N TYR D 454 7.31 -29.64 -3.53
CA TYR D 454 8.19 -29.16 -4.59
C TYR D 454 9.70 -28.97 -4.35
N PRO D 455 10.18 -29.14 -3.10
CA PRO D 455 11.62 -28.94 -2.89
C PRO D 455 12.52 -29.91 -3.66
N ILE D 456 13.77 -29.51 -3.86
CA ILE D 456 14.76 -30.30 -4.61
C ILE D 456 15.79 -30.89 -3.64
N GLN D 457 15.95 -32.21 -3.68
CA GLN D 457 16.85 -32.91 -2.78
C GLN D 457 18.34 -32.89 -3.13
N LEU D 458 19.19 -32.79 -2.11
CA LEU D 458 20.62 -32.81 -2.32
C LEU D 458 21.09 -34.16 -1.81
N TYR D 459 22.31 -34.54 -2.17
CA TYR D 459 22.85 -35.83 -1.75
C TYR D 459 24.20 -35.66 -1.11
N TYR D 460 24.44 -36.44 -0.06
CA TYR D 460 25.69 -36.37 0.66
C TYR D 460 26.85 -36.89 -0.16
N ASP D 461 27.94 -36.13 -0.15
CA ASP D 461 29.16 -36.47 -0.85
C ASP D 461 30.11 -36.91 0.25
N SER D 462 30.33 -38.21 0.36
CA SER D 462 31.22 -38.75 1.38
C SER D 462 32.68 -38.39 1.13
N HIS D 463 33.01 -38.14 -0.14
CA HIS D 463 34.38 -37.79 -0.52
C HIS D 463 34.71 -36.34 -0.18
N SER D 464 33.77 -35.44 -0.43
CA SER D 464 33.96 -34.02 -0.15
C SER D 464 33.40 -33.63 1.21
N ASN D 465 32.61 -34.51 1.80
CA ASN D 465 32.00 -34.25 3.09
C ASN D 465 31.12 -33.00 3.03
N ASP D 466 30.10 -33.07 2.18
CA ASP D 466 29.16 -31.97 2.03
C ASP D 466 27.92 -32.45 1.31
N TRP D 467 26.95 -31.57 1.12
CA TRP D 467 25.73 -31.92 0.42
C TRP D 467 25.67 -31.19 -0.90
N ARG D 468 25.55 -31.94 -1.99
CA ARG D 468 25.49 -31.35 -3.31
C ARG D 468 24.52 -32.08 -4.22
N GLY D 469 24.15 -31.43 -5.30
CA GLY D 469 23.23 -32.02 -6.25
C GLY D 469 23.23 -31.23 -7.54
N ASN D 470 23.07 -31.91 -8.67
CA ASN D 470 23.02 -31.22 -9.96
C ASN D 470 21.58 -30.82 -10.16
N VAL D 471 21.34 -29.52 -10.24
CA VAL D 471 20.00 -28.99 -10.40
C VAL D 471 19.85 -28.25 -11.72
N VAL D 472 18.71 -28.45 -12.40
CA VAL D 472 18.46 -27.77 -13.66
C VAL D 472 17.83 -26.43 -13.25
N LEU D 473 18.48 -25.33 -13.60
CA LEU D 473 18.02 -23.98 -13.26
C LEU D 473 17.80 -23.11 -14.50
N PRO D 474 17.05 -22.01 -14.36
CA PRO D 474 16.82 -21.11 -15.50
C PRO D 474 18.04 -20.22 -15.73
N ALA D 475 18.67 -20.39 -16.89
CA ALA D 475 19.85 -19.62 -17.22
C ALA D 475 19.58 -18.11 -17.28
N GLU D 476 20.55 -17.35 -16.82
CA GLU D 476 20.49 -15.89 -16.82
C GLU D 476 19.30 -15.26 -16.11
N ARG D 477 18.88 -15.89 -15.01
CA ARG D 477 17.79 -15.36 -14.21
C ARG D 477 18.37 -15.27 -12.82
N ASN D 478 17.94 -14.26 -12.07
CA ASN D 478 18.37 -14.06 -10.70
C ASN D 478 17.55 -15.02 -9.84
N ILE D 479 18.20 -15.70 -8.90
CA ILE D 479 17.48 -16.63 -8.03
C ILE D 479 17.87 -16.47 -6.56
N GLU D 480 16.91 -16.76 -5.69
CA GLU D 480 17.11 -16.71 -4.25
C GLU D 480 16.74 -18.12 -3.80
N PHE D 481 17.58 -18.73 -2.97
CA PHE D 481 17.30 -20.07 -2.48
C PHE D 481 17.91 -20.29 -1.11
N LYS D 482 17.40 -21.29 -0.40
CA LYS D 482 17.89 -21.64 0.92
C LYS D 482 17.82 -23.14 1.10
N ALA D 483 18.85 -23.70 1.72
CA ALA D 483 18.91 -25.13 2.01
C ALA D 483 18.19 -25.34 3.34
N PHE D 484 17.61 -26.52 3.52
CA PHE D 484 16.91 -26.85 4.75
C PHE D 484 16.98 -28.35 4.97
N ILE D 485 16.88 -28.77 6.23
CA ILE D 485 16.94 -30.17 6.60
C ILE D 485 15.56 -30.74 6.91
N LYS D 486 15.33 -31.98 6.50
CA LYS D 486 14.07 -32.67 6.75
C LYS D 486 14.42 -33.88 7.61
N SER D 487 13.60 -34.14 8.62
CA SER D 487 13.84 -35.29 9.49
C SER D 487 13.22 -36.54 8.90
N LYS D 488 13.48 -37.68 9.54
CA LYS D 488 12.96 -38.98 9.11
C LYS D 488 11.46 -38.97 8.84
N ASP D 489 10.72 -38.33 9.73
CA ASP D 489 9.26 -38.24 9.63
C ASP D 489 8.71 -37.29 8.58
N GLY D 490 9.60 -36.56 7.90
CA GLY D 490 9.17 -35.65 6.87
C GLY D 490 8.81 -34.25 7.32
N THR D 491 9.44 -33.77 8.39
CA THR D 491 9.16 -32.42 8.87
C THR D 491 10.42 -31.56 8.80
N VAL D 492 10.25 -30.28 8.47
CA VAL D 492 11.36 -29.36 8.38
C VAL D 492 12.01 -29.23 9.75
N LYS D 493 13.29 -29.57 9.82
CA LYS D 493 14.02 -29.51 11.06
C LYS D 493 14.66 -28.14 11.26
N SER D 494 15.32 -27.63 10.21
CA SER D 494 15.99 -26.34 10.27
C SER D 494 16.28 -25.77 8.88
N TRP D 495 16.75 -24.52 8.85
CA TRP D 495 17.06 -23.81 7.61
C TRP D 495 18.47 -23.27 7.58
N GLN D 496 18.99 -23.08 6.38
CA GLN D 496 20.31 -22.51 6.19
C GLN D 496 20.18 -21.09 6.74
N THR D 497 21.18 -20.64 7.50
CA THR D 497 21.11 -19.31 8.10
C THR D 497 20.93 -18.17 7.10
N ILE D 498 21.85 -18.06 6.16
CA ILE D 498 21.80 -17.00 5.18
C ILE D 498 21.18 -17.42 3.85
N GLN D 499 20.31 -16.56 3.33
CA GLN D 499 19.66 -16.79 2.06
C GLN D 499 20.67 -16.60 0.94
N GLN D 500 20.75 -17.60 0.07
CA GLN D 500 21.68 -17.59 -1.04
C GLN D 500 21.01 -17.00 -2.28
N SER D 501 21.86 -16.53 -3.17
CA SER D 501 21.40 -15.97 -4.42
C SER D 501 22.43 -16.21 -5.52
N TRP D 502 21.96 -16.20 -6.76
CA TRP D 502 22.81 -16.34 -7.92
C TRP D 502 22.26 -15.31 -8.89
N ASN D 503 22.98 -14.21 -9.04
CA ASN D 503 22.54 -13.11 -9.90
C ASN D 503 23.48 -12.80 -11.06
N PRO D 504 23.23 -13.40 -12.23
CA PRO D 504 22.17 -14.38 -12.46
C PRO D 504 22.80 -15.78 -12.50
N VAL D 505 21.98 -16.79 -12.76
CA VAL D 505 22.48 -18.16 -12.90
C VAL D 505 23.28 -18.07 -14.20
N PRO D 506 24.55 -18.46 -14.18
CA PRO D 506 25.36 -18.39 -15.40
C PRO D 506 24.87 -19.29 -16.52
N LEU D 507 25.13 -18.89 -17.75
CA LEU D 507 24.71 -19.65 -18.93
C LEU D 507 25.51 -20.95 -19.06
N LYS D 508 26.71 -20.99 -18.48
CA LYS D 508 27.54 -22.18 -18.52
C LYS D 508 27.49 -22.95 -17.19
N THR D 509 27.67 -24.27 -17.28
CA THR D 509 27.64 -25.11 -16.10
C THR D 509 28.84 -24.87 -15.19
N THR D 510 28.55 -24.68 -13.91
CA THR D 510 29.55 -24.44 -12.87
C THR D 510 28.93 -24.99 -11.59
N SER D 511 29.31 -24.42 -10.45
CA SER D 511 28.77 -24.84 -9.18
C SER D 511 28.64 -23.64 -8.24
N HIS D 512 27.62 -23.66 -7.40
CA HIS D 512 27.40 -22.60 -6.43
C HIS D 512 27.66 -23.23 -5.07
N THR D 513 28.70 -22.76 -4.39
CA THR D 513 29.06 -23.28 -3.09
C THR D 513 28.72 -22.29 -1.97
N SER D 514 28.18 -22.80 -0.87
CA SER D 514 27.84 -21.97 0.28
C SER D 514 27.88 -22.82 1.55
N SER D 515 27.95 -22.15 2.69
CA SER D 515 27.98 -22.84 3.97
C SER D 515 26.63 -22.69 4.66
N TRP D 516 26.31 -23.67 5.49
CA TRP D 516 25.07 -23.71 6.24
C TRP D 516 24.97 -22.48 7.16
C1 EPG E . -8.11 29.90 25.08
O1 EPG E . -6.96 30.59 24.61
C2 EPG E . -9.25 30.81 25.56
O2 EPG E . -9.79 31.63 24.53
C3 EPG E . -8.72 31.66 26.70
O3 EPG E . -9.73 32.48 27.23
C4 EPG E . -8.14 30.80 27.82
O4 EPG E . -7.47 31.62 28.75
C5 EPG E . -7.13 29.78 27.24
O5 EPG E . -7.72 29.05 26.15
C6 EPG E . -6.62 28.79 28.25
O6 EPG E . -7.65 27.93 28.69
C7 EPG E . -5.93 29.76 24.10
C8 EPG E . -4.63 30.52 24.21
C9 EPG E . -4.80 31.85 23.51
O8 EPG E . -4.29 30.72 25.59
CA CA F . -10.64 45.31 43.51
C1 EPG G . -17.53 -8.13 18.15
O1 EPG G . -16.68 -9.26 18.08
C2 EPG G . -17.01 -6.98 19.06
O2 EPG G . -15.80 -6.39 18.59
C3 EPG G . -16.83 -7.54 20.45
O3 EPG G . -16.35 -6.54 21.33
C4 EPG G . -18.15 -8.12 20.97
O4 EPG G . -17.90 -8.75 22.22
C5 EPG G . -18.71 -9.15 19.96
O5 EPG G . -18.80 -8.54 18.63
C6 EPG G . -20.08 -9.69 20.35
O6 EPG G . -21.12 -8.74 20.19
C7 EPG G . -17.11 -10.29 17.21
C8 EPG G . -16.43 -11.58 17.62
C9 EPG G . -14.93 -11.33 17.71
O8 EPG G . -16.95 -12.03 18.89
CA CA H . -14.27 -4.46 41.68
C1 EPG I . 6.46 12.41 -22.38
O1 EPG I . 7.58 12.76 -21.57
C2 EPG I . 6.55 10.98 -23.04
O2 EPG I . 6.64 9.91 -22.11
C3 EPG I . 7.79 11.03 -23.91
O3 EPG I . 7.96 9.78 -24.54
C4 EPG I . 7.73 12.14 -24.96
O4 EPG I . 8.98 12.20 -25.63
C5 EPG I . 7.46 13.51 -24.29
O5 EPG I . 6.28 13.40 -23.40
C6 EPG I . 7.26 14.66 -25.31
O6 EPG I . 5.97 14.58 -25.91
C7 EPG I . 7.52 14.07 -21.02
C8 EPG I . 8.91 14.44 -20.54
C9 EPG I . 9.58 13.15 -19.97
O8 EPG I . 9.70 14.93 -21.66
CA CA J . 20.20 2.34 -39.54
C1 EPG K . -7.49 -23.65 -30.88
O1 EPG K . -7.56 -24.73 -29.98
C2 EPG K . -8.38 -23.79 -32.14
O2 EPG K . -9.78 -23.84 -31.84
C3 EPG K . -7.94 -25.03 -32.88
O3 EPG K . -8.70 -25.21 -34.05
C4 EPG K . -6.45 -24.94 -33.23
O4 EPG K . -6.04 -26.16 -33.82
C5 EPG K . -5.62 -24.66 -31.95
O5 EPG K . -6.14 -23.49 -31.29
C6 EPG K . -4.12 -24.50 -32.16
O6 EPG K . -3.78 -23.35 -32.94
C7 EPG K . -6.80 -24.59 -28.81
C8 EPG K . -6.54 -25.97 -28.25
C9 EPG K . -7.87 -26.70 -28.16
O8 EPG K . -5.66 -26.68 -29.13
CA CA L . -7.01 -38.25 -50.22
#